data_1SMK
#
_entry.id   1SMK
#
_cell.length_a   137.430
_cell.length_b   88.050
_cell.length_c   138.819
_cell.angle_alpha   90.00
_cell.angle_beta   91.53
_cell.angle_gamma   90.00
#
_symmetry.space_group_name_H-M   'P 1 21 1'
#
loop_
_entity.id
_entity.type
_entity.pdbx_description
1 polymer 'Malate dehydrogenase, glyoxysomal'
2 non-polymer 'CITRIC ACID'
3 water water
#
_entity_poly.entity_id   1
_entity_poly.type   'polypeptide(L)'
_entity_poly.pdbx_seq_one_letter_code
;RAKGGAPGFKVAILGAAGGIGQPLAMLMKMNPLVSVLHLYDVVNAPGVTADISHMDTGAVVRGFLGQQQLEAALTGMDLI
IVPAGVPRKPGMTRDDLFKINAGIVKTLCEGIAKCCPRAIVNLISNPVNSTVPIAAEVFKKAGTYDPKRLLGVTMLDVVR
ANTFVAEVLGLDPRDVDVPVVGGHAGVTILPLLSQVKPPSSFTQEEISYLTDRIQNGGTEVVEAKAGAGSATLSMAYAAV
KFADACLRGLRGDAGVIECAFVSSQVTELPFFASKVRLGRNGIEEVYSLGPLNEYERIGLEKAKKELAGSIEKGVSFIRS
HHHHHH
;
_entity_poly.pdbx_strand_id   A,B,C,D,E,F,G,H
#
loop_
_chem_comp.id
_chem_comp.type
_chem_comp.name
_chem_comp.formula
CIT non-polymer 'CITRIC ACID' 'C6 H8 O7'
#
# COMPACT_ATOMS: atom_id res chain seq x y z
N GLY A 8 -28.65 -6.01 16.88
CA GLY A 8 -29.43 -6.15 15.60
C GLY A 8 -30.89 -5.73 15.76
N PHE A 9 -31.64 -5.77 14.67
CA PHE A 9 -33.04 -5.37 14.73
C PHE A 9 -34.01 -6.52 14.57
N LYS A 10 -35.23 -6.31 15.02
CA LYS A 10 -36.26 -7.34 14.93
C LYS A 10 -37.14 -7.07 13.73
N VAL A 11 -37.23 -8.05 12.85
CA VAL A 11 -38.00 -7.94 11.63
C VAL A 11 -39.11 -8.95 11.54
N ALA A 12 -40.24 -8.49 11.02
CA ALA A 12 -41.36 -9.39 10.83
C ALA A 12 -41.68 -9.37 9.35
N ILE A 13 -41.97 -10.54 8.80
CA ILE A 13 -42.34 -10.67 7.41
C ILE A 13 -43.76 -11.22 7.43
N LEU A 14 -44.72 -10.46 6.91
CA LEU A 14 -46.11 -10.90 6.88
C LEU A 14 -46.42 -11.49 5.50
N GLY A 15 -46.67 -12.80 5.48
CA GLY A 15 -46.94 -13.51 4.25
C GLY A 15 -45.64 -14.21 3.88
N ALA A 16 -44.94 -14.71 4.89
CA ALA A 16 -43.65 -15.38 4.72
C ALA A 16 -43.64 -16.72 4.03
N ALA A 17 -44.81 -17.30 3.79
CA ALA A 17 -44.88 -18.61 3.14
C ALA A 17 -45.26 -18.56 1.67
N GLY A 18 -45.50 -17.36 1.16
CA GLY A 18 -45.86 -17.22 -0.25
C GLY A 18 -44.69 -17.26 -1.23
N GLY A 19 -45.00 -17.12 -2.52
CA GLY A 19 -43.98 -17.14 -3.55
C GLY A 19 -42.87 -16.14 -3.33
N ILE A 20 -43.25 -14.93 -2.96
CA ILE A 20 -42.28 -13.87 -2.70
C ILE A 20 -41.74 -14.00 -1.27
N GLY A 21 -42.64 -14.30 -0.33
CA GLY A 21 -42.29 -14.43 1.07
C GLY A 21 -41.14 -15.33 1.45
N GLN A 22 -41.17 -16.56 0.94
CA GLN A 22 -40.12 -17.52 1.23
C GLN A 22 -38.73 -17.08 0.84
N PRO A 23 -38.50 -16.79 -0.45
CA PRO A 23 -37.14 -16.36 -0.78
C PRO A 23 -36.77 -15.12 0.00
N LEU A 24 -37.78 -14.33 0.35
CA LEU A 24 -37.55 -13.12 1.12
C LEU A 24 -37.11 -13.46 2.55
N ALA A 25 -37.77 -14.45 3.17
CA ALA A 25 -37.40 -14.82 4.54
C ALA A 25 -36.02 -15.44 4.57
N MET A 26 -35.69 -16.21 3.53
CA MET A 26 -34.37 -16.83 3.48
C MET A 26 -33.29 -15.76 3.44
N LEU A 27 -33.52 -14.71 2.66
CA LEU A 27 -32.55 -13.63 2.55
C LEU A 27 -32.46 -12.77 3.81
N MET A 28 -33.58 -12.61 4.53
CA MET A 28 -33.54 -11.81 5.75
C MET A 28 -32.80 -12.58 6.84
N LYS A 29 -32.98 -13.89 6.84
CA LYS A 29 -32.32 -14.76 7.81
C LYS A 29 -30.82 -14.66 7.64
N MET A 30 -30.42 -14.27 6.43
CA MET A 30 -29.00 -14.13 6.12
C MET A 30 -28.45 -12.76 6.49
N ASN A 31 -29.34 -11.79 6.63
CA ASN A 31 -28.95 -10.43 6.98
C ASN A 31 -28.39 -10.35 8.39
N PRO A 32 -27.11 -9.99 8.51
CA PRO A 32 -26.43 -9.87 9.81
C PRO A 32 -26.96 -8.77 10.72
N LEU A 33 -27.78 -7.88 10.18
CA LEU A 33 -28.36 -6.81 10.98
C LEU A 33 -29.65 -7.25 11.64
N VAL A 34 -30.12 -8.44 11.26
CA VAL A 34 -31.36 -8.98 11.81
C VAL A 34 -31.08 -9.93 12.97
N SER A 35 -31.54 -9.55 14.17
CA SER A 35 -31.34 -10.40 15.34
C SER A 35 -32.50 -11.37 15.50
N VAL A 36 -33.72 -10.85 15.30
CA VAL A 36 -34.93 -11.63 15.43
C VAL A 36 -35.76 -11.54 14.15
N LEU A 37 -36.25 -12.68 13.69
CA LEU A 37 -37.04 -12.74 12.48
C LEU A 37 -38.33 -13.51 12.72
N HIS A 38 -39.46 -12.83 12.54
CA HIS A 38 -40.74 -13.47 12.74
C HIS A 38 -41.43 -13.67 11.40
N LEU A 39 -41.67 -14.93 11.07
CA LEU A 39 -42.33 -15.28 9.83
C LEU A 39 -43.80 -15.49 10.17
N TYR A 40 -44.67 -14.77 9.47
CA TYR A 40 -46.09 -14.86 9.71
C TYR A 40 -46.84 -15.11 8.42
N ASP A 41 -47.92 -15.88 8.51
CA ASP A 41 -48.75 -16.17 7.36
C ASP A 41 -49.98 -16.90 7.87
N VAL A 42 -50.95 -17.09 6.99
CA VAL A 42 -52.17 -17.79 7.37
C VAL A 42 -52.04 -19.28 7.09
N VAL A 43 -50.98 -19.66 6.36
CA VAL A 43 -50.73 -21.07 6.05
C VAL A 43 -49.24 -21.37 5.94
N ASN A 44 -48.89 -22.65 6.09
CA ASN A 44 -47.52 -23.15 5.98
C ASN A 44 -46.39 -22.41 6.71
N ALA A 45 -46.74 -21.47 7.58
CA ALA A 45 -45.73 -20.71 8.31
C ALA A 45 -44.72 -21.59 9.07
N PRO A 46 -45.20 -22.66 9.75
CA PRO A 46 -44.34 -23.56 10.50
C PRO A 46 -43.29 -24.31 9.68
N GLY A 47 -43.70 -24.78 8.51
CA GLY A 47 -42.78 -25.50 7.65
C GLY A 47 -41.70 -24.61 7.09
N VAL A 48 -42.06 -23.37 6.76
CA VAL A 48 -41.07 -22.43 6.23
C VAL A 48 -40.11 -22.07 7.34
N THR A 49 -40.66 -21.84 8.52
CA THR A 49 -39.87 -21.50 9.70
C THR A 49 -38.87 -22.62 9.99
N ALA A 50 -39.35 -23.87 10.01
CA ALA A 50 -38.47 -25.01 10.28
C ALA A 50 -37.26 -24.95 9.37
N ASP A 51 -37.53 -24.94 8.07
CA ASP A 51 -36.53 -24.88 7.01
C ASP A 51 -35.52 -23.78 7.29
N ILE A 52 -36.02 -22.56 7.44
CA ILE A 52 -35.17 -21.43 7.70
C ILE A 52 -34.38 -21.50 9.01
N SER A 53 -34.95 -22.15 10.03
CA SER A 53 -34.28 -22.23 11.32
C SER A 53 -32.94 -22.95 11.25
N HIS A 54 -32.79 -23.83 10.27
CA HIS A 54 -31.55 -24.58 10.13
C HIS A 54 -30.37 -23.78 9.60
N MET A 55 -30.63 -22.65 8.97
CA MET A 55 -29.53 -21.84 8.44
C MET A 55 -28.70 -21.29 9.59
N ASP A 56 -27.39 -21.55 9.55
CA ASP A 56 -26.47 -21.12 10.59
C ASP A 56 -26.09 -19.65 10.51
N THR A 57 -27.08 -18.78 10.67
CA THR A 57 -26.81 -17.35 10.63
C THR A 57 -27.23 -16.73 11.97
N GLY A 58 -26.91 -15.45 12.15
CA GLY A 58 -27.20 -14.77 13.40
C GLY A 58 -28.63 -14.64 13.85
N ALA A 59 -29.54 -14.32 12.94
CA ALA A 59 -30.93 -14.12 13.29
C ALA A 59 -31.67 -15.36 13.80
N VAL A 60 -32.45 -15.17 14.85
CA VAL A 60 -33.25 -16.25 15.41
C VAL A 60 -34.60 -16.06 14.76
N VAL A 61 -35.15 -17.14 14.23
CA VAL A 61 -36.43 -17.08 13.54
C VAL A 61 -37.50 -17.83 14.30
N ARG A 62 -38.73 -17.34 14.17
CA ARG A 62 -39.89 -17.95 14.82
C ARG A 62 -41.06 -17.84 13.85
N GLY A 63 -42.02 -18.75 13.97
CA GLY A 63 -43.16 -18.73 13.08
C GLY A 63 -44.45 -18.40 13.78
N PHE A 64 -45.40 -17.85 13.04
CA PHE A 64 -46.68 -17.49 13.58
C PHE A 64 -47.75 -17.83 12.56
N LEU A 65 -48.79 -18.53 12.99
CA LEU A 65 -49.83 -18.95 12.08
C LEU A 65 -51.21 -18.45 12.47
N GLY A 66 -51.90 -17.82 11.51
CA GLY A 66 -53.24 -17.32 11.73
C GLY A 66 -53.35 -16.03 12.52
N GLN A 67 -54.51 -15.40 12.40
CA GLN A 67 -54.82 -14.13 13.08
C GLN A 67 -54.53 -14.20 14.57
N GLN A 68 -54.85 -15.32 15.19
CA GLN A 68 -54.64 -15.49 16.62
C GLN A 68 -53.17 -15.34 17.04
N GLN A 69 -52.26 -15.29 16.08
CA GLN A 69 -50.85 -15.16 16.42
C GLN A 69 -50.20 -13.89 15.89
N LEU A 70 -50.95 -13.12 15.12
CA LEU A 70 -50.42 -11.88 14.54
C LEU A 70 -49.85 -10.96 15.62
N GLU A 71 -50.58 -10.82 16.72
CA GLU A 71 -50.12 -9.98 17.79
C GLU A 71 -48.74 -10.43 18.27
N ALA A 72 -48.58 -11.74 18.42
CA ALA A 72 -47.31 -12.31 18.87
C ALA A 72 -46.21 -12.10 17.84
N ALA A 73 -46.58 -12.18 16.58
CA ALA A 73 -45.60 -11.98 15.51
C ALA A 73 -45.12 -10.52 15.43
N LEU A 74 -46.04 -9.59 15.59
CA LEU A 74 -45.72 -8.16 15.50
C LEU A 74 -45.10 -7.46 16.72
N THR A 75 -45.56 -7.82 17.91
CA THR A 75 -45.04 -7.18 19.13
C THR A 75 -43.52 -7.12 19.24
N GLY A 76 -42.99 -5.92 19.43
CA GLY A 76 -41.56 -5.74 19.58
C GLY A 76 -40.73 -5.55 18.31
N MET A 77 -41.36 -5.70 17.15
CA MET A 77 -40.65 -5.56 15.87
C MET A 77 -40.20 -4.13 15.54
N ASP A 78 -39.06 -4.04 14.86
CA ASP A 78 -38.50 -2.75 14.44
C ASP A 78 -38.86 -2.47 12.99
N LEU A 79 -39.02 -3.54 12.20
CA LEU A 79 -39.33 -3.42 10.78
C LEU A 79 -40.29 -4.51 10.34
N ILE A 80 -41.33 -4.10 9.60
CA ILE A 80 -42.33 -5.05 9.12
C ILE A 80 -42.32 -5.07 7.60
N ILE A 81 -41.97 -6.20 7.02
CA ILE A 81 -41.94 -6.35 5.56
C ILE A 81 -43.24 -7.06 5.24
N VAL A 82 -44.02 -6.49 4.34
CA VAL A 82 -45.33 -7.03 4.01
C VAL A 82 -45.62 -7.39 2.56
N PRO A 83 -45.25 -8.61 2.14
CA PRO A 83 -45.52 -9.01 0.76
C PRO A 83 -46.88 -9.72 0.69
N ALA A 84 -47.56 -9.78 1.83
CA ALA A 84 -48.86 -10.43 1.93
C ALA A 84 -49.81 -10.07 0.80
N GLY A 85 -50.43 -11.08 0.21
CA GLY A 85 -51.37 -10.82 -0.87
C GLY A 85 -51.71 -12.09 -1.62
N VAL A 86 -52.97 -12.22 -2.01
CA VAL A 86 -53.41 -13.39 -2.76
C VAL A 86 -52.99 -13.28 -4.22
N PRO A 87 -52.52 -14.39 -4.80
CA PRO A 87 -52.09 -14.44 -6.19
C PRO A 87 -53.22 -14.26 -7.19
N ARG A 88 -52.86 -14.16 -8.45
CA ARG A 88 -53.81 -14.02 -9.55
C ARG A 88 -53.89 -15.36 -10.26
N LYS A 89 -54.95 -16.13 -10.00
CA LYS A 89 -55.08 -17.43 -10.62
C LYS A 89 -56.32 -17.67 -11.51
N PRO A 90 -57.53 -17.68 -10.93
CA PRO A 90 -58.72 -17.91 -11.76
C PRO A 90 -59.02 -16.78 -12.74
N GLY A 91 -58.15 -16.57 -13.72
CA GLY A 91 -58.35 -15.50 -14.68
C GLY A 91 -58.61 -14.23 -13.90
N MET A 92 -57.68 -13.92 -12.99
CA MET A 92 -57.79 -12.75 -12.12
C MET A 92 -57.75 -11.38 -12.81
N THR A 93 -57.42 -10.36 -12.01
CA THR A 93 -57.37 -8.94 -12.41
C THR A 93 -58.83 -8.53 -12.27
N ARG A 94 -59.62 -9.53 -11.85
CA ARG A 94 -61.05 -9.44 -11.65
C ARG A 94 -61.47 -8.30 -10.72
N ASP A 95 -60.50 -7.50 -10.31
CA ASP A 95 -60.77 -6.37 -9.40
C ASP A 95 -61.29 -6.92 -8.09
N ASP A 96 -61.88 -8.11 -8.15
CA ASP A 96 -62.40 -8.77 -6.98
C ASP A 96 -61.14 -9.11 -6.19
N LEU A 97 -60.02 -9.14 -6.92
CA LEU A 97 -58.71 -9.41 -6.34
C LEU A 97 -58.36 -8.26 -5.41
N PHE A 98 -58.26 -7.07 -6.01
CA PHE A 98 -57.94 -5.86 -5.28
C PHE A 98 -58.69 -5.78 -3.95
N LYS A 99 -59.94 -6.22 -3.92
CA LYS A 99 -60.73 -6.18 -2.70
C LYS A 99 -60.15 -7.11 -1.66
N ILE A 100 -59.66 -8.27 -2.12
CA ILE A 100 -59.06 -9.25 -1.22
C ILE A 100 -57.78 -8.69 -0.63
N ASN A 101 -56.88 -8.24 -1.49
CA ASN A 101 -55.61 -7.67 -1.08
C ASN A 101 -55.75 -6.45 -0.20
N ALA A 102 -56.69 -5.57 -0.54
CA ALA A 102 -56.95 -4.38 0.24
C ALA A 102 -57.42 -4.85 1.62
N GLY A 103 -58.30 -5.84 1.61
CA GLY A 103 -58.80 -6.38 2.86
C GLY A 103 -57.64 -6.88 3.70
N ILE A 104 -56.73 -7.62 3.06
CA ILE A 104 -55.54 -8.15 3.72
C ILE A 104 -54.64 -7.05 4.28
N VAL A 105 -54.30 -6.06 3.47
CA VAL A 105 -53.45 -4.98 3.93
C VAL A 105 -54.13 -4.29 5.09
N LYS A 106 -55.46 -4.27 5.06
CA LYS A 106 -56.22 -3.62 6.10
C LYS A 106 -56.01 -4.25 7.47
N THR A 107 -56.29 -5.54 7.60
CA THR A 107 -56.14 -6.22 8.89
C THR A 107 -54.69 -6.21 9.39
N LEU A 108 -53.74 -6.53 8.51
CA LEU A 108 -52.35 -6.53 8.92
C LEU A 108 -51.99 -5.15 9.48
N CYS A 109 -52.41 -4.10 8.81
CA CYS A 109 -52.13 -2.76 9.29
C CYS A 109 -52.84 -2.49 10.60
N GLU A 110 -54.02 -3.05 10.79
CA GLU A 110 -54.71 -2.85 12.06
C GLU A 110 -53.87 -3.50 13.15
N GLY A 111 -53.30 -4.66 12.85
CA GLY A 111 -52.46 -5.34 13.82
C GLY A 111 -51.19 -4.55 14.08
N ILE A 112 -50.61 -4.01 13.02
CA ILE A 112 -49.39 -3.23 13.17
C ILE A 112 -49.69 -2.03 14.05
N ALA A 113 -50.78 -1.33 13.73
CA ALA A 113 -51.17 -0.13 14.46
C ALA A 113 -51.36 -0.44 15.93
N LYS A 114 -51.83 -1.66 16.21
CA LYS A 114 -52.07 -2.09 17.58
C LYS A 114 -50.83 -2.62 18.30
N CYS A 115 -50.04 -3.45 17.63
CA CYS A 115 -48.87 -4.07 18.25
C CYS A 115 -47.48 -3.44 18.11
N CYS A 116 -47.20 -2.80 16.98
CA CYS A 116 -45.90 -2.15 16.79
C CYS A 116 -46.05 -0.84 16.03
N PRO A 117 -46.85 0.08 16.59
CA PRO A 117 -47.11 1.39 15.99
C PRO A 117 -45.89 2.22 15.63
N ARG A 118 -44.74 1.89 16.20
CA ARG A 118 -43.54 2.64 15.90
C ARG A 118 -42.61 1.94 14.91
N ALA A 119 -42.95 0.72 14.52
CA ALA A 119 -42.13 -0.04 13.59
C ALA A 119 -42.14 0.56 12.19
N ILE A 120 -41.01 0.43 11.48
CA ILE A 120 -40.92 0.90 10.11
C ILE A 120 -41.70 -0.16 9.30
N VAL A 121 -42.50 0.31 8.33
CA VAL A 121 -43.31 -0.59 7.52
C VAL A 121 -42.94 -0.58 6.04
N ASN A 122 -42.63 -1.75 5.50
CA ASN A 122 -42.28 -1.87 4.09
C ASN A 122 -43.40 -2.63 3.41
N LEU A 123 -44.35 -1.89 2.84
CA LEU A 123 -45.49 -2.50 2.18
C LEU A 123 -45.17 -2.86 0.73
N ILE A 124 -45.27 -4.16 0.43
CA ILE A 124 -44.99 -4.67 -0.90
C ILE A 124 -46.31 -5.08 -1.56
N SER A 125 -47.32 -5.35 -0.73
CA SER A 125 -48.64 -5.77 -1.19
C SER A 125 -49.17 -4.91 -2.32
N ASN A 126 -49.43 -5.52 -3.47
CA ASN A 126 -49.92 -4.75 -4.61
C ASN A 126 -51.42 -4.69 -4.79
N PRO A 127 -51.91 -3.64 -5.47
CA PRO A 127 -51.15 -2.53 -6.07
C PRO A 127 -50.66 -1.55 -5.02
N VAL A 128 -49.34 -1.35 -4.97
CA VAL A 128 -48.74 -0.43 -4.02
C VAL A 128 -49.32 0.98 -4.10
N ASN A 129 -49.64 1.44 -5.30
CA ASN A 129 -50.20 2.78 -5.43
C ASN A 129 -51.48 2.97 -4.65
N SER A 130 -52.14 1.87 -4.30
CA SER A 130 -53.38 1.99 -3.55
C SER A 130 -53.28 1.50 -2.13
N THR A 131 -52.49 0.45 -1.92
CA THR A 131 -52.35 -0.13 -0.60
C THR A 131 -51.57 0.75 0.38
N VAL A 132 -50.67 1.57 -0.11
CA VAL A 132 -49.96 2.47 0.79
C VAL A 132 -50.98 3.47 1.34
N PRO A 133 -51.81 4.05 0.46
CA PRO A 133 -52.80 5.01 1.00
C PRO A 133 -53.70 4.27 1.98
N ILE A 134 -54.05 3.04 1.65
CA ILE A 134 -54.90 2.22 2.49
C ILE A 134 -54.29 2.10 3.88
N ALA A 135 -53.00 1.77 3.90
CA ALA A 135 -52.27 1.64 5.16
C ALA A 135 -52.32 2.96 5.91
N ALA A 136 -51.95 4.04 5.24
CA ALA A 136 -51.94 5.35 5.87
C ALA A 136 -53.30 5.65 6.51
N GLU A 137 -54.37 5.41 5.77
CA GLU A 137 -55.71 5.67 6.29
C GLU A 137 -56.01 4.84 7.54
N VAL A 138 -55.70 3.54 7.47
CA VAL A 138 -55.93 2.65 8.59
C VAL A 138 -55.17 3.14 9.82
N PHE A 139 -53.94 3.60 9.63
CA PHE A 139 -53.15 4.09 10.74
C PHE A 139 -53.74 5.38 11.27
N LYS A 140 -54.19 6.24 10.35
CA LYS A 140 -54.79 7.51 10.75
C LYS A 140 -55.98 7.21 11.64
N LYS A 141 -56.83 6.31 11.19
CA LYS A 141 -58.01 5.94 11.93
C LYS A 141 -57.67 5.32 13.29
N ALA A 142 -56.44 4.84 13.44
CA ALA A 142 -56.03 4.24 14.69
C ALA A 142 -55.25 5.20 15.58
N GLY A 143 -54.85 6.34 15.01
CA GLY A 143 -54.11 7.32 15.78
C GLY A 143 -52.67 6.89 16.02
N THR A 144 -52.03 6.35 14.99
CA THR A 144 -50.66 5.89 15.09
C THR A 144 -49.91 6.16 13.80
N TYR A 145 -50.48 6.99 12.94
CA TYR A 145 -49.86 7.29 11.65
C TYR A 145 -48.67 8.24 11.69
N ASP A 146 -47.52 7.72 11.32
CA ASP A 146 -46.31 8.50 11.24
C ASP A 146 -45.88 8.33 9.79
N PRO A 147 -46.17 9.33 8.95
CA PRO A 147 -45.79 9.24 7.53
C PRO A 147 -44.30 9.00 7.28
N LYS A 148 -43.49 9.05 8.33
CA LYS A 148 -42.05 8.82 8.17
C LYS A 148 -41.70 7.35 8.29
N ARG A 149 -42.69 6.54 8.69
CA ARG A 149 -42.49 5.11 8.91
C ARG A 149 -43.24 4.17 7.98
N LEU A 150 -43.89 4.74 6.96
CA LEU A 150 -44.66 3.93 6.01
C LEU A 150 -44.04 4.02 4.62
N LEU A 151 -43.56 2.90 4.09
CA LEU A 151 -42.95 2.94 2.78
C LEU A 151 -43.41 1.87 1.81
N GLY A 152 -43.79 2.31 0.62
CA GLY A 152 -44.22 1.39 -0.42
C GLY A 152 -42.96 0.94 -1.13
N VAL A 153 -42.73 -0.36 -1.18
CA VAL A 153 -41.51 -0.85 -1.83
C VAL A 153 -41.59 -0.80 -3.34
N THR A 154 -40.86 0.15 -3.89
CA THR A 154 -40.79 0.38 -5.33
C THR A 154 -39.42 -0.02 -5.84
N MET A 155 -38.61 -0.57 -4.95
CA MET A 155 -37.25 -1.00 -5.25
C MET A 155 -37.10 -1.86 -6.51
N LEU A 156 -38.05 -2.75 -6.76
CA LEU A 156 -37.92 -3.60 -7.94
C LEU A 156 -37.88 -2.78 -9.23
N ASP A 157 -38.54 -1.62 -9.24
CA ASP A 157 -38.50 -0.80 -10.44
C ASP A 157 -37.09 -0.24 -10.61
N VAL A 158 -36.46 0.14 -9.51
CA VAL A 158 -35.10 0.67 -9.57
C VAL A 158 -34.12 -0.42 -10.02
N VAL A 159 -34.33 -1.64 -9.53
CA VAL A 159 -33.49 -2.79 -9.86
C VAL A 159 -33.59 -3.05 -11.36
N ARG A 160 -34.82 -3.08 -11.87
CA ARG A 160 -35.05 -3.29 -13.29
C ARG A 160 -34.41 -2.18 -14.10
N ALA A 161 -34.67 -0.94 -13.70
CA ALA A 161 -34.10 0.20 -14.39
C ALA A 161 -32.58 0.08 -14.44
N ASN A 162 -31.96 -0.19 -13.29
CA ASN A 162 -30.50 -0.31 -13.25
C ASN A 162 -30.02 -1.36 -14.21
N THR A 163 -30.70 -2.49 -14.19
CA THR A 163 -30.36 -3.60 -15.03
C THR A 163 -30.54 -3.26 -16.51
N PHE A 164 -31.72 -2.79 -16.90
CA PHE A 164 -31.93 -2.47 -18.30
C PHE A 164 -31.06 -1.32 -18.81
N VAL A 165 -30.81 -0.34 -17.96
CA VAL A 165 -29.97 0.77 -18.36
C VAL A 165 -28.55 0.24 -18.56
N ALA A 166 -28.09 -0.60 -17.64
CA ALA A 166 -26.76 -1.16 -17.76
C ALA A 166 -26.60 -1.96 -19.05
N GLU A 167 -27.65 -2.68 -19.42
CA GLU A 167 -27.62 -3.49 -20.63
C GLU A 167 -27.47 -2.61 -21.88
N VAL A 168 -28.20 -1.50 -21.92
CA VAL A 168 -28.14 -0.61 -23.07
C VAL A 168 -26.78 0.10 -23.10
N LEU A 169 -26.28 0.51 -21.94
CA LEU A 169 -25.00 1.20 -21.87
C LEU A 169 -23.80 0.26 -21.86
N GLY A 170 -24.04 -1.04 -21.79
CA GLY A 170 -22.92 -1.97 -21.76
C GLY A 170 -22.13 -1.77 -20.47
N LEU A 171 -22.85 -1.53 -19.37
CA LEU A 171 -22.19 -1.36 -18.08
C LEU A 171 -22.57 -2.48 -17.12
N ASP A 172 -21.96 -2.45 -15.95
CA ASP A 172 -22.27 -3.42 -14.93
C ASP A 172 -23.48 -2.89 -14.18
N PRO A 173 -24.51 -3.71 -14.04
CA PRO A 173 -25.71 -3.26 -13.33
C PRO A 173 -25.36 -2.74 -11.94
N ARG A 174 -24.32 -3.28 -11.34
CA ARG A 174 -23.96 -2.87 -10.00
C ARG A 174 -23.41 -1.44 -9.96
N ASP A 175 -23.02 -0.91 -11.11
CA ASP A 175 -22.46 0.45 -11.14
C ASP A 175 -23.43 1.47 -11.70
N VAL A 176 -24.71 1.13 -11.74
CA VAL A 176 -25.67 2.06 -12.28
C VAL A 176 -26.75 2.40 -11.28
N ASP A 177 -27.15 3.65 -11.26
CA ASP A 177 -28.20 4.08 -10.35
C ASP A 177 -29.19 4.90 -11.15
N VAL A 178 -30.44 4.45 -11.16
CA VAL A 178 -31.49 5.15 -11.89
C VAL A 178 -32.59 5.62 -10.97
N PRO A 179 -32.76 6.93 -10.83
CA PRO A 179 -33.85 7.37 -9.94
C PRO A 179 -35.15 7.00 -10.63
N VAL A 180 -36.11 6.49 -9.89
CA VAL A 180 -37.40 6.14 -10.47
C VAL A 180 -38.43 6.80 -9.59
N VAL A 181 -39.30 7.62 -10.18
CA VAL A 181 -40.28 8.33 -9.37
C VAL A 181 -41.70 8.04 -9.79
N GLY A 182 -42.64 8.56 -9.01
CA GLY A 182 -44.05 8.40 -9.31
C GLY A 182 -44.77 7.30 -8.60
N GLY A 183 -45.12 6.26 -9.33
CA GLY A 183 -45.83 5.14 -8.74
C GLY A 183 -45.16 3.81 -9.01
N HIS A 184 -45.85 2.73 -8.67
CA HIS A 184 -45.32 1.38 -8.82
C HIS A 184 -46.01 0.54 -9.93
N ALA A 185 -46.86 1.16 -10.75
CA ALA A 185 -47.55 0.43 -11.81
C ALA A 185 -47.62 1.11 -13.18
N GLY A 186 -47.23 0.38 -14.22
CA GLY A 186 -47.28 0.91 -15.56
C GLY A 186 -46.71 2.29 -15.81
N VAL A 187 -47.45 3.09 -16.57
CA VAL A 187 -47.01 4.44 -16.94
C VAL A 187 -46.84 5.35 -15.74
N THR A 188 -47.13 4.79 -14.57
CA THR A 188 -47.00 5.51 -13.33
C THR A 188 -45.53 5.43 -12.90
N ILE A 189 -44.83 4.44 -13.41
CA ILE A 189 -43.42 4.24 -13.10
C ILE A 189 -42.63 5.19 -14.00
N LEU A 190 -41.88 6.09 -13.40
CA LEU A 190 -41.13 7.06 -14.17
C LEU A 190 -39.64 7.08 -13.87
N PRO A 191 -38.83 6.41 -14.69
CA PRO A 191 -37.38 6.41 -14.47
C PRO A 191 -36.78 7.68 -15.03
N LEU A 192 -36.04 8.40 -14.18
CA LEU A 192 -35.43 9.65 -14.59
C LEU A 192 -34.05 9.40 -15.22
N LEU A 193 -34.05 8.99 -16.48
CA LEU A 193 -32.82 8.70 -17.19
C LEU A 193 -31.90 9.92 -17.24
N SER A 194 -32.48 11.11 -17.19
CA SER A 194 -31.66 12.33 -17.22
C SER A 194 -30.93 12.53 -15.90
N GLN A 195 -31.21 11.68 -14.92
CA GLN A 195 -30.57 11.78 -13.60
C GLN A 195 -29.80 10.51 -13.22
N VAL A 196 -29.55 9.66 -14.22
CA VAL A 196 -28.86 8.41 -13.98
C VAL A 196 -27.40 8.61 -13.64
N LYS A 197 -26.84 7.64 -12.92
CA LYS A 197 -25.42 7.64 -12.58
C LYS A 197 -24.86 6.30 -13.02
N PRO A 198 -23.65 6.30 -13.59
CA PRO A 198 -22.83 7.48 -13.82
C PRO A 198 -23.38 8.35 -14.94
N PRO A 199 -22.88 9.59 -15.05
CA PRO A 199 -23.35 10.50 -16.10
C PRO A 199 -23.35 9.77 -17.44
N SER A 200 -24.44 9.87 -18.17
CA SER A 200 -24.55 9.19 -19.45
C SER A 200 -25.50 9.99 -20.31
N SER A 201 -25.47 9.74 -21.61
CA SER A 201 -26.37 10.41 -22.53
C SER A 201 -27.06 9.29 -23.28
N PHE A 202 -28.34 9.48 -23.58
CA PHE A 202 -29.10 8.45 -24.27
C PHE A 202 -29.67 8.97 -25.57
N THR A 203 -29.72 8.12 -26.57
CA THR A 203 -30.29 8.51 -27.83
C THR A 203 -31.80 8.53 -27.60
N GLN A 204 -32.56 9.18 -28.48
CA GLN A 204 -34.01 9.25 -28.30
C GLN A 204 -34.58 7.84 -28.25
N GLU A 205 -34.08 7.01 -29.15
CA GLU A 205 -34.45 5.62 -29.30
C GLU A 205 -34.29 4.83 -27.99
N GLU A 206 -33.15 5.02 -27.33
CA GLU A 206 -32.88 4.31 -26.10
C GLU A 206 -33.76 4.80 -24.95
N ILE A 207 -33.99 6.11 -24.90
CA ILE A 207 -34.80 6.69 -23.84
C ILE A 207 -36.19 6.10 -23.82
N SER A 208 -36.79 5.95 -24.99
CA SER A 208 -38.13 5.43 -25.12
C SER A 208 -38.19 3.92 -24.88
N TYR A 209 -37.23 3.21 -25.46
CA TYR A 209 -37.15 1.76 -25.29
C TYR A 209 -37.03 1.47 -23.80
N LEU A 210 -36.05 2.11 -23.16
CA LEU A 210 -35.81 1.92 -21.72
C LEU A 210 -37.00 2.22 -20.85
N THR A 211 -37.56 3.42 -21.00
CA THR A 211 -38.71 3.79 -20.19
C THR A 211 -39.85 2.81 -20.34
N ASP A 212 -40.19 2.47 -21.58
CA ASP A 212 -41.29 1.54 -21.80
C ASP A 212 -40.96 0.19 -21.19
N ARG A 213 -39.71 -0.22 -21.29
CA ARG A 213 -39.34 -1.52 -20.76
C ARG A 213 -39.43 -1.54 -19.24
N ILE A 214 -38.92 -0.49 -18.61
CA ILE A 214 -38.94 -0.42 -17.16
C ILE A 214 -40.38 -0.43 -16.66
N GLN A 215 -41.23 0.36 -17.31
CA GLN A 215 -42.63 0.46 -16.92
C GLN A 215 -43.38 -0.85 -17.02
N ASN A 216 -42.96 -1.72 -17.93
CA ASN A 216 -43.64 -2.99 -18.16
C ASN A 216 -42.84 -4.21 -17.83
N GLY A 217 -41.71 -4.03 -17.18
CA GLY A 217 -40.88 -5.17 -16.82
C GLY A 217 -41.65 -6.30 -16.18
N GLY A 218 -42.71 -5.94 -15.44
CA GLY A 218 -43.53 -6.94 -14.78
C GLY A 218 -44.08 -7.98 -15.73
N THR A 219 -44.72 -7.54 -16.81
CA THR A 219 -45.29 -8.48 -17.76
C THR A 219 -44.24 -9.28 -18.52
N GLU A 220 -43.00 -8.84 -18.48
CA GLU A 220 -41.95 -9.61 -19.15
C GLU A 220 -41.91 -10.99 -18.50
N VAL A 221 -41.99 -10.99 -17.17
CA VAL A 221 -41.93 -12.22 -16.40
C VAL A 221 -43.23 -13.00 -16.49
N VAL A 222 -44.35 -12.29 -16.49
CA VAL A 222 -45.63 -12.97 -16.58
C VAL A 222 -45.70 -13.68 -17.93
N GLU A 223 -45.16 -13.05 -18.96
CA GLU A 223 -45.16 -13.63 -20.30
C GLU A 223 -44.31 -14.89 -20.30
N ALA A 224 -43.12 -14.78 -19.71
CA ALA A 224 -42.22 -15.91 -19.66
C ALA A 224 -42.83 -17.08 -18.91
N LYS A 225 -43.84 -16.81 -18.08
CA LYS A 225 -44.51 -17.85 -17.32
C LYS A 225 -45.94 -18.11 -17.81
N ALA A 226 -46.17 -17.93 -19.10
CA ALA A 226 -47.48 -18.13 -19.73
C ALA A 226 -48.65 -17.57 -18.92
N GLY A 227 -48.42 -16.46 -18.25
CA GLY A 227 -49.46 -15.83 -17.47
C GLY A 227 -49.88 -16.56 -16.20
N ALA A 228 -49.11 -17.57 -15.80
CA ALA A 228 -49.43 -18.35 -14.60
C ALA A 228 -48.89 -17.72 -13.32
N GLY A 229 -47.77 -17.01 -13.42
CA GLY A 229 -47.19 -16.39 -12.25
C GLY A 229 -46.53 -15.07 -12.57
N SER A 230 -45.85 -14.50 -11.59
CA SER A 230 -45.17 -13.24 -11.79
C SER A 230 -43.85 -13.25 -11.03
N ALA A 231 -43.10 -12.17 -11.12
CA ALA A 231 -41.81 -12.08 -10.46
C ALA A 231 -41.94 -12.33 -8.96
N THR A 232 -41.09 -13.20 -8.45
CA THR A 232 -41.08 -13.52 -7.05
C THR A 232 -39.65 -13.40 -6.52
N LEU A 233 -38.69 -14.00 -7.22
CA LEU A 233 -37.29 -13.97 -6.82
C LEU A 233 -36.69 -12.56 -6.86
N SER A 234 -36.80 -11.90 -8.00
CA SER A 234 -36.26 -10.54 -8.13
C SER A 234 -36.99 -9.64 -7.13
N MET A 235 -38.26 -9.93 -6.89
CA MET A 235 -39.02 -9.13 -5.94
C MET A 235 -38.39 -9.32 -4.56
N ALA A 236 -38.18 -10.58 -4.18
CA ALA A 236 -37.58 -10.89 -2.89
C ALA A 236 -36.22 -10.22 -2.80
N TYR A 237 -35.42 -10.35 -3.86
CA TYR A 237 -34.11 -9.73 -3.87
C TYR A 237 -34.25 -8.22 -3.64
N ALA A 238 -35.18 -7.58 -4.33
CA ALA A 238 -35.38 -6.13 -4.19
C ALA A 238 -35.88 -5.71 -2.80
N ALA A 239 -36.88 -6.41 -2.28
CA ALA A 239 -37.42 -6.08 -0.97
C ALA A 239 -36.30 -6.17 0.08
N VAL A 240 -35.47 -7.20 -0.03
CA VAL A 240 -34.39 -7.33 0.92
C VAL A 240 -33.35 -6.21 0.76
N LYS A 241 -33.06 -5.82 -0.48
CA LYS A 241 -32.08 -4.76 -0.67
C LYS A 241 -32.67 -3.52 0.00
N PHE A 242 -33.98 -3.33 -0.14
CA PHE A 242 -34.62 -2.18 0.48
C PHE A 242 -34.70 -2.29 2.00
N ALA A 243 -35.08 -3.46 2.49
CA ALA A 243 -35.19 -3.69 3.93
C ALA A 243 -33.83 -3.48 4.53
N ASP A 244 -32.80 -3.99 3.87
CA ASP A 244 -31.46 -3.82 4.38
C ASP A 244 -31.14 -2.33 4.50
N ALA A 245 -31.65 -1.53 3.56
CA ALA A 245 -31.42 -0.09 3.59
C ALA A 245 -32.10 0.52 4.80
N CYS A 246 -33.33 0.11 5.07
CA CYS A 246 -34.03 0.64 6.22
C CYS A 246 -33.29 0.26 7.49
N LEU A 247 -32.79 -0.98 7.54
CA LEU A 247 -32.06 -1.43 8.71
C LEU A 247 -30.81 -0.62 8.92
N ARG A 248 -30.07 -0.38 7.83
CA ARG A 248 -28.85 0.41 7.95
C ARG A 248 -29.23 1.83 8.39
N GLY A 249 -30.47 2.21 8.12
CA GLY A 249 -30.92 3.52 8.52
C GLY A 249 -31.16 3.53 10.02
N LEU A 250 -31.82 2.49 10.51
CA LEU A 250 -32.10 2.39 11.93
C LEU A 250 -30.80 2.27 12.72
N ARG A 251 -29.78 1.70 12.10
CA ARG A 251 -28.50 1.53 12.78
C ARG A 251 -27.84 2.89 12.97
N GLY A 252 -28.17 3.83 12.10
CA GLY A 252 -27.57 5.15 12.22
C GLY A 252 -26.68 5.56 11.07
N ASP A 253 -26.53 4.68 10.08
CA ASP A 253 -25.70 4.98 8.93
C ASP A 253 -26.14 6.27 8.27
N ALA A 254 -25.18 7.01 7.70
CA ALA A 254 -25.49 8.26 7.05
C ALA A 254 -25.66 8.06 5.55
N GLY A 255 -26.40 8.97 4.94
CA GLY A 255 -26.61 8.92 3.50
C GLY A 255 -27.23 7.66 2.94
N VAL A 256 -28.15 7.05 3.67
CA VAL A 256 -28.80 5.85 3.16
C VAL A 256 -29.95 6.37 2.32
N ILE A 257 -29.77 6.34 1.01
CA ILE A 257 -30.77 6.85 0.09
C ILE A 257 -31.31 5.81 -0.88
N GLU A 258 -32.63 5.76 -0.99
CA GLU A 258 -33.30 4.83 -1.89
C GLU A 258 -34.66 5.42 -2.30
N CYS A 259 -35.20 4.92 -3.41
CA CYS A 259 -36.49 5.38 -3.88
C CYS A 259 -37.58 4.51 -3.25
N ALA A 260 -38.68 5.13 -2.84
CA ALA A 260 -39.80 4.41 -2.23
C ALA A 260 -41.07 5.22 -2.46
N PHE A 261 -42.22 4.58 -2.34
CA PHE A 261 -43.50 5.25 -2.52
C PHE A 261 -43.91 5.71 -1.13
N VAL A 262 -43.80 7.01 -0.89
CA VAL A 262 -44.08 7.53 0.44
C VAL A 262 -44.97 8.75 0.44
N SER A 263 -45.42 9.09 1.63
CA SER A 263 -46.26 10.28 1.84
C SER A 263 -45.33 11.43 1.49
N SER A 264 -45.76 12.27 0.55
CA SER A 264 -44.90 13.39 0.18
C SER A 264 -45.61 14.64 -0.31
N GLN A 265 -44.82 15.69 -0.46
CA GLN A 265 -45.28 16.99 -0.92
C GLN A 265 -44.41 17.41 -2.11
N VAL A 266 -43.75 16.43 -2.71
CA VAL A 266 -42.88 16.68 -3.86
C VAL A 266 -43.69 17.04 -5.10
N THR A 267 -45.00 16.78 -5.05
CA THR A 267 -45.93 17.10 -6.13
C THR A 267 -47.26 17.38 -5.45
N GLU A 268 -48.30 17.69 -6.20
CA GLU A 268 -49.59 17.95 -5.55
C GLU A 268 -50.21 16.67 -4.97
N LEU A 269 -49.65 15.52 -5.31
CA LEU A 269 -50.18 14.27 -4.83
C LEU A 269 -49.64 13.92 -3.46
N PRO A 270 -50.51 13.39 -2.58
CA PRO A 270 -50.23 12.98 -1.19
C PRO A 270 -49.25 11.82 -1.06
N PHE A 271 -49.13 11.00 -2.10
CA PHE A 271 -48.17 9.88 -2.06
C PHE A 271 -47.44 9.81 -3.38
N PHE A 272 -46.12 9.76 -3.31
CA PHE A 272 -45.34 9.73 -4.54
C PHE A 272 -44.04 8.99 -4.31
N ALA A 273 -43.45 8.47 -5.38
CA ALA A 273 -42.18 7.78 -5.25
C ALA A 273 -41.06 8.74 -5.62
N SER A 274 -40.05 8.84 -4.77
CA SER A 274 -38.89 9.69 -5.05
C SER A 274 -37.72 9.18 -4.23
N LYS A 275 -36.62 9.90 -4.26
CA LYS A 275 -35.46 9.50 -3.47
C LYS A 275 -35.79 9.84 -2.03
N VAL A 276 -35.52 8.93 -1.10
CA VAL A 276 -35.74 9.21 0.31
C VAL A 276 -34.48 8.84 1.07
N ARG A 277 -34.26 9.52 2.20
CA ARG A 277 -33.10 9.25 3.05
C ARG A 277 -33.69 8.46 4.22
N LEU A 278 -33.06 7.37 4.58
CA LEU A 278 -33.55 6.54 5.67
C LEU A 278 -32.67 6.74 6.90
N GLY A 279 -33.30 6.94 8.05
CA GLY A 279 -32.54 7.15 9.27
C GLY A 279 -33.09 6.39 10.45
N ARG A 280 -32.77 6.87 11.65
CA ARG A 280 -33.18 6.25 12.89
C ARG A 280 -34.68 6.19 13.15
N ASN A 281 -35.46 7.04 12.51
CA ASN A 281 -36.91 7.02 12.74
C ASN A 281 -37.64 6.86 11.43
N GLY A 282 -36.98 6.22 10.48
CA GLY A 282 -37.57 6.02 9.17
C GLY A 282 -37.10 7.07 8.18
N ILE A 283 -38.06 7.64 7.46
CA ILE A 283 -37.75 8.65 6.45
C ILE A 283 -37.27 9.94 7.10
N GLU A 284 -36.05 10.35 6.74
CA GLU A 284 -35.44 11.58 7.26
C GLU A 284 -35.58 12.71 6.25
N GLU A 285 -35.79 12.35 4.99
CA GLU A 285 -35.93 13.35 3.96
C GLU A 285 -36.48 12.78 2.68
N VAL A 286 -37.41 13.52 2.08
CA VAL A 286 -38.04 13.15 0.83
C VAL A 286 -37.44 14.13 -0.18
N TYR A 287 -36.69 13.60 -1.14
CA TYR A 287 -36.04 14.42 -2.16
C TYR A 287 -36.99 14.92 -3.24
N SER A 288 -36.78 16.17 -3.65
CA SER A 288 -37.62 16.77 -4.67
C SER A 288 -37.26 16.16 -6.02
N LEU A 289 -38.17 16.26 -6.99
CA LEU A 289 -37.94 15.69 -8.31
C LEU A 289 -36.82 16.41 -9.02
N GLY A 290 -36.79 17.73 -8.90
CA GLY A 290 -35.75 18.51 -9.56
C GLY A 290 -35.94 18.65 -11.04
N PRO A 291 -34.88 19.03 -11.78
CA PRO A 291 -34.98 19.20 -13.24
C PRO A 291 -35.31 17.91 -14.00
N LEU A 292 -36.28 18.00 -14.92
CA LEU A 292 -36.71 16.86 -15.75
C LEU A 292 -36.71 17.36 -17.18
N ASN A 293 -36.43 16.47 -18.14
CA ASN A 293 -36.44 16.92 -19.53
C ASN A 293 -37.84 16.77 -20.11
N GLU A 294 -38.01 17.20 -21.35
CA GLU A 294 -39.30 17.10 -22.02
C GLU A 294 -39.95 15.74 -21.88
N TYR A 295 -39.23 14.72 -22.36
CA TYR A 295 -39.72 13.36 -22.32
C TYR A 295 -40.22 12.99 -20.92
N GLU A 296 -39.44 13.34 -19.91
CA GLU A 296 -39.78 13.03 -18.52
C GLU A 296 -40.98 13.82 -18.02
N ARG A 297 -41.07 15.08 -18.44
CA ARG A 297 -42.18 15.95 -18.05
C ARG A 297 -43.50 15.37 -18.57
N ILE A 298 -43.52 15.04 -19.85
CA ILE A 298 -44.70 14.47 -20.45
C ILE A 298 -45.05 13.15 -19.77
N GLY A 299 -44.02 12.40 -19.39
CA GLY A 299 -44.25 11.13 -18.72
C GLY A 299 -44.74 11.36 -17.30
N LEU A 300 -44.22 12.40 -16.66
CA LEU A 300 -44.61 12.70 -15.29
C LEU A 300 -46.12 12.96 -15.20
N GLU A 301 -46.62 13.80 -16.10
CA GLU A 301 -48.04 14.17 -16.12
C GLU A 301 -48.93 12.96 -16.31
N LYS A 302 -48.54 12.06 -17.21
CA LYS A 302 -49.34 10.88 -17.46
C LYS A 302 -49.30 10.00 -16.21
N ALA A 303 -48.14 9.96 -15.56
CA ALA A 303 -47.99 9.19 -14.33
C ALA A 303 -48.97 9.74 -13.30
N LYS A 304 -48.90 11.03 -13.04
CA LYS A 304 -49.76 11.69 -12.06
C LYS A 304 -51.24 11.45 -12.29
N LYS A 305 -51.67 11.52 -13.55
CA LYS A 305 -53.07 11.33 -13.85
C LYS A 305 -53.56 9.98 -13.37
N GLU A 306 -52.80 8.93 -13.65
CA GLU A 306 -53.22 7.61 -13.23
C GLU A 306 -53.03 7.44 -11.73
N LEU A 307 -51.95 8.01 -11.20
CA LEU A 307 -51.66 7.89 -9.78
C LEU A 307 -52.70 8.56 -8.90
N ALA A 308 -53.23 9.70 -9.35
CA ALA A 308 -54.25 10.40 -8.58
C ALA A 308 -55.40 9.45 -8.34
N GLY A 309 -55.82 8.76 -9.41
CA GLY A 309 -56.92 7.82 -9.30
C GLY A 309 -56.66 6.61 -8.42
N SER A 310 -55.46 6.04 -8.53
CA SER A 310 -55.10 4.88 -7.73
C SER A 310 -55.06 5.21 -6.25
N ILE A 311 -54.60 6.41 -5.92
CA ILE A 311 -54.52 6.84 -4.52
C ILE A 311 -55.95 6.97 -3.98
N GLU A 312 -56.80 7.68 -4.71
CA GLU A 312 -58.19 7.86 -4.30
C GLU A 312 -58.84 6.49 -4.10
N LYS A 313 -58.52 5.55 -4.99
CA LYS A 313 -59.10 4.23 -4.90
C LYS A 313 -58.79 3.58 -3.56
N GLY A 314 -57.56 3.77 -3.08
CA GLY A 314 -57.15 3.18 -1.83
C GLY A 314 -57.68 3.95 -0.63
N VAL A 315 -57.62 5.27 -0.71
CA VAL A 315 -58.13 6.12 0.37
C VAL A 315 -59.60 5.80 0.53
N SER A 316 -60.28 5.66 -0.60
CA SER A 316 -61.69 5.37 -0.58
C SER A 316 -62.04 4.04 0.08
N PHE A 317 -61.27 3.00 -0.24
CA PHE A 317 -61.51 1.67 0.30
C PHE A 317 -61.69 1.65 1.81
N ILE A 318 -60.95 2.50 2.51
CA ILE A 318 -61.04 2.53 3.96
C ILE A 318 -62.07 3.55 4.43
N ARG A 319 -62.03 4.74 3.85
CA ARG A 319 -62.94 5.82 4.22
C ARG A 319 -64.36 5.62 3.70
N SER A 320 -65.03 4.61 4.22
CA SER A 320 -66.40 4.29 3.82
C SER A 320 -67.03 3.36 4.86
N GLY B 8 -14.42 -13.91 -13.42
CA GLY B 8 -15.83 -14.37 -13.50
C GLY B 8 -15.95 -15.82 -13.93
N PHE B 9 -16.68 -16.61 -13.15
CA PHE B 9 -16.88 -18.01 -13.47
C PHE B 9 -18.25 -18.27 -14.06
N LYS B 10 -18.32 -19.31 -14.87
CA LYS B 10 -19.57 -19.67 -15.51
C LYS B 10 -20.20 -20.78 -14.70
N VAL B 11 -21.48 -20.60 -14.37
CA VAL B 11 -22.19 -21.56 -13.55
C VAL B 11 -23.52 -21.95 -14.15
N ALA B 12 -23.79 -23.25 -14.15
CA ALA B 12 -25.05 -23.75 -14.65
C ALA B 12 -25.71 -24.51 -13.51
N ILE B 13 -27.02 -24.31 -13.36
CA ILE B 13 -27.80 -24.95 -12.34
C ILE B 13 -28.78 -25.86 -13.05
N LEU B 14 -28.70 -27.16 -12.77
CA LEU B 14 -29.58 -28.13 -13.42
C LEU B 14 -30.76 -28.39 -12.50
N GLY B 15 -31.95 -27.94 -12.93
CA GLY B 15 -33.16 -28.08 -12.15
C GLY B 15 -33.41 -26.78 -11.39
N ALA B 16 -33.16 -25.66 -12.07
CA ALA B 16 -33.31 -24.33 -11.48
C ALA B 16 -34.75 -23.88 -11.24
N ALA B 17 -35.71 -24.63 -11.77
CA ALA B 17 -37.11 -24.26 -11.62
C ALA B 17 -37.82 -24.87 -10.42
N GLY B 18 -37.12 -25.72 -9.67
CA GLY B 18 -37.73 -26.37 -8.52
C GLY B 18 -37.67 -25.64 -7.19
N GLY B 19 -38.05 -26.34 -6.13
CA GLY B 19 -38.06 -25.76 -4.80
C GLY B 19 -36.69 -25.26 -4.42
N ILE B 20 -35.68 -26.09 -4.61
CA ILE B 20 -34.31 -25.71 -4.28
C ILE B 20 -33.73 -24.80 -5.35
N GLY B 21 -33.90 -25.20 -6.61
CA GLY B 21 -33.39 -24.46 -7.74
C GLY B 21 -33.69 -22.97 -7.84
N GLN B 22 -34.94 -22.58 -7.61
CA GLN B 22 -35.26 -21.16 -7.72
C GLN B 22 -34.52 -20.29 -6.73
N PRO B 23 -34.64 -20.57 -5.42
CA PRO B 23 -33.90 -19.70 -4.51
C PRO B 23 -32.38 -19.84 -4.73
N LEU B 24 -31.93 -21.04 -5.08
CA LEU B 24 -30.50 -21.24 -5.33
C LEU B 24 -30.06 -20.40 -6.54
N ALA B 25 -30.95 -20.27 -7.51
CA ALA B 25 -30.65 -19.50 -8.71
C ALA B 25 -30.57 -18.02 -8.38
N MET B 26 -31.45 -17.56 -7.49
CA MET B 26 -31.47 -16.17 -7.09
C MET B 26 -30.18 -15.82 -6.36
N LEU B 27 -29.75 -16.72 -5.47
CA LEU B 27 -28.53 -16.50 -4.73
C LEU B 27 -27.30 -16.53 -5.62
N MET B 28 -27.28 -17.41 -6.62
CA MET B 28 -26.11 -17.45 -7.49
C MET B 28 -26.06 -16.18 -8.32
N LYS B 29 -27.22 -15.68 -8.72
CA LYS B 29 -27.30 -14.45 -9.50
C LYS B 29 -26.65 -13.33 -8.69
N MET B 30 -26.72 -13.45 -7.36
CA MET B 30 -26.16 -12.42 -6.49
C MET B 30 -24.67 -12.57 -6.26
N ASN B 31 -24.13 -13.74 -6.58
CA ASN B 31 -22.72 -13.99 -6.36
C ASN B 31 -21.80 -13.33 -7.39
N PRO B 32 -20.99 -12.36 -6.94
CA PRO B 32 -20.05 -11.61 -7.80
C PRO B 32 -19.03 -12.45 -8.56
N LEU B 33 -18.75 -13.66 -8.10
CA LEU B 33 -17.79 -14.49 -8.81
C LEU B 33 -18.41 -15.10 -10.04
N VAL B 34 -19.73 -15.03 -10.12
CA VAL B 34 -20.44 -15.59 -11.26
C VAL B 34 -20.59 -14.59 -12.38
N SER B 35 -19.96 -14.86 -13.51
CA SER B 35 -20.06 -13.97 -14.65
C SER B 35 -21.26 -14.41 -15.49
N VAL B 36 -21.39 -15.72 -15.70
CA VAL B 36 -22.48 -16.27 -16.49
C VAL B 36 -23.22 -17.30 -15.67
N LEU B 37 -24.55 -17.27 -15.76
CA LEU B 37 -25.38 -18.21 -15.03
C LEU B 37 -26.40 -18.85 -15.95
N HIS B 38 -26.35 -20.17 -16.05
CA HIS B 38 -27.28 -20.88 -16.90
C HIS B 38 -28.29 -21.65 -16.08
N LEU B 39 -29.56 -21.33 -16.28
CA LEU B 39 -30.66 -21.98 -15.57
C LEU B 39 -31.32 -22.99 -16.49
N TYR B 40 -31.16 -24.27 -16.15
CA TYR B 40 -31.73 -25.36 -16.94
C TYR B 40 -32.80 -26.11 -16.16
N ASP B 41 -33.72 -26.71 -16.89
CA ASP B 41 -34.79 -27.50 -16.31
C ASP B 41 -35.67 -27.99 -17.45
N VAL B 42 -36.52 -28.96 -17.16
CA VAL B 42 -37.40 -29.50 -18.17
C VAL B 42 -38.68 -28.69 -18.27
N VAL B 43 -38.90 -27.85 -17.26
CA VAL B 43 -40.09 -26.98 -17.24
C VAL B 43 -39.83 -25.63 -16.57
N ASN B 44 -40.55 -24.61 -17.02
CA ASN B 44 -40.45 -23.28 -16.44
C ASN B 44 -39.11 -22.56 -16.39
N ALA B 45 -38.09 -23.10 -17.02
CA ALA B 45 -36.78 -22.45 -17.00
C ALA B 45 -36.89 -21.01 -17.51
N PRO B 46 -37.63 -20.79 -18.60
CA PRO B 46 -37.78 -19.44 -19.15
C PRO B 46 -38.32 -18.43 -18.13
N GLY B 47 -39.38 -18.81 -17.43
CA GLY B 47 -40.00 -17.93 -16.45
C GLY B 47 -39.06 -17.50 -15.34
N VAL B 48 -38.42 -18.48 -14.71
CA VAL B 48 -37.49 -18.23 -13.63
C VAL B 48 -36.37 -17.32 -14.11
N THR B 49 -35.85 -17.63 -15.29
CA THR B 49 -34.77 -16.87 -15.91
C THR B 49 -35.15 -15.40 -16.12
N ALA B 50 -36.36 -15.17 -16.62
CA ALA B 50 -36.84 -13.80 -16.86
C ALA B 50 -36.91 -13.09 -15.52
N ASP B 51 -37.40 -13.80 -14.52
CA ASP B 51 -37.53 -13.26 -13.18
C ASP B 51 -36.15 -12.82 -12.73
N ILE B 52 -35.22 -13.76 -12.77
CA ILE B 52 -33.86 -13.53 -12.33
C ILE B 52 -33.07 -12.53 -13.17
N SER B 53 -33.28 -12.55 -14.48
CA SER B 53 -32.54 -11.64 -15.34
C SER B 53 -32.70 -10.18 -14.97
N HIS B 54 -33.76 -9.86 -14.23
CA HIS B 54 -34.01 -8.48 -13.84
C HIS B 54 -33.18 -8.00 -12.65
N MET B 55 -32.50 -8.93 -11.98
CA MET B 55 -31.69 -8.60 -10.83
C MET B 55 -30.43 -7.83 -11.27
N ASP B 56 -30.23 -6.66 -10.67
CA ASP B 56 -29.11 -5.80 -11.01
C ASP B 56 -27.78 -6.21 -10.41
N THR B 57 -27.29 -7.36 -10.87
CA THR B 57 -26.02 -7.91 -10.41
C THR B 57 -25.18 -8.28 -11.62
N GLY B 58 -23.92 -8.63 -11.38
CA GLY B 58 -23.02 -8.96 -12.46
C GLY B 58 -23.35 -10.13 -13.36
N ALA B 59 -23.61 -11.28 -12.77
CA ALA B 59 -23.92 -12.44 -13.56
C ALA B 59 -24.97 -12.17 -14.61
N VAL B 60 -24.69 -12.64 -15.82
CA VAL B 60 -25.60 -12.52 -16.95
C VAL B 60 -26.29 -13.87 -16.92
N VAL B 61 -27.61 -13.90 -17.10
CA VAL B 61 -28.30 -15.17 -17.02
C VAL B 61 -29.10 -15.56 -18.26
N ARG B 62 -29.02 -16.85 -18.59
CA ARG B 62 -29.72 -17.39 -19.74
C ARG B 62 -30.49 -18.63 -19.32
N GLY B 63 -31.60 -18.89 -20.01
CA GLY B 63 -32.42 -20.05 -19.68
C GLY B 63 -32.36 -21.12 -20.73
N PHE B 64 -32.58 -22.35 -20.30
CA PHE B 64 -32.54 -23.48 -21.21
C PHE B 64 -33.62 -24.46 -20.80
N LEU B 65 -34.46 -24.82 -21.76
CA LEU B 65 -35.58 -25.69 -21.50
C LEU B 65 -35.51 -27.02 -22.27
N GLY B 66 -35.82 -28.10 -21.57
CA GLY B 66 -35.83 -29.42 -22.17
C GLY B 66 -34.47 -29.97 -22.58
N GLN B 67 -34.46 -31.30 -22.79
CA GLN B 67 -33.27 -32.05 -23.18
C GLN B 67 -32.56 -31.44 -24.38
N GLN B 68 -33.35 -30.97 -25.34
CA GLN B 68 -32.80 -30.38 -26.55
C GLN B 68 -31.95 -29.14 -26.29
N GLN B 69 -32.04 -28.58 -25.09
CA GLN B 69 -31.28 -27.37 -24.76
C GLN B 69 -30.25 -27.56 -23.67
N LEU B 70 -30.15 -28.77 -23.13
CA LEU B 70 -29.20 -29.06 -22.07
C LEU B 70 -27.75 -28.86 -22.49
N GLU B 71 -27.44 -29.18 -23.74
CA GLU B 71 -26.06 -29.04 -24.20
C GLU B 71 -25.61 -27.58 -24.25
N ALA B 72 -26.51 -26.70 -24.67
CA ALA B 72 -26.22 -25.27 -24.76
C ALA B 72 -26.02 -24.70 -23.34
N ALA B 73 -26.76 -25.24 -22.38
CA ALA B 73 -26.65 -24.79 -21.01
C ALA B 73 -25.30 -25.20 -20.42
N LEU B 74 -24.90 -26.44 -20.69
CA LEU B 74 -23.66 -26.99 -20.14
C LEU B 74 -22.38 -26.47 -20.75
N THR B 75 -22.35 -26.38 -22.08
CA THR B 75 -21.17 -25.91 -22.79
C THR B 75 -20.56 -24.65 -22.23
N GLY B 76 -19.28 -24.73 -21.84
CA GLY B 76 -18.58 -23.56 -21.32
C GLY B 76 -18.60 -23.37 -19.81
N MET B 77 -19.46 -24.12 -19.13
CA MET B 77 -19.59 -24.00 -17.68
C MET B 77 -18.35 -24.40 -16.89
N ASP B 78 -18.07 -23.67 -15.81
CA ASP B 78 -16.95 -23.98 -14.94
C ASP B 78 -17.48 -24.78 -13.76
N LEU B 79 -18.72 -24.50 -13.39
CA LEU B 79 -19.34 -25.16 -12.26
C LEU B 79 -20.77 -25.55 -12.56
N ILE B 80 -21.15 -26.74 -12.13
CA ILE B 80 -22.50 -27.23 -12.35
C ILE B 80 -23.10 -27.70 -11.03
N ILE B 81 -24.09 -26.95 -10.57
CA ILE B 81 -24.79 -27.27 -9.33
C ILE B 81 -25.99 -28.08 -9.78
N VAL B 82 -26.17 -29.27 -9.20
CA VAL B 82 -27.25 -30.14 -9.62
C VAL B 82 -28.26 -30.52 -8.54
N PRO B 83 -29.26 -29.67 -8.31
CA PRO B 83 -30.29 -29.94 -7.30
C PRO B 83 -31.41 -30.81 -7.90
N ALA B 84 -31.42 -30.88 -9.23
CA ALA B 84 -32.42 -31.65 -9.98
C ALA B 84 -32.88 -32.93 -9.31
N GLY B 85 -34.16 -33.24 -9.47
CA GLY B 85 -34.72 -34.45 -8.87
C GLY B 85 -36.18 -34.23 -8.50
N VAL B 86 -36.94 -35.31 -8.35
CA VAL B 86 -38.35 -35.18 -8.00
C VAL B 86 -38.55 -34.94 -6.51
N PRO B 87 -39.65 -34.25 -6.16
CA PRO B 87 -40.02 -33.90 -4.78
C PRO B 87 -40.53 -35.06 -3.93
N ARG B 88 -40.57 -34.80 -2.62
CA ARG B 88 -41.05 -35.77 -1.63
C ARG B 88 -42.58 -35.79 -1.71
N LYS B 89 -43.12 -36.65 -2.57
CA LYS B 89 -44.57 -36.75 -2.72
C LYS B 89 -45.16 -37.31 -1.42
N PRO B 90 -46.01 -36.50 -0.75
CA PRO B 90 -46.63 -36.92 0.52
C PRO B 90 -47.40 -38.23 0.43
N GLY B 91 -48.34 -38.30 -0.51
CA GLY B 91 -49.13 -39.51 -0.68
C GLY B 91 -48.30 -40.76 -0.86
N MET B 92 -47.60 -40.84 -2.00
CA MET B 92 -46.77 -41.99 -2.30
C MET B 92 -45.61 -42.10 -1.31
N THR B 93 -45.79 -42.91 -0.27
CA THR B 93 -44.77 -43.11 0.74
C THR B 93 -43.38 -43.14 0.09
N ARG B 94 -43.09 -44.21 -0.64
CA ARG B 94 -41.82 -44.32 -1.34
C ARG B 94 -41.68 -45.50 -2.28
N ASP B 95 -42.08 -45.28 -3.53
CA ASP B 95 -41.93 -46.30 -4.55
C ASP B 95 -40.50 -45.98 -4.98
N ASP B 96 -39.69 -45.69 -3.98
CA ASP B 96 -38.28 -45.29 -4.12
C ASP B 96 -38.06 -44.26 -5.22
N LEU B 97 -37.86 -43.01 -4.79
CA LEU B 97 -37.60 -41.91 -5.71
C LEU B 97 -36.35 -42.29 -6.46
N PHE B 98 -35.49 -43.06 -5.80
CA PHE B 98 -34.23 -43.51 -6.36
C PHE B 98 -34.30 -43.72 -7.87
N LYS B 99 -35.12 -44.68 -8.30
CA LYS B 99 -35.26 -44.97 -9.72
C LYS B 99 -35.32 -43.70 -10.55
N ILE B 100 -36.23 -42.80 -10.19
CA ILE B 100 -36.41 -41.53 -10.89
C ILE B 100 -35.18 -40.64 -10.86
N ASN B 101 -34.83 -40.19 -9.64
CA ASN B 101 -33.69 -39.31 -9.46
C ASN B 101 -32.45 -39.87 -10.13
N ALA B 102 -32.18 -41.15 -9.89
CA ALA B 102 -31.03 -41.81 -10.48
C ALA B 102 -31.08 -41.66 -12.00
N GLY B 103 -32.27 -41.86 -12.57
CA GLY B 103 -32.39 -41.71 -14.00
C GLY B 103 -32.02 -40.30 -14.38
N ILE B 104 -32.63 -39.33 -13.70
CA ILE B 104 -32.34 -37.93 -13.98
C ILE B 104 -30.85 -37.66 -13.88
N VAL B 105 -30.23 -38.09 -12.79
CA VAL B 105 -28.80 -37.88 -12.59
C VAL B 105 -27.97 -38.42 -13.74
N LYS B 106 -28.29 -39.64 -14.17
CA LYS B 106 -27.56 -40.26 -15.26
C LYS B 106 -27.59 -39.42 -16.54
N THR B 107 -28.78 -39.07 -17.01
CA THR B 107 -28.87 -38.28 -18.23
C THR B 107 -28.15 -36.94 -18.09
N LEU B 108 -28.33 -36.28 -16.95
CA LEU B 108 -27.65 -34.99 -16.75
C LEU B 108 -26.15 -35.20 -16.77
N CYS B 109 -25.67 -36.23 -16.07
CA CYS B 109 -24.24 -36.48 -16.05
C CYS B 109 -23.70 -36.84 -17.43
N GLU B 110 -24.51 -37.55 -18.22
CA GLU B 110 -24.05 -37.90 -19.55
C GLU B 110 -23.82 -36.58 -20.26
N GLY B 111 -24.81 -35.70 -20.16
CA GLY B 111 -24.69 -34.40 -20.78
C GLY B 111 -23.43 -33.71 -20.30
N ILE B 112 -23.21 -33.68 -19.00
CA ILE B 112 -22.04 -33.02 -18.44
C ILE B 112 -20.72 -33.62 -18.93
N ALA B 113 -20.68 -34.93 -19.05
CA ALA B 113 -19.48 -35.63 -19.50
C ALA B 113 -19.19 -35.31 -20.95
N LYS B 114 -20.25 -35.01 -21.70
CA LYS B 114 -20.12 -34.70 -23.11
C LYS B 114 -19.87 -33.22 -23.39
N CYS B 115 -20.60 -32.35 -22.69
CA CYS B 115 -20.50 -30.90 -22.91
C CYS B 115 -19.49 -30.13 -22.08
N CYS B 116 -19.30 -30.51 -20.83
CA CYS B 116 -18.34 -29.80 -19.99
C CYS B 116 -17.61 -30.77 -19.08
N PRO B 117 -16.89 -31.73 -19.67
CA PRO B 117 -16.13 -32.75 -18.95
C PRO B 117 -15.20 -32.20 -17.89
N ARG B 118 -14.71 -30.98 -18.08
CA ARG B 118 -13.81 -30.39 -17.09
C ARG B 118 -14.50 -29.54 -16.03
N ALA B 119 -15.83 -29.48 -16.08
CA ALA B 119 -16.57 -28.70 -15.11
C ALA B 119 -16.54 -29.32 -13.74
N ILE B 120 -16.44 -28.47 -12.72
CA ILE B 120 -16.50 -28.95 -11.36
C ILE B 120 -17.97 -29.29 -11.19
N VAL B 121 -18.28 -30.31 -10.43
CA VAL B 121 -19.68 -30.68 -10.25
C VAL B 121 -20.14 -30.71 -8.78
N ASN B 122 -21.28 -30.07 -8.53
CA ASN B 122 -21.87 -30.03 -7.20
C ASN B 122 -23.20 -30.74 -7.29
N LEU B 123 -23.19 -32.03 -6.96
CA LEU B 123 -24.40 -32.84 -7.03
C LEU B 123 -25.15 -32.80 -5.69
N ILE B 124 -26.40 -32.37 -5.75
CA ILE B 124 -27.23 -32.27 -4.56
C ILE B 124 -28.32 -33.32 -4.65
N SER B 125 -28.58 -33.78 -5.86
CA SER B 125 -29.60 -34.79 -6.11
C SER B 125 -29.62 -35.90 -5.07
N ASN B 126 -30.76 -36.04 -4.41
CA ASN B 126 -30.99 -37.03 -3.38
C ASN B 126 -31.29 -38.40 -3.98
N PRO B 127 -30.70 -39.48 -3.42
CA PRO B 127 -29.77 -39.53 -2.29
C PRO B 127 -28.29 -39.44 -2.69
N VAL B 128 -27.63 -38.38 -2.25
CA VAL B 128 -26.22 -38.15 -2.54
C VAL B 128 -25.35 -39.40 -2.35
N ASN B 129 -25.66 -40.17 -1.31
CA ASN B 129 -24.91 -41.38 -1.02
C ASN B 129 -24.86 -42.33 -2.22
N SER B 130 -25.84 -42.23 -3.10
CA SER B 130 -25.89 -43.08 -4.28
C SER B 130 -25.66 -42.31 -5.57
N THR B 131 -26.33 -41.18 -5.73
CA THR B 131 -26.20 -40.38 -6.95
C THR B 131 -24.76 -40.00 -7.32
N VAL B 132 -23.93 -39.66 -6.33
CA VAL B 132 -22.55 -39.33 -6.63
C VAL B 132 -21.84 -40.55 -7.25
N PRO B 133 -21.97 -41.73 -6.63
CA PRO B 133 -21.30 -42.90 -7.22
C PRO B 133 -21.88 -43.17 -8.61
N ILE B 134 -23.15 -42.83 -8.80
CA ILE B 134 -23.79 -43.03 -10.11
C ILE B 134 -23.10 -42.12 -11.10
N ALA B 135 -22.95 -40.85 -10.73
CA ALA B 135 -22.30 -39.85 -11.58
C ALA B 135 -20.89 -40.29 -11.92
N ALA B 136 -20.20 -40.84 -10.93
CA ALA B 136 -18.83 -41.32 -11.12
C ALA B 136 -18.81 -42.43 -12.15
N GLU B 137 -19.77 -43.35 -12.05
CA GLU B 137 -19.88 -44.47 -12.98
C GLU B 137 -20.25 -44.01 -14.37
N VAL B 138 -21.00 -42.93 -14.45
CA VAL B 138 -21.41 -42.39 -15.73
C VAL B 138 -20.23 -41.70 -16.41
N PHE B 139 -19.38 -41.04 -15.64
CA PHE B 139 -18.22 -40.35 -16.20
C PHE B 139 -17.10 -41.33 -16.56
N LYS B 140 -17.01 -42.42 -15.79
CA LYS B 140 -15.98 -43.44 -16.04
C LYS B 140 -16.21 -44.04 -17.42
N LYS B 141 -17.45 -44.45 -17.68
CA LYS B 141 -17.81 -45.03 -18.96
C LYS B 141 -17.58 -44.03 -20.08
N ALA B 142 -17.79 -42.75 -19.77
CA ALA B 142 -17.62 -41.69 -20.76
C ALA B 142 -16.14 -41.36 -20.92
N GLY B 143 -15.34 -41.78 -19.94
CA GLY B 143 -13.91 -41.53 -20.01
C GLY B 143 -13.55 -40.09 -19.69
N THR B 144 -14.28 -39.48 -18.77
CA THR B 144 -14.05 -38.09 -18.39
C THR B 144 -13.90 -37.94 -16.88
N TYR B 145 -14.04 -39.05 -16.17
CA TYR B 145 -13.97 -39.04 -14.72
C TYR B 145 -12.71 -38.44 -14.12
N ASP B 146 -12.91 -37.45 -13.26
CA ASP B 146 -11.80 -36.82 -12.54
C ASP B 146 -12.34 -36.72 -11.11
N PRO B 147 -11.90 -37.64 -10.23
CA PRO B 147 -12.33 -37.65 -8.83
C PRO B 147 -12.15 -36.30 -8.14
N LYS B 148 -11.33 -35.44 -8.71
CA LYS B 148 -11.09 -34.14 -8.12
C LYS B 148 -12.18 -33.14 -8.47
N ARG B 149 -13.02 -33.50 -9.45
CA ARG B 149 -14.06 -32.63 -9.93
C ARG B 149 -15.51 -32.96 -9.59
N LEU B 150 -15.73 -34.04 -8.85
CA LEU B 150 -17.09 -34.43 -8.48
C LEU B 150 -17.32 -34.28 -6.98
N LEU B 151 -18.30 -33.48 -6.59
CA LEU B 151 -18.58 -33.27 -5.18
C LEU B 151 -20.04 -33.37 -4.79
N GLY B 152 -20.32 -34.22 -3.81
CA GLY B 152 -21.68 -34.37 -3.32
C GLY B 152 -21.84 -33.31 -2.25
N VAL B 153 -22.89 -32.50 -2.35
CA VAL B 153 -23.10 -31.43 -1.38
C VAL B 153 -23.72 -31.89 -0.07
N THR B 154 -22.89 -31.97 0.97
CA THR B 154 -23.30 -32.40 2.30
C THR B 154 -23.29 -31.19 3.23
N MET B 155 -23.06 -30.02 2.62
CA MET B 155 -23.00 -28.73 3.30
C MET B 155 -24.16 -28.46 4.25
N LEU B 156 -25.36 -28.91 3.89
CA LEU B 156 -26.51 -28.67 4.76
C LEU B 156 -26.40 -29.46 6.06
N ASP B 157 -25.62 -30.53 6.08
CA ASP B 157 -25.44 -31.29 7.32
C ASP B 157 -24.56 -30.45 8.25
N VAL B 158 -23.62 -29.73 7.67
CA VAL B 158 -22.71 -28.89 8.44
C VAL B 158 -23.45 -27.65 8.95
N VAL B 159 -24.31 -27.10 8.10
CA VAL B 159 -25.09 -25.93 8.46
C VAL B 159 -25.98 -26.23 9.66
N ARG B 160 -26.71 -27.34 9.60
CA ARG B 160 -27.59 -27.73 10.69
C ARG B 160 -26.79 -27.94 11.96
N ALA B 161 -25.70 -28.69 11.85
CA ALA B 161 -24.83 -28.95 12.99
C ALA B 161 -24.39 -27.64 13.65
N ASN B 162 -23.86 -26.71 12.87
CA ASN B 162 -23.41 -25.44 13.45
C ASN B 162 -24.55 -24.80 14.21
N THR B 163 -25.72 -24.79 13.59
CA THR B 163 -26.89 -24.19 14.21
C THR B 163 -27.27 -24.89 15.51
N PHE B 164 -27.49 -26.20 15.43
CA PHE B 164 -27.89 -26.96 16.60
C PHE B 164 -26.86 -26.90 17.72
N VAL B 165 -25.60 -27.03 17.35
CA VAL B 165 -24.52 -26.97 18.33
C VAL B 165 -24.46 -25.58 18.94
N ALA B 166 -24.55 -24.54 18.10
CA ALA B 166 -24.49 -23.19 18.64
C ALA B 166 -25.66 -22.94 19.60
N GLU B 167 -26.82 -23.50 19.28
CA GLU B 167 -27.98 -23.35 20.14
C GLU B 167 -27.62 -23.88 21.53
N VAL B 168 -27.14 -25.12 21.57
CA VAL B 168 -26.74 -25.76 22.81
C VAL B 168 -25.73 -24.89 23.56
N LEU B 169 -24.68 -24.46 22.87
CA LEU B 169 -23.64 -23.63 23.49
C LEU B 169 -24.09 -22.19 23.74
N GLY B 170 -25.26 -21.81 23.22
CA GLY B 170 -25.69 -20.44 23.40
C GLY B 170 -24.74 -19.50 22.67
N LEU B 171 -24.42 -19.84 21.43
CA LEU B 171 -23.55 -19.01 20.63
C LEU B 171 -24.20 -18.66 19.32
N ASP B 172 -23.55 -17.77 18.59
CA ASP B 172 -24.01 -17.34 17.27
C ASP B 172 -23.52 -18.44 16.34
N PRO B 173 -24.43 -19.11 15.64
CA PRO B 173 -23.98 -20.19 14.75
C PRO B 173 -22.85 -19.82 13.81
N ARG B 174 -22.66 -18.52 13.56
CA ARG B 174 -21.58 -18.09 12.68
C ARG B 174 -20.19 -18.25 13.29
N ASP B 175 -20.12 -18.38 14.61
CA ASP B 175 -18.85 -18.54 15.29
C ASP B 175 -18.61 -20.01 15.66
N VAL B 176 -19.39 -20.90 15.05
CA VAL B 176 -19.26 -22.33 15.31
C VAL B 176 -18.98 -23.18 14.07
N ASP B 177 -18.07 -24.13 14.22
CA ASP B 177 -17.75 -25.04 13.13
C ASP B 177 -17.82 -26.47 13.62
N VAL B 178 -18.60 -27.28 12.93
CA VAL B 178 -18.74 -28.66 13.31
C VAL B 178 -18.47 -29.51 12.09
N PRO B 179 -17.34 -30.22 12.07
CA PRO B 179 -17.10 -31.04 10.90
C PRO B 179 -18.07 -32.21 10.89
N VAL B 180 -18.57 -32.55 9.72
CA VAL B 180 -19.50 -33.66 9.58
C VAL B 180 -18.91 -34.53 8.50
N VAL B 181 -18.75 -35.82 8.80
CA VAL B 181 -18.18 -36.75 7.85
C VAL B 181 -19.12 -37.90 7.62
N GLY B 182 -18.71 -38.82 6.74
CA GLY B 182 -19.51 -40.00 6.47
C GLY B 182 -20.33 -39.91 5.21
N GLY B 183 -21.65 -39.96 5.38
CA GLY B 183 -22.56 -39.91 4.25
C GLY B 183 -23.59 -38.81 4.45
N HIS B 184 -24.59 -38.78 3.58
CA HIS B 184 -25.61 -37.74 3.64
C HIS B 184 -26.99 -38.19 4.09
N ALA B 185 -27.08 -39.33 4.76
CA ALA B 185 -28.37 -39.85 5.24
C ALA B 185 -28.33 -40.60 6.57
N GLY B 186 -29.36 -40.40 7.37
CA GLY B 186 -29.45 -41.06 8.66
C GLY B 186 -28.15 -41.22 9.42
N VAL B 187 -27.92 -42.43 9.90
CA VAL B 187 -26.72 -42.74 10.68
C VAL B 187 -25.42 -42.63 9.88
N THR B 188 -25.51 -42.36 8.57
CA THR B 188 -24.27 -42.22 7.80
C THR B 188 -23.71 -40.82 7.99
N ILE B 189 -24.56 -39.88 8.40
CA ILE B 189 -24.11 -38.52 8.67
C ILE B 189 -23.45 -38.61 10.03
N LEU B 190 -22.19 -38.21 10.13
CA LEU B 190 -21.49 -38.31 11.39
C LEU B 190 -20.87 -36.99 11.84
N PRO B 191 -21.53 -36.27 12.76
CA PRO B 191 -21.03 -34.99 13.26
C PRO B 191 -19.96 -35.18 14.32
N LEU B 192 -18.73 -34.78 14.00
CA LEU B 192 -17.60 -34.91 14.93
C LEU B 192 -17.63 -33.84 16.02
N LEU B 193 -18.52 -34.01 16.99
CA LEU B 193 -18.64 -33.04 18.07
C LEU B 193 -17.35 -32.82 18.87
N SER B 194 -16.45 -33.80 18.85
CA SER B 194 -15.21 -33.65 19.59
C SER B 194 -14.23 -32.71 18.89
N GLN B 195 -14.52 -32.39 17.64
CA GLN B 195 -13.65 -31.50 16.88
C GLN B 195 -14.28 -30.12 16.73
N VAL B 196 -15.39 -29.90 17.43
CA VAL B 196 -16.07 -28.64 17.36
C VAL B 196 -15.19 -27.45 17.73
N LYS B 197 -15.42 -26.32 17.05
CA LYS B 197 -14.70 -25.08 17.33
C LYS B 197 -15.83 -24.11 17.60
N PRO B 198 -15.73 -23.33 18.70
CA PRO B 198 -14.62 -23.34 19.65
C PRO B 198 -14.55 -24.63 20.46
N PRO B 199 -13.39 -24.90 21.06
CA PRO B 199 -13.32 -26.14 21.86
C PRO B 199 -14.43 -26.10 22.92
N SER B 200 -15.22 -27.16 22.97
CA SER B 200 -16.32 -27.23 23.92
C SER B 200 -16.48 -28.61 24.51
N SER B 201 -17.29 -28.69 25.55
CA SER B 201 -17.56 -29.97 26.17
C SER B 201 -19.07 -30.09 26.17
N PHE B 202 -19.56 -31.31 25.95
CA PHE B 202 -20.99 -31.56 25.91
C PHE B 202 -21.34 -32.67 26.88
N THR B 203 -22.57 -32.67 27.35
CA THR B 203 -23.03 -33.71 28.26
C THR B 203 -23.47 -34.86 27.36
N GLN B 204 -23.44 -36.08 27.89
CA GLN B 204 -23.82 -37.25 27.10
C GLN B 204 -25.18 -37.04 26.46
N GLU B 205 -26.07 -36.36 27.18
CA GLU B 205 -27.41 -36.08 26.68
C GLU B 205 -27.34 -35.19 25.43
N GLU B 206 -26.61 -34.09 25.54
CA GLU B 206 -26.48 -33.16 24.42
C GLU B 206 -25.84 -33.87 23.24
N ILE B 207 -24.81 -34.66 23.50
CA ILE B 207 -24.12 -35.38 22.44
C ILE B 207 -25.14 -36.26 21.73
N SER B 208 -26.01 -36.88 22.53
CA SER B 208 -27.04 -37.75 22.02
C SER B 208 -28.06 -36.96 21.20
N TYR B 209 -28.58 -35.90 21.81
CA TYR B 209 -29.55 -35.04 21.15
C TYR B 209 -29.00 -34.47 19.84
N LEU B 210 -27.84 -33.84 19.92
CA LEU B 210 -27.19 -33.23 18.75
C LEU B 210 -26.95 -34.20 17.61
N THR B 211 -26.36 -35.35 17.93
CA THR B 211 -26.07 -36.36 16.92
C THR B 211 -27.37 -36.81 16.27
N ASP B 212 -28.37 -37.06 17.09
CA ASP B 212 -29.67 -37.50 16.58
C ASP B 212 -30.33 -36.44 15.72
N ARG B 213 -30.40 -35.22 16.21
CA ARG B 213 -31.05 -34.15 15.47
C ARG B 213 -30.38 -33.82 14.14
N ILE B 214 -29.05 -33.83 14.13
CA ILE B 214 -28.30 -33.54 12.92
C ILE B 214 -28.54 -34.65 11.88
N GLN B 215 -28.61 -35.89 12.35
CA GLN B 215 -28.83 -37.02 11.46
C GLN B 215 -30.25 -37.08 10.90
N ASN B 216 -31.19 -36.45 11.61
CA ASN B 216 -32.58 -36.46 11.17
C ASN B 216 -33.09 -35.07 10.83
N GLY B 217 -32.16 -34.17 10.55
CA GLY B 217 -32.53 -32.81 10.21
C GLY B 217 -33.58 -32.71 9.11
N GLY B 218 -33.34 -33.38 8.00
CA GLY B 218 -34.30 -33.34 6.90
C GLY B 218 -35.69 -33.73 7.34
N THR B 219 -35.79 -34.86 8.01
CA THR B 219 -37.07 -35.37 8.48
C THR B 219 -37.79 -34.30 9.29
N GLU B 220 -37.04 -33.65 10.16
CA GLU B 220 -37.59 -32.61 11.01
C GLU B 220 -38.40 -31.59 10.21
N VAL B 221 -37.89 -31.22 9.03
CA VAL B 221 -38.54 -30.23 8.16
C VAL B 221 -39.75 -30.80 7.45
N VAL B 222 -39.61 -32.00 6.88
CA VAL B 222 -40.74 -32.64 6.22
C VAL B 222 -41.92 -32.74 7.19
N GLU B 223 -41.66 -33.19 8.41
CA GLU B 223 -42.73 -33.30 9.39
C GLU B 223 -43.41 -31.94 9.54
N ALA B 224 -42.60 -30.90 9.71
CA ALA B 224 -43.11 -29.55 9.88
C ALA B 224 -43.93 -29.07 8.69
N LYS B 225 -43.50 -29.42 7.49
CA LYS B 225 -44.22 -29.00 6.28
C LYS B 225 -45.41 -29.89 5.95
N ALA B 226 -45.86 -30.66 6.94
CA ALA B 226 -46.99 -31.56 6.73
C ALA B 226 -46.78 -32.44 5.51
N GLY B 227 -45.76 -33.31 5.58
CA GLY B 227 -45.44 -34.24 4.51
C GLY B 227 -45.31 -33.75 3.08
N ALA B 228 -45.92 -32.61 2.76
CA ALA B 228 -45.89 -32.06 1.40
C ALA B 228 -44.74 -31.12 1.10
N GLY B 229 -43.52 -31.58 1.29
CA GLY B 229 -42.36 -30.75 1.02
C GLY B 229 -41.23 -30.99 1.99
N SER B 230 -40.04 -30.53 1.61
CA SER B 230 -38.85 -30.67 2.44
C SER B 230 -38.01 -29.39 2.34
N ALA B 231 -36.92 -29.34 3.10
CA ALA B 231 -36.05 -28.18 3.09
C ALA B 231 -35.68 -27.73 1.68
N THR B 232 -36.00 -26.48 1.35
CA THR B 232 -35.68 -25.92 0.05
C THR B 232 -34.74 -24.73 0.27
N LEU B 233 -35.23 -23.77 1.04
CA LEU B 233 -34.48 -22.58 1.35
C LEU B 233 -33.12 -22.83 2.01
N SER B 234 -33.15 -23.49 3.16
CA SER B 234 -31.90 -23.76 3.87
C SER B 234 -30.95 -24.54 3.00
N MET B 235 -31.51 -25.34 2.09
CA MET B 235 -30.71 -26.14 1.17
C MET B 235 -30.09 -25.24 0.12
N ALA B 236 -30.87 -24.28 -0.38
CA ALA B 236 -30.37 -23.34 -1.37
C ALA B 236 -29.25 -22.53 -0.74
N TYR B 237 -29.47 -22.15 0.51
CA TYR B 237 -28.50 -21.40 1.27
C TYR B 237 -27.22 -22.20 1.39
N ALA B 238 -27.32 -23.44 1.85
CA ALA B 238 -26.13 -24.28 2.00
C ALA B 238 -25.48 -24.59 0.64
N ALA B 239 -26.28 -24.78 -0.39
CA ALA B 239 -25.72 -25.08 -1.71
C ALA B 239 -24.94 -23.88 -2.26
N VAL B 240 -25.44 -22.69 -1.99
CA VAL B 240 -24.75 -21.51 -2.47
C VAL B 240 -23.45 -21.33 -1.70
N LYS B 241 -23.48 -21.58 -0.40
CA LYS B 241 -22.27 -21.42 0.39
C LYS B 241 -21.24 -22.40 -0.13
N PHE B 242 -21.70 -23.59 -0.45
CA PHE B 242 -20.77 -24.60 -0.95
C PHE B 242 -20.27 -24.25 -2.35
N ALA B 243 -21.17 -23.82 -3.22
CA ALA B 243 -20.81 -23.44 -4.59
C ALA B 243 -19.83 -22.29 -4.54
N ASP B 244 -20.08 -21.34 -3.66
CA ASP B 244 -19.21 -20.20 -3.56
C ASP B 244 -17.81 -20.62 -3.13
N ALA B 245 -17.72 -21.61 -2.24
CA ALA B 245 -16.41 -22.09 -1.80
C ALA B 245 -15.64 -22.61 -3.00
N CYS B 246 -16.31 -23.39 -3.84
CA CYS B 246 -15.67 -23.94 -5.04
C CYS B 246 -15.16 -22.82 -5.92
N LEU B 247 -16.00 -21.80 -6.11
CA LEU B 247 -15.61 -20.68 -6.94
C LEU B 247 -14.37 -19.99 -6.37
N ARG B 248 -14.35 -19.78 -5.06
CA ARG B 248 -13.18 -19.15 -4.45
C ARG B 248 -11.99 -20.07 -4.68
N GLY B 249 -12.27 -21.37 -4.75
CA GLY B 249 -11.21 -22.32 -4.99
C GLY B 249 -10.71 -22.12 -6.41
N LEU B 250 -11.64 -22.06 -7.35
CA LEU B 250 -11.30 -21.87 -8.74
C LEU B 250 -10.54 -20.56 -8.95
N ARG B 251 -10.81 -19.58 -8.09
CA ARG B 251 -10.15 -18.28 -8.17
C ARG B 251 -8.69 -18.35 -7.77
N GLY B 252 -8.36 -19.33 -6.94
CA GLY B 252 -6.98 -19.48 -6.50
C GLY B 252 -6.81 -19.17 -5.03
N ASP B 253 -7.91 -18.92 -4.34
CA ASP B 253 -7.86 -18.63 -2.91
C ASP B 253 -7.21 -19.77 -2.14
N ALA B 254 -6.58 -19.41 -1.05
CA ALA B 254 -5.92 -20.37 -0.18
C ALA B 254 -6.86 -20.68 0.97
N GLY B 255 -6.69 -21.87 1.55
CA GLY B 255 -7.47 -22.25 2.70
C GLY B 255 -8.96 -22.45 2.53
N VAL B 256 -9.39 -22.88 1.34
CA VAL B 256 -10.81 -23.12 1.15
C VAL B 256 -11.06 -24.58 1.50
N ILE B 257 -11.54 -24.80 2.73
CA ILE B 257 -11.82 -26.12 3.25
C ILE B 257 -13.31 -26.27 3.59
N GLU B 258 -13.94 -27.33 3.09
CA GLU B 258 -15.34 -27.58 3.34
C GLU B 258 -15.55 -29.08 3.36
N CYS B 259 -16.60 -29.54 4.04
CA CYS B 259 -16.89 -30.97 4.07
C CYS B 259 -17.69 -31.26 2.84
N ALA B 260 -17.47 -32.41 2.25
CA ALA B 260 -18.19 -32.80 1.05
C ALA B 260 -18.05 -34.30 0.79
N PHE B 261 -19.07 -34.87 0.18
CA PHE B 261 -19.09 -36.28 -0.15
C PHE B 261 -18.31 -36.38 -1.45
N VAL B 262 -17.11 -36.91 -1.38
CA VAL B 262 -16.28 -37.02 -2.56
C VAL B 262 -15.67 -38.41 -2.69
N SER B 263 -14.87 -38.58 -3.73
CA SER B 263 -14.16 -39.82 -3.97
C SER B 263 -12.96 -39.79 -3.03
N SER B 264 -12.77 -40.82 -2.23
CA SER B 264 -11.63 -40.83 -1.33
C SER B 264 -11.17 -42.18 -0.84
N GLN B 265 -9.99 -42.18 -0.23
CA GLN B 265 -9.40 -43.38 0.34
C GLN B 265 -9.13 -43.03 1.80
N VAL B 266 -10.04 -42.28 2.39
CA VAL B 266 -9.93 -41.90 3.79
C VAL B 266 -10.36 -43.12 4.60
N THR B 267 -11.19 -43.93 3.95
CA THR B 267 -11.71 -45.16 4.53
C THR B 267 -11.66 -46.21 3.43
N GLU B 268 -12.11 -47.41 3.75
CA GLU B 268 -12.11 -48.49 2.78
C GLU B 268 -13.10 -48.18 1.64
N LEU B 269 -14.14 -47.41 1.94
CA LEU B 269 -15.14 -47.07 0.93
C LEU B 269 -14.60 -46.17 -0.19
N PRO B 270 -15.16 -46.32 -1.40
CA PRO B 270 -14.73 -45.51 -2.55
C PRO B 270 -15.15 -44.05 -2.44
N PHE B 271 -16.17 -43.78 -1.63
CA PHE B 271 -16.68 -42.43 -1.44
C PHE B 271 -16.90 -42.13 0.05
N PHE B 272 -16.63 -40.90 0.45
CA PHE B 272 -16.78 -40.54 1.85
C PHE B 272 -16.77 -39.02 2.00
N ALA B 273 -17.47 -38.54 3.02
CA ALA B 273 -17.51 -37.12 3.29
C ALA B 273 -16.49 -36.82 4.37
N SER B 274 -15.64 -35.83 4.09
CA SER B 274 -14.61 -35.41 5.03
C SER B 274 -14.22 -34.01 4.59
N LYS B 275 -13.33 -33.37 5.34
CA LYS B 275 -12.90 -32.04 4.96
C LYS B 275 -12.08 -32.17 3.68
N VAL B 276 -12.17 -31.17 2.81
CA VAL B 276 -11.41 -31.15 1.57
C VAL B 276 -10.94 -29.73 1.33
N ARG B 277 -9.88 -29.57 0.56
CA ARG B 277 -9.41 -28.23 0.25
C ARG B 277 -9.76 -28.01 -1.22
N LEU B 278 -10.41 -26.89 -1.49
CA LEU B 278 -10.81 -26.57 -2.86
C LEU B 278 -9.79 -25.64 -3.51
N GLY B 279 -9.28 -26.08 -4.66
CA GLY B 279 -8.30 -25.30 -5.37
C GLY B 279 -8.69 -25.05 -6.82
N ARG B 280 -7.74 -24.56 -7.59
CA ARG B 280 -7.97 -24.25 -9.00
C ARG B 280 -8.52 -25.41 -9.82
N ASN B 281 -8.29 -26.65 -9.38
CA ASN B 281 -8.79 -27.79 -10.13
C ASN B 281 -9.86 -28.59 -9.39
N GLY B 282 -10.47 -27.94 -8.42
CA GLY B 282 -11.51 -28.59 -7.66
C GLY B 282 -10.93 -28.99 -6.33
N ILE B 283 -11.00 -30.28 -6.02
CA ILE B 283 -10.47 -30.78 -4.76
C ILE B 283 -8.95 -30.86 -4.85
N GLU B 284 -8.27 -30.03 -4.08
CA GLU B 284 -6.80 -30.01 -4.07
C GLU B 284 -6.23 -30.94 -2.99
N GLU B 285 -7.11 -31.57 -2.24
CA GLU B 285 -6.71 -32.49 -1.19
C GLU B 285 -7.88 -32.95 -0.35
N VAL B 286 -7.90 -34.23 -0.05
CA VAL B 286 -8.94 -34.81 0.77
C VAL B 286 -8.32 -35.13 2.11
N TYR B 287 -8.82 -34.46 3.15
CA TYR B 287 -8.28 -34.65 4.50
C TYR B 287 -8.89 -35.87 5.20
N SER B 288 -8.08 -36.53 6.02
CA SER B 288 -8.52 -37.69 6.77
C SER B 288 -9.38 -37.17 7.93
N LEU B 289 -10.06 -38.07 8.63
CA LEU B 289 -10.95 -37.71 9.73
C LEU B 289 -10.33 -37.06 10.99
N GLY B 290 -9.07 -37.34 11.28
CA GLY B 290 -8.46 -36.75 12.46
C GLY B 290 -8.82 -37.47 13.76
N PRO B 291 -8.78 -36.78 14.91
CA PRO B 291 -9.12 -37.42 16.19
C PRO B 291 -10.60 -37.73 16.41
N LEU B 292 -10.89 -38.93 16.88
CA LEU B 292 -12.27 -39.34 17.13
C LEU B 292 -12.37 -40.00 18.48
N ASN B 293 -13.37 -39.65 19.28
CA ASN B 293 -13.53 -40.33 20.56
C ASN B 293 -14.20 -41.70 20.30
N GLU B 294 -14.39 -42.48 21.34
CA GLU B 294 -15.00 -43.79 21.18
C GLU B 294 -16.42 -43.69 20.59
N TYR B 295 -17.19 -42.72 21.08
CA TYR B 295 -18.55 -42.52 20.60
C TYR B 295 -18.55 -42.33 19.07
N GLU B 296 -17.67 -41.47 18.58
CA GLU B 296 -17.60 -41.21 17.14
C GLU B 296 -17.03 -42.40 16.37
N ARG B 297 -16.12 -43.14 16.98
CA ARG B 297 -15.57 -44.30 16.29
C ARG B 297 -16.66 -45.36 16.13
N ILE B 298 -17.52 -45.45 17.14
CA ILE B 298 -18.63 -46.38 17.07
C ILE B 298 -19.52 -45.85 15.95
N GLY B 299 -19.76 -44.55 15.98
CA GLY B 299 -20.59 -43.93 14.97
C GLY B 299 -19.98 -44.11 13.60
N LEU B 300 -18.66 -44.12 13.54
CA LEU B 300 -17.98 -44.29 12.28
C LEU B 300 -18.30 -45.64 11.65
N GLU B 301 -18.32 -46.69 12.48
CA GLU B 301 -18.63 -48.05 12.02
C GLU B 301 -20.03 -48.18 11.46
N LYS B 302 -21.01 -47.62 12.16
CA LYS B 302 -22.39 -47.70 11.68
C LYS B 302 -22.45 -46.97 10.35
N ALA B 303 -21.84 -45.79 10.31
CA ALA B 303 -21.84 -44.98 9.10
C ALA B 303 -21.35 -45.82 7.92
N LYS B 304 -20.11 -46.30 8.01
CA LYS B 304 -19.52 -47.11 6.95
C LYS B 304 -20.43 -48.28 6.58
N LYS B 305 -21.00 -48.91 7.60
CA LYS B 305 -21.88 -50.06 7.44
C LYS B 305 -23.00 -49.80 6.43
N GLU B 306 -23.84 -48.81 6.73
CA GLU B 306 -24.95 -48.47 5.84
C GLU B 306 -24.48 -47.77 4.58
N LEU B 307 -23.36 -47.06 4.67
CA LEU B 307 -22.85 -46.32 3.52
C LEU B 307 -22.39 -47.23 2.40
N ALA B 308 -21.73 -48.33 2.77
CA ALA B 308 -21.23 -49.30 1.78
C ALA B 308 -22.35 -49.72 0.84
N GLY B 309 -23.49 -50.09 1.41
CA GLY B 309 -24.62 -50.50 0.60
C GLY B 309 -25.09 -49.40 -0.33
N SER B 310 -25.35 -48.23 0.23
CA SER B 310 -25.81 -47.09 -0.56
C SER B 310 -24.92 -46.90 -1.79
N ILE B 311 -23.62 -46.85 -1.56
CA ILE B 311 -22.66 -46.68 -2.64
C ILE B 311 -22.85 -47.72 -3.73
N GLU B 312 -23.03 -48.97 -3.33
CA GLU B 312 -23.23 -50.06 -4.26
C GLU B 312 -24.56 -49.90 -4.98
N LYS B 313 -25.60 -49.55 -4.22
CA LYS B 313 -26.93 -49.37 -4.80
C LYS B 313 -26.85 -48.41 -5.98
N GLY B 314 -25.95 -47.44 -5.86
CA GLY B 314 -25.78 -46.46 -6.92
C GLY B 314 -24.89 -46.95 -8.04
N VAL B 315 -23.77 -47.58 -7.68
CA VAL B 315 -22.84 -48.10 -8.68
C VAL B 315 -23.51 -49.19 -9.53
N SER B 316 -24.33 -50.01 -8.91
CA SER B 316 -25.01 -51.09 -9.62
C SER B 316 -26.10 -50.55 -10.55
N PHE B 317 -26.47 -49.28 -10.35
CA PHE B 317 -27.49 -48.65 -11.17
C PHE B 317 -26.93 -48.40 -12.57
N ILE B 318 -25.61 -48.25 -12.63
CA ILE B 318 -24.93 -47.98 -13.90
C ILE B 318 -24.22 -49.22 -14.43
N ARG B 319 -23.50 -49.91 -13.56
CA ARG B 319 -22.77 -51.12 -13.94
C ARG B 319 -23.68 -52.24 -14.44
N SER B 320 -24.73 -52.52 -13.68
CA SER B 320 -25.67 -53.58 -14.04
C SER B 320 -26.62 -53.18 -15.15
N GLY C 8 -26.91 59.51 -4.44
CA GLY C 8 -26.40 58.21 -3.90
C GLY C 8 -27.13 57.73 -2.65
N PHE C 9 -27.39 56.43 -2.58
CA PHE C 9 -28.09 55.88 -1.42
C PHE C 9 -27.20 55.12 -0.45
N LYS C 10 -27.61 55.14 0.80
CA LYS C 10 -26.89 54.46 1.85
C LYS C 10 -27.57 53.12 2.13
N VAL C 11 -26.79 52.05 2.08
CA VAL C 11 -27.31 50.71 2.29
C VAL C 11 -26.52 49.95 3.33
N ALA C 12 -27.24 49.14 4.10
CA ALA C 12 -26.66 48.32 5.14
C ALA C 12 -27.16 46.89 4.95
N ILE C 13 -26.23 45.94 5.04
CA ILE C 13 -26.53 44.53 4.91
C ILE C 13 -26.31 43.88 6.27
N LEU C 14 -27.39 43.36 6.86
CA LEU C 14 -27.28 42.72 8.15
C LEU C 14 -27.08 41.25 7.89
N GLY C 15 -25.87 40.77 8.18
CA GLY C 15 -25.51 39.38 7.95
C GLY C 15 -24.65 39.38 6.69
N ALA C 16 -23.81 40.39 6.57
CA ALA C 16 -22.95 40.54 5.39
C ALA C 16 -21.83 39.52 5.25
N ALA C 17 -21.59 38.71 6.28
CA ALA C 17 -20.52 37.73 6.19
C ALA C 17 -20.97 36.30 5.91
N GLY C 18 -22.27 36.11 5.66
CA GLY C 18 -22.77 34.77 5.37
C GLY C 18 -22.71 34.37 3.91
N GLY C 19 -23.20 33.17 3.61
CA GLY C 19 -23.21 32.66 2.25
C GLY C 19 -23.84 33.64 1.29
N ILE C 20 -25.02 34.16 1.66
CA ILE C 20 -25.71 35.13 0.83
C ILE C 20 -25.05 36.50 0.96
N GLY C 21 -24.86 36.90 2.21
CA GLY C 21 -24.29 38.18 2.54
C GLY C 21 -23.09 38.63 1.75
N GLN C 22 -22.09 37.77 1.63
CA GLN C 22 -20.88 38.16 0.93
C GLN C 22 -21.04 38.47 -0.55
N PRO C 23 -21.61 37.53 -1.34
CA PRO C 23 -21.75 37.86 -2.76
C PRO C 23 -22.68 39.04 -2.93
N LEU C 24 -23.66 39.12 -2.04
CA LEU C 24 -24.63 40.21 -2.06
C LEU C 24 -23.91 41.52 -1.83
N ALA C 25 -23.03 41.51 -0.82
CA ALA C 25 -22.28 42.71 -0.49
C ALA C 25 -21.44 43.10 -1.69
N MET C 26 -20.83 42.11 -2.34
CA MET C 26 -20.01 42.40 -3.51
C MET C 26 -20.86 43.07 -4.59
N LEU C 27 -22.01 42.47 -4.92
CA LEU C 27 -22.86 43.06 -5.94
C LEU C 27 -23.32 44.46 -5.52
N MET C 28 -23.65 44.65 -4.24
CA MET C 28 -24.09 45.96 -3.79
C MET C 28 -23.00 47.00 -3.95
N LYS C 29 -21.76 46.58 -3.72
CA LYS C 29 -20.62 47.48 -3.87
C LYS C 29 -20.48 47.98 -5.30
N MET C 30 -20.87 47.15 -6.26
CA MET C 30 -20.78 47.48 -7.68
C MET C 30 -21.92 48.37 -8.17
N ASN C 31 -23.00 48.40 -7.41
CA ASN C 31 -24.17 49.19 -7.77
C ASN C 31 -23.88 50.67 -7.69
N PRO C 32 -23.96 51.35 -8.85
CA PRO C 32 -23.70 52.79 -8.92
C PRO C 32 -24.65 53.66 -8.08
N LEU C 33 -25.81 53.13 -7.73
CA LEU C 33 -26.77 53.91 -6.95
C LEU C 33 -26.42 53.97 -5.45
N VAL C 34 -25.44 53.17 -5.03
CA VAL C 34 -25.03 53.13 -3.63
C VAL C 34 -23.83 54.02 -3.33
N SER C 35 -24.01 54.98 -2.43
CA SER C 35 -22.91 55.86 -2.07
C SER C 35 -22.20 55.31 -0.83
N VAL C 36 -23.00 54.83 0.13
CA VAL C 36 -22.45 54.27 1.35
C VAL C 36 -23.00 52.87 1.54
N LEU C 37 -22.10 51.92 1.79
CA LEU C 37 -22.46 50.54 2.01
C LEU C 37 -21.91 50.06 3.35
N HIS C 38 -22.79 49.68 4.25
CA HIS C 38 -22.39 49.21 5.58
C HIS C 38 -22.58 47.71 5.71
N LEU C 39 -21.50 47.01 6.05
CA LEU C 39 -21.56 45.58 6.21
C LEU C 39 -21.53 45.24 7.69
N TYR C 40 -22.57 44.55 8.14
CA TYR C 40 -22.69 44.20 9.54
C TYR C 40 -22.94 42.73 9.77
N ASP C 41 -22.29 42.20 10.80
CA ASP C 41 -22.46 40.80 11.18
C ASP C 41 -21.86 40.61 12.56
N VAL C 42 -22.05 39.42 13.13
CA VAL C 42 -21.51 39.11 14.44
C VAL C 42 -20.18 38.37 14.31
N VAL C 43 -19.79 38.08 13.07
CA VAL C 43 -18.51 37.41 12.79
C VAL C 43 -17.98 37.80 11.42
N ASN C 44 -16.67 37.89 11.32
CA ASN C 44 -15.97 38.16 10.06
C ASN C 44 -16.28 39.38 9.21
N ALA C 45 -17.03 40.34 9.76
CA ALA C 45 -17.38 41.54 9.00
C ALA C 45 -16.14 42.34 8.60
N PRO C 46 -15.20 42.55 9.53
CA PRO C 46 -14.02 43.32 9.14
C PRO C 46 -13.31 42.71 7.93
N GLY C 47 -13.16 41.39 7.94
CA GLY C 47 -12.50 40.72 6.83
C GLY C 47 -13.22 40.99 5.52
N VAL C 48 -14.51 40.65 5.49
CA VAL C 48 -15.33 40.85 4.31
C VAL C 48 -15.28 42.30 3.87
N THR C 49 -15.24 43.21 4.84
CA THR C 49 -15.21 44.63 4.52
C THR C 49 -13.89 45.01 3.88
N ALA C 50 -12.78 44.52 4.44
CA ALA C 50 -11.49 44.85 3.87
C ALA C 50 -11.47 44.42 2.42
N ASP C 51 -11.95 43.20 2.17
CA ASP C 51 -12.01 42.61 0.84
C ASP C 51 -12.82 43.53 -0.10
N ILE C 52 -14.06 43.82 0.28
CA ILE C 52 -14.94 44.65 -0.53
C ILE C 52 -14.37 46.05 -0.76
N SER C 53 -13.65 46.56 0.24
CA SER C 53 -13.07 47.90 0.16
C SER C 53 -12.09 48.10 -0.99
N HIS C 54 -11.45 47.03 -1.44
CA HIS C 54 -10.50 47.17 -2.53
C HIS C 54 -11.11 47.37 -3.91
N MET C 55 -12.37 47.02 -4.07
CA MET C 55 -13.04 47.19 -5.35
C MET C 55 -13.14 48.65 -5.74
N ASP C 56 -12.72 48.96 -6.96
CA ASP C 56 -12.72 50.34 -7.44
C ASP C 56 -14.06 50.86 -7.95
N THR C 57 -15.04 50.92 -7.05
CA THR C 57 -16.36 51.42 -7.43
C THR C 57 -16.71 52.64 -6.59
N GLY C 58 -17.80 53.31 -6.93
CA GLY C 58 -18.21 54.50 -6.19
C GLY C 58 -18.53 54.30 -4.72
N ALA C 59 -19.27 53.26 -4.38
CA ALA C 59 -19.66 53.00 -3.01
C ALA C 59 -18.51 52.87 -2.02
N VAL C 60 -18.66 53.56 -0.89
CA VAL C 60 -17.68 53.53 0.19
C VAL C 60 -18.25 52.53 1.19
N VAL C 61 -17.45 51.55 1.60
CA VAL C 61 -17.91 50.52 2.52
C VAL C 61 -17.24 50.59 3.88
N ARG C 62 -18.00 50.24 4.91
CA ARG C 62 -17.50 50.20 6.27
C ARG C 62 -18.05 48.94 6.87
N GLY C 63 -17.32 48.39 7.82
CA GLY C 63 -17.75 47.16 8.46
C GLY C 63 -18.14 47.38 9.91
N PHE C 64 -19.05 46.54 10.39
CA PHE C 64 -19.51 46.65 11.76
C PHE C 64 -19.63 45.25 12.35
N LEU C 65 -18.98 45.04 13.49
CA LEU C 65 -18.97 43.75 14.12
C LEU C 65 -19.58 43.69 15.51
N GLY C 66 -20.61 42.86 15.67
CA GLY C 66 -21.25 42.69 16.96
C GLY C 66 -22.34 43.68 17.30
N GLN C 67 -23.25 43.23 18.17
CA GLN C 67 -24.39 44.02 18.62
C GLN C 67 -24.00 45.43 19.10
N GLN C 68 -22.76 45.58 19.55
CA GLN C 68 -22.33 46.88 20.03
C GLN C 68 -22.04 47.87 18.90
N GLN C 69 -22.13 47.43 17.66
CA GLN C 69 -21.88 48.32 16.54
C GLN C 69 -23.07 48.37 15.57
N LEU C 70 -24.14 47.69 15.95
CA LEU C 70 -25.36 47.65 15.16
C LEU C 70 -25.87 49.06 14.92
N GLU C 71 -25.93 49.87 15.97
CA GLU C 71 -26.41 51.23 15.85
C GLU C 71 -25.59 52.00 14.81
N ALA C 72 -24.28 51.77 14.83
CA ALA C 72 -23.38 52.44 13.92
C ALA C 72 -23.64 52.04 12.48
N ALA C 73 -23.91 50.76 12.27
CA ALA C 73 -24.19 50.29 10.93
C ALA C 73 -25.54 50.79 10.43
N LEU C 74 -26.50 50.93 11.34
CA LEU C 74 -27.85 51.34 10.97
C LEU C 74 -28.17 52.82 10.83
N THR C 75 -27.58 53.65 11.66
CA THR C 75 -27.88 55.08 11.61
C THR C 75 -27.66 55.76 10.27
N GLY C 76 -28.74 56.35 9.75
CA GLY C 76 -28.66 57.06 8.48
C GLY C 76 -28.80 56.23 7.23
N MET C 77 -29.16 54.95 7.36
CA MET C 77 -29.30 54.11 6.17
C MET C 77 -30.65 54.30 5.48
N ASP C 78 -30.63 54.27 4.14
CA ASP C 78 -31.85 54.41 3.36
C ASP C 78 -32.44 53.03 3.12
N LEU C 79 -31.58 52.02 2.99
CA LEU C 79 -32.05 50.68 2.74
C LEU C 79 -31.34 49.66 3.59
N ILE C 80 -32.13 48.78 4.19
CA ILE C 80 -31.57 47.73 5.01
C ILE C 80 -31.92 46.42 4.35
N ILE C 81 -30.89 45.64 4.01
CA ILE C 81 -31.09 44.34 3.40
C ILE C 81 -30.70 43.37 4.49
N VAL C 82 -31.59 42.41 4.78
CA VAL C 82 -31.32 41.46 5.85
C VAL C 82 -31.32 40.00 5.45
N PRO C 83 -30.15 39.48 5.08
CA PRO C 83 -30.04 38.06 4.69
C PRO C 83 -29.71 37.23 5.93
N ALA C 84 -29.57 37.91 7.06
CA ALA C 84 -29.25 37.24 8.32
C ALA C 84 -30.05 35.98 8.56
N GLY C 85 -29.41 34.98 9.15
CA GLY C 85 -30.06 33.71 9.45
C GLY C 85 -29.23 32.50 9.11
N VAL C 86 -29.50 31.37 9.77
CA VAL C 86 -28.76 30.15 9.47
C VAL C 86 -29.53 29.42 8.36
N PRO C 87 -28.81 28.77 7.44
CA PRO C 87 -29.47 28.04 6.35
C PRO C 87 -29.88 26.63 6.79
N ARG C 88 -30.86 26.05 6.10
CA ARG C 88 -31.31 24.73 6.46
C ARG C 88 -30.45 23.63 5.88
N LYS C 89 -30.55 22.46 6.48
CA LYS C 89 -29.81 21.30 6.04
C LYS C 89 -30.79 20.38 5.33
N PRO C 90 -30.29 19.58 4.38
CA PRO C 90 -31.19 18.67 3.66
C PRO C 90 -32.11 17.97 4.66
N GLY C 91 -33.42 18.00 4.41
CA GLY C 91 -34.35 17.37 5.32
C GLY C 91 -35.20 18.32 6.14
N MET C 92 -34.80 19.59 6.18
CA MET C 92 -35.53 20.59 6.94
C MET C 92 -36.43 21.45 6.05
N THR C 93 -37.53 21.95 6.61
CA THR C 93 -38.42 22.84 5.88
C THR C 93 -38.00 24.22 6.32
N ARG C 94 -38.17 25.20 5.44
CA ARG C 94 -37.81 26.57 5.78
C ARG C 94 -38.35 26.94 7.17
N ASP C 95 -39.48 26.35 7.54
CA ASP C 95 -40.10 26.60 8.84
C ASP C 95 -39.27 26.07 10.01
N ASP C 96 -38.47 25.03 9.78
CA ASP C 96 -37.65 24.48 10.85
C ASP C 96 -36.57 25.45 11.34
N LEU C 97 -36.32 26.49 10.56
CA LEU C 97 -35.31 27.48 10.91
C LEU C 97 -35.91 28.56 11.81
N PHE C 98 -37.20 28.42 12.12
CA PHE C 98 -37.90 29.41 12.91
C PHE C 98 -37.32 29.85 14.26
N LYS C 99 -37.09 28.91 15.17
CA LYS C 99 -36.61 29.28 16.49
C LYS C 99 -35.33 30.10 16.52
N ILE C 100 -34.32 29.70 15.76
CA ILE C 100 -33.09 30.45 15.73
C ILE C 100 -33.21 31.75 14.92
N ASN C 101 -33.78 31.66 13.74
CA ASN C 101 -33.93 32.84 12.90
C ASN C 101 -34.92 33.88 13.40
N ALA C 102 -36.00 33.43 14.02
CA ALA C 102 -36.99 34.36 14.54
C ALA C 102 -36.26 35.30 15.51
N GLY C 103 -35.47 34.69 16.40
CA GLY C 103 -34.71 35.45 17.37
C GLY C 103 -33.79 36.48 16.74
N ILE C 104 -33.03 36.07 15.75
CA ILE C 104 -32.11 36.97 15.06
C ILE C 104 -32.85 38.12 14.39
N VAL C 105 -33.96 37.81 13.73
CA VAL C 105 -34.74 38.85 13.07
C VAL C 105 -35.25 39.84 14.10
N LYS C 106 -35.71 39.30 15.23
CA LYS C 106 -36.24 40.16 16.27
C LYS C 106 -35.25 41.22 16.75
N THR C 107 -34.06 40.81 17.18
CA THR C 107 -33.09 41.79 17.65
C THR C 107 -32.66 42.75 16.54
N LEU C 108 -32.47 42.24 15.32
CA LEU C 108 -32.10 43.10 14.22
C LEU C 108 -33.17 44.17 13.99
N CYS C 109 -34.43 43.75 13.97
CA CYS C 109 -35.50 44.72 13.76
C CYS C 109 -35.60 45.73 14.91
N GLU C 110 -35.29 45.30 16.13
CA GLU C 110 -35.34 46.24 17.26
C GLU C 110 -34.31 47.33 17.01
N GLY C 111 -33.20 46.96 16.40
CA GLY C 111 -32.15 47.92 16.12
C GLY C 111 -32.58 48.86 15.00
N ILE C 112 -33.28 48.30 14.03
CA ILE C 112 -33.75 49.10 12.90
C ILE C 112 -34.78 50.09 13.42
N ALA C 113 -35.68 49.60 14.27
CA ALA C 113 -36.72 50.44 14.85
C ALA C 113 -36.12 51.62 15.59
N LYS C 114 -34.96 51.40 16.20
CA LYS C 114 -34.29 52.44 16.98
C LYS C 114 -33.40 53.39 16.21
N CYS C 115 -32.63 52.85 15.27
CA CYS C 115 -31.66 53.63 14.51
C CYS C 115 -32.09 54.20 13.16
N CYS C 116 -32.91 53.46 12.43
CA CYS C 116 -33.37 53.91 11.12
C CYS C 116 -34.81 53.44 10.92
N PRO C 117 -35.74 54.04 11.69
CA PRO C 117 -37.16 53.66 11.60
C PRO C 117 -37.82 54.01 10.26
N ARG C 118 -37.13 54.78 9.42
CA ARG C 118 -37.69 55.18 8.14
C ARG C 118 -37.01 54.56 6.93
N ALA C 119 -36.01 53.72 7.18
CA ALA C 119 -35.30 53.06 6.10
C ALA C 119 -36.20 51.98 5.49
N ILE C 120 -35.96 51.68 4.22
CA ILE C 120 -36.70 50.61 3.57
C ILE C 120 -36.02 49.31 4.01
N VAL C 121 -36.81 48.32 4.38
CA VAL C 121 -36.25 47.04 4.80
C VAL C 121 -36.58 45.95 3.78
N ASN C 122 -35.55 45.18 3.42
CA ASN C 122 -35.69 44.06 2.50
C ASN C 122 -35.31 42.86 3.35
N LEU C 123 -36.31 42.20 3.91
CA LEU C 123 -36.09 41.06 4.79
C LEU C 123 -36.03 39.76 4.01
N ILE C 124 -34.90 39.06 4.10
CA ILE C 124 -34.72 37.81 3.38
C ILE C 124 -34.85 36.59 4.30
N SER C 125 -34.34 36.76 5.52
CA SER C 125 -34.33 35.74 6.55
C SER C 125 -35.50 34.76 6.55
N ASN C 126 -35.21 33.47 6.45
CA ASN C 126 -36.25 32.45 6.46
C ASN C 126 -36.68 32.08 7.87
N PRO C 127 -37.97 31.72 8.06
CA PRO C 127 -38.97 31.66 6.98
C PRO C 127 -39.72 33.01 6.82
N VAL C 128 -39.53 33.62 5.66
CA VAL C 128 -40.14 34.90 5.35
C VAL C 128 -41.61 34.97 5.68
N ASN C 129 -42.34 33.89 5.40
CA ASN C 129 -43.78 33.88 5.68
C ASN C 129 -44.06 34.22 7.14
N SER C 130 -43.09 33.96 8.02
CA SER C 130 -43.24 34.25 9.44
C SER C 130 -42.38 35.41 9.92
N THR C 131 -41.17 35.56 9.36
CA THR C 131 -40.30 36.63 9.84
C THR C 131 -40.75 38.05 9.48
N VAL C 132 -41.43 38.22 8.35
CA VAL C 132 -41.92 39.53 7.98
C VAL C 132 -42.95 39.94 9.04
N PRO C 133 -43.90 39.04 9.36
CA PRO C 133 -44.89 39.40 10.38
C PRO C 133 -44.20 39.72 11.71
N ILE C 134 -43.10 39.01 11.99
CA ILE C 134 -42.34 39.25 13.21
C ILE C 134 -41.77 40.65 13.16
N ALA C 135 -41.21 41.02 12.02
CA ALA C 135 -40.63 42.35 11.84
C ALA C 135 -41.70 43.39 12.07
N ALA C 136 -42.86 43.19 11.44
CA ALA C 136 -43.95 44.13 11.57
C ALA C 136 -44.34 44.29 13.05
N GLU C 137 -44.50 43.18 13.75
CA GLU C 137 -44.87 43.26 15.15
C GLU C 137 -43.81 43.98 15.98
N VAL C 138 -42.54 43.76 15.66
CA VAL C 138 -41.48 44.45 16.39
C VAL C 138 -41.60 45.96 16.19
N PHE C 139 -41.83 46.39 14.96
CA PHE C 139 -41.95 47.83 14.69
C PHE C 139 -43.20 48.40 15.36
N LYS C 140 -44.30 47.65 15.32
CA LYS C 140 -45.54 48.10 15.94
C LYS C 140 -45.30 48.34 17.42
N LYS C 141 -44.66 47.39 18.08
CA LYS C 141 -44.39 47.52 19.51
C LYS C 141 -43.47 48.70 19.81
N ALA C 142 -42.63 49.06 18.83
CA ALA C 142 -41.70 50.17 18.97
C ALA C 142 -42.30 51.48 18.49
N GLY C 143 -43.53 51.41 18.00
CA GLY C 143 -44.21 52.60 17.51
C GLY C 143 -43.57 53.25 16.30
N THR C 144 -42.95 52.45 15.42
CA THR C 144 -42.31 52.97 14.22
C THR C 144 -42.80 52.30 12.95
N TYR C 145 -43.78 51.42 13.09
CA TYR C 145 -44.29 50.67 11.95
C TYR C 145 -44.87 51.45 10.78
N ASP C 146 -44.28 51.23 9.62
CA ASP C 146 -44.71 51.83 8.36
C ASP C 146 -44.87 50.62 7.45
N PRO C 147 -46.10 50.16 7.22
CA PRO C 147 -46.33 49.01 6.36
C PRO C 147 -45.78 49.11 4.94
N LYS C 148 -45.49 50.31 4.47
CA LYS C 148 -44.96 50.41 3.11
C LYS C 148 -43.44 50.42 3.04
N ARG C 149 -42.79 50.17 4.17
CA ARG C 149 -41.34 50.17 4.24
C ARG C 149 -40.80 48.80 4.61
N LEU C 150 -41.68 47.81 4.68
CA LEU C 150 -41.27 46.46 5.05
C LEU C 150 -41.53 45.51 3.91
N LEU C 151 -40.48 44.89 3.37
CA LEU C 151 -40.68 43.96 2.26
C LEU C 151 -39.96 42.64 2.41
N GLY C 152 -40.75 41.57 2.36
CA GLY C 152 -40.16 40.25 2.43
C GLY C 152 -39.71 39.97 1.01
N VAL C 153 -38.41 39.73 0.85
CA VAL C 153 -37.86 39.48 -0.49
C VAL C 153 -38.26 38.11 -1.04
N THR C 154 -39.05 38.13 -2.11
CA THR C 154 -39.51 36.90 -2.73
C THR C 154 -38.96 36.80 -4.15
N MET C 155 -38.14 37.78 -4.52
CA MET C 155 -37.54 37.85 -5.85
C MET C 155 -36.97 36.55 -6.41
N LEU C 156 -36.42 35.69 -5.56
CA LEU C 156 -35.84 34.45 -6.05
C LEU C 156 -36.88 33.54 -6.67
N ASP C 157 -38.12 33.59 -6.20
CA ASP C 157 -39.18 32.76 -6.77
C ASP C 157 -39.49 33.26 -8.18
N VAL C 158 -39.39 34.57 -8.37
CA VAL C 158 -39.66 35.15 -9.68
C VAL C 158 -38.51 34.80 -10.61
N VAL C 159 -37.29 34.89 -10.10
CA VAL C 159 -36.12 34.55 -10.88
C VAL C 159 -36.18 33.11 -11.33
N ARG C 160 -36.48 32.22 -10.39
CA ARG C 160 -36.57 30.81 -10.74
C ARG C 160 -37.69 30.56 -11.73
N ALA C 161 -38.84 31.19 -11.51
CA ALA C 161 -39.97 31.01 -12.42
C ALA C 161 -39.58 31.46 -13.81
N ASN C 162 -38.90 32.61 -13.89
CA ASN C 162 -38.47 33.13 -15.16
C ASN C 162 -37.55 32.14 -15.86
N THR C 163 -36.58 31.62 -15.11
CA THR C 163 -35.64 30.68 -15.66
C THR C 163 -36.34 29.44 -16.20
N PHE C 164 -37.10 28.77 -15.34
CA PHE C 164 -37.79 27.54 -15.73
C PHE C 164 -38.84 27.72 -16.84
N VAL C 165 -39.55 28.84 -16.81
CA VAL C 165 -40.55 29.08 -17.84
C VAL C 165 -39.80 29.34 -19.15
N ALA C 166 -38.71 30.09 -19.08
CA ALA C 166 -37.95 30.38 -20.27
C ALA C 166 -37.42 29.08 -20.89
N GLU C 167 -36.97 28.16 -20.04
CA GLU C 167 -36.44 26.89 -20.53
C GLU C 167 -37.53 26.03 -21.16
N VAL C 168 -38.70 25.98 -20.55
CA VAL C 168 -39.79 25.19 -21.10
C VAL C 168 -40.29 25.72 -22.43
N LEU C 169 -40.35 27.04 -22.57
CA LEU C 169 -40.82 27.68 -23.79
C LEU C 169 -39.72 27.95 -24.80
N GLY C 170 -38.47 27.68 -24.42
CA GLY C 170 -37.36 27.92 -25.33
C GLY C 170 -37.12 29.40 -25.58
N LEU C 171 -37.37 30.21 -24.56
CA LEU C 171 -37.17 31.64 -24.68
C LEU C 171 -35.99 32.08 -23.84
N ASP C 172 -35.57 33.31 -24.04
CA ASP C 172 -34.47 33.84 -23.26
C ASP C 172 -35.11 34.33 -21.95
N PRO C 173 -34.64 33.81 -20.81
CA PRO C 173 -35.20 34.20 -19.51
C PRO C 173 -35.25 35.70 -19.27
N ARG C 174 -34.33 36.45 -19.90
CA ARG C 174 -34.32 37.89 -19.71
C ARG C 174 -35.58 38.52 -20.31
N ASP C 175 -36.22 37.85 -21.26
CA ASP C 175 -37.42 38.39 -21.88
C ASP C 175 -38.67 37.80 -21.27
N VAL C 176 -38.53 37.16 -20.12
CA VAL C 176 -39.67 36.54 -19.48
C VAL C 176 -39.97 37.11 -18.10
N ASP C 177 -41.25 37.31 -17.82
CA ASP C 177 -41.66 37.78 -16.51
C ASP C 177 -42.84 36.98 -16.00
N VAL C 178 -42.64 36.29 -14.89
CA VAL C 178 -43.68 35.48 -14.30
C VAL C 178 -44.05 36.00 -12.93
N PRO C 179 -45.27 36.51 -12.77
CA PRO C 179 -45.64 37.01 -11.44
C PRO C 179 -45.71 35.81 -10.49
N VAL C 180 -45.30 35.99 -9.24
CA VAL C 180 -45.37 34.93 -8.24
C VAL C 180 -46.01 35.55 -7.00
N VAL C 181 -47.10 34.96 -6.54
CA VAL C 181 -47.81 35.51 -5.40
C VAL C 181 -47.87 34.51 -4.27
N GLY C 182 -48.46 34.94 -3.15
CA GLY C 182 -48.57 34.06 -2.00
C GLY C 182 -47.52 34.34 -0.95
N GLY C 183 -46.61 33.39 -0.77
CA GLY C 183 -45.54 33.54 0.20
C GLY C 183 -44.31 32.85 -0.35
N HIS C 184 -43.32 32.60 0.50
CA HIS C 184 -42.10 31.96 0.04
C HIS C 184 -41.80 30.60 0.65
N ALA C 185 -42.70 29.65 0.50
CA ALA C 185 -42.47 28.32 1.05
C ALA C 185 -43.49 27.29 0.53
N GLY C 186 -42.98 26.20 -0.03
CA GLY C 186 -43.85 25.16 -0.54
C GLY C 186 -44.99 25.62 -1.43
N VAL C 187 -46.21 25.17 -1.12
CA VAL C 187 -47.38 25.50 -1.91
C VAL C 187 -47.82 26.95 -1.74
N THR C 188 -47.09 27.67 -0.91
CA THR C 188 -47.40 29.06 -0.68
C THR C 188 -46.84 29.89 -1.86
N ILE C 189 -45.86 29.33 -2.58
CA ILE C 189 -45.25 29.98 -3.74
C ILE C 189 -46.15 29.70 -4.94
N LEU C 190 -46.92 30.69 -5.36
CA LEU C 190 -47.84 30.47 -6.47
C LEU C 190 -47.48 31.21 -7.76
N PRO C 191 -46.86 30.50 -8.71
CA PRO C 191 -46.46 31.11 -9.98
C PRO C 191 -47.69 31.25 -10.88
N LEU C 192 -47.95 32.45 -11.35
CA LEU C 192 -49.12 32.69 -12.20
C LEU C 192 -48.76 32.65 -13.68
N LEU C 193 -48.66 31.43 -14.21
CA LEU C 193 -48.32 31.22 -15.61
C LEU C 193 -49.33 31.89 -16.56
N SER C 194 -50.57 31.99 -16.12
CA SER C 194 -51.60 32.61 -16.95
C SER C 194 -51.32 34.09 -17.14
N GLN C 195 -50.37 34.64 -16.37
CA GLN C 195 -50.06 36.07 -16.50
C GLN C 195 -48.63 36.32 -16.98
N VAL C 196 -47.95 35.26 -17.42
CA VAL C 196 -46.58 35.38 -17.92
C VAL C 196 -46.48 36.35 -19.09
N LYS C 197 -45.31 36.97 -19.23
CA LYS C 197 -45.02 37.87 -20.34
C LYS C 197 -43.75 37.30 -20.95
N PRO C 198 -43.69 37.19 -22.28
CA PRO C 198 -44.75 37.57 -23.23
C PRO C 198 -45.86 36.53 -23.18
N PRO C 199 -47.11 36.90 -23.53
CA PRO C 199 -48.22 35.95 -23.50
C PRO C 199 -47.82 34.60 -24.11
N SER C 200 -48.08 33.54 -23.37
CA SER C 200 -47.72 32.21 -23.81
C SER C 200 -48.75 31.24 -23.29
N SER C 201 -48.96 30.17 -24.03
CA SER C 201 -49.90 29.15 -23.60
C SER C 201 -49.03 28.00 -23.12
N PHE C 202 -49.52 27.26 -22.15
CA PHE C 202 -48.77 26.14 -21.59
C PHE C 202 -49.61 24.87 -21.63
N THR C 203 -48.97 23.72 -21.78
CA THR C 203 -49.72 22.46 -21.79
C THR C 203 -49.95 22.11 -20.32
N GLN C 204 -50.82 21.14 -20.08
CA GLN C 204 -51.11 20.73 -18.72
C GLN C 204 -49.82 20.23 -18.09
N GLU C 205 -49.10 19.45 -18.88
CA GLU C 205 -47.84 18.84 -18.50
C GLU C 205 -46.81 19.89 -18.07
N GLU C 206 -46.73 20.99 -18.81
CA GLU C 206 -45.78 22.04 -18.48
C GLU C 206 -46.22 22.81 -17.24
N ILE C 207 -47.51 23.07 -17.11
CA ILE C 207 -47.99 23.80 -15.96
C ILE C 207 -47.74 23.06 -14.68
N SER C 208 -48.07 21.77 -14.67
CA SER C 208 -47.89 20.97 -13.47
C SER C 208 -46.41 20.87 -13.10
N TYR C 209 -45.55 20.73 -14.11
CA TYR C 209 -44.11 20.65 -13.90
C TYR C 209 -43.53 21.92 -13.28
N LEU C 210 -43.90 23.07 -13.84
CA LEU C 210 -43.42 24.35 -13.34
C LEU C 210 -43.82 24.61 -11.88
N THR C 211 -45.03 24.20 -11.51
CA THR C 211 -45.47 24.38 -10.13
C THR C 211 -44.53 23.64 -9.20
N ASP C 212 -44.33 22.34 -9.46
CA ASP C 212 -43.43 21.55 -8.61
C ASP C 212 -42.02 22.12 -8.66
N ARG C 213 -41.52 22.35 -9.87
CA ARG C 213 -40.16 22.86 -10.03
C ARG C 213 -39.93 24.17 -9.30
N ILE C 214 -40.86 25.10 -9.44
CA ILE C 214 -40.74 26.41 -8.79
C ILE C 214 -40.94 26.38 -7.28
N GLN C 215 -41.93 25.65 -6.80
CA GLN C 215 -42.17 25.61 -5.38
C GLN C 215 -41.10 24.83 -4.62
N ASN C 216 -40.32 24.02 -5.32
CA ASN C 216 -39.30 23.22 -4.65
C ASN C 216 -37.87 23.62 -4.99
N GLY C 217 -37.74 24.68 -5.78
CA GLY C 217 -36.42 25.14 -6.17
C GLY C 217 -35.47 25.30 -5.00
N GLY C 218 -35.93 25.94 -3.93
CA GLY C 218 -35.08 26.11 -2.79
C GLY C 218 -34.60 24.77 -2.28
N THR C 219 -35.54 23.86 -2.05
CA THR C 219 -35.20 22.54 -1.55
C THR C 219 -34.23 21.86 -2.52
N GLU C 220 -34.53 21.96 -3.81
CA GLU C 220 -33.68 21.38 -4.84
C GLU C 220 -32.22 21.79 -4.61
N VAL C 221 -31.96 23.08 -4.45
CA VAL C 221 -30.60 23.55 -4.22
C VAL C 221 -30.01 23.00 -2.91
N VAL C 222 -30.82 22.96 -1.85
CA VAL C 222 -30.34 22.42 -0.58
C VAL C 222 -29.87 20.97 -0.76
N GLU C 223 -30.68 20.16 -1.44
CA GLU C 223 -30.33 18.77 -1.68
C GLU C 223 -29.01 18.68 -2.44
N ALA C 224 -28.85 19.49 -3.48
CA ALA C 224 -27.64 19.45 -4.28
C ALA C 224 -26.37 19.89 -3.54
N LYS C 225 -26.52 20.74 -2.53
CA LYS C 225 -25.35 21.21 -1.80
C LYS C 225 -24.99 20.22 -0.69
N ALA C 226 -25.84 19.23 -0.50
CA ALA C 226 -25.62 18.17 0.49
C ALA C 226 -25.01 18.65 1.80
N GLY C 227 -25.78 19.42 2.57
CA GLY C 227 -25.30 19.89 3.85
C GLY C 227 -24.38 21.11 3.82
N ALA C 228 -24.18 21.70 2.65
CA ALA C 228 -23.32 22.87 2.57
C ALA C 228 -24.14 24.12 2.29
N GLY C 229 -25.21 24.30 3.06
CA GLY C 229 -26.05 25.47 2.89
C GLY C 229 -27.10 25.41 1.80
N SER C 230 -27.84 26.50 1.67
CA SER C 230 -28.89 26.61 0.65
C SER C 230 -28.51 27.64 -0.40
N ALA C 231 -29.46 28.05 -1.23
CA ALA C 231 -29.19 29.02 -2.29
C ALA C 231 -28.43 30.22 -1.75
N THR C 232 -27.35 30.56 -2.43
CA THR C 232 -26.48 31.64 -2.02
C THR C 232 -26.23 32.69 -3.13
N LEU C 233 -25.73 32.22 -4.27
CA LEU C 233 -25.41 33.11 -5.38
C LEU C 233 -26.67 33.59 -6.08
N SER C 234 -27.55 32.68 -6.47
CA SER C 234 -28.79 33.07 -7.13
C SER C 234 -29.57 33.98 -6.17
N MET C 235 -29.51 33.67 -4.88
CA MET C 235 -30.19 34.48 -3.87
C MET C 235 -29.56 35.88 -3.79
N ALA C 236 -28.24 35.94 -3.76
CA ALA C 236 -27.57 37.23 -3.72
C ALA C 236 -27.98 38.03 -4.93
N TYR C 237 -28.00 37.34 -6.07
CA TYR C 237 -28.35 37.94 -7.33
C TYR C 237 -29.77 38.47 -7.31
N ALA C 238 -30.69 37.69 -6.77
CA ALA C 238 -32.08 38.09 -6.70
C ALA C 238 -32.26 39.26 -5.75
N ALA C 239 -31.61 39.17 -4.60
CA ALA C 239 -31.69 40.22 -3.60
C ALA C 239 -31.19 41.54 -4.13
N VAL C 240 -30.15 41.50 -4.94
CA VAL C 240 -29.62 42.73 -5.47
C VAL C 240 -30.57 43.29 -6.48
N LYS C 241 -31.15 42.42 -7.30
CA LYS C 241 -32.11 42.89 -8.28
C LYS C 241 -33.23 43.60 -7.51
N PHE C 242 -33.72 42.98 -6.45
CA PHE C 242 -34.78 43.59 -5.69
C PHE C 242 -34.29 44.86 -5.00
N ALA C 243 -33.07 44.83 -4.48
CA ALA C 243 -32.52 46.00 -3.81
C ALA C 243 -32.42 47.17 -4.78
N ASP C 244 -31.92 46.88 -5.98
CA ASP C 244 -31.77 47.90 -6.99
C ASP C 244 -33.13 48.52 -7.32
N ALA C 245 -34.15 47.68 -7.44
CA ALA C 245 -35.50 48.19 -7.74
C ALA C 245 -35.96 49.17 -6.67
N CYS C 246 -35.74 48.83 -5.40
CA CYS C 246 -36.14 49.71 -4.30
C CYS C 246 -35.40 51.04 -4.40
N LEU C 247 -34.13 50.99 -4.81
CA LEU C 247 -33.34 52.20 -4.93
C LEU C 247 -33.87 53.05 -6.07
N ARG C 248 -34.19 52.41 -7.18
CA ARG C 248 -34.73 53.12 -8.33
C ARG C 248 -36.06 53.70 -7.92
N GLY C 249 -36.72 53.04 -6.98
CA GLY C 249 -37.99 53.56 -6.49
C GLY C 249 -37.69 54.80 -5.65
N LEU C 250 -36.69 54.71 -4.80
CA LEU C 250 -36.32 55.84 -3.95
C LEU C 250 -35.82 57.02 -4.78
N ARG C 251 -35.21 56.72 -5.92
CA ARG C 251 -34.71 57.78 -6.78
C ARG C 251 -35.87 58.58 -7.35
N GLY C 252 -37.02 57.91 -7.49
CA GLY C 252 -38.21 58.56 -8.02
C GLY C 252 -38.66 57.99 -9.35
N ASP C 253 -38.01 56.93 -9.81
CA ASP C 253 -38.35 56.30 -11.07
C ASP C 253 -39.80 55.87 -11.08
N ALA C 254 -40.39 55.87 -12.27
CA ALA C 254 -41.78 55.46 -12.41
C ALA C 254 -41.83 54.00 -12.83
N GLY C 255 -43.00 53.39 -12.65
CA GLY C 255 -43.20 52.01 -13.06
C GLY C 255 -42.25 50.94 -12.57
N VAL C 256 -41.69 51.11 -11.38
CA VAL C 256 -40.79 50.12 -10.81
C VAL C 256 -41.71 49.12 -10.09
N ILE C 257 -42.05 48.04 -10.79
CA ILE C 257 -42.96 47.03 -10.27
C ILE C 257 -42.27 45.68 -10.08
N GLU C 258 -42.49 45.08 -8.91
CA GLU C 258 -41.90 43.81 -8.56
C GLU C 258 -42.77 43.10 -7.55
N CYS C 259 -42.66 41.78 -7.48
CA CYS C 259 -43.42 40.98 -6.53
C CYS C 259 -42.67 40.99 -5.21
N ALA C 260 -43.39 41.00 -4.10
CA ALA C 260 -42.74 40.99 -2.79
C ALA C 260 -43.75 40.59 -1.73
N PHE C 261 -43.26 40.05 -0.62
CA PHE C 261 -44.15 39.66 0.46
C PHE C 261 -44.29 40.90 1.31
N VAL C 262 -45.50 41.43 1.36
CA VAL C 262 -45.73 42.68 2.09
C VAL C 262 -47.09 42.70 2.76
N SER C 263 -47.25 43.72 3.60
CA SER C 263 -48.51 43.96 4.28
C SER C 263 -49.44 44.43 3.19
N SER C 264 -50.61 43.81 3.08
CA SER C 264 -51.57 44.22 2.05
C SER C 264 -52.99 43.79 2.37
N GLN C 265 -53.91 44.19 1.51
CA GLN C 265 -55.31 43.84 1.67
C GLN C 265 -55.78 43.23 0.36
N VAL C 266 -54.81 42.72 -0.39
CA VAL C 266 -55.08 42.08 -1.67
C VAL C 266 -55.84 40.75 -1.44
N THR C 267 -55.77 40.27 -0.21
CA THR C 267 -56.48 39.06 0.20
C THR C 267 -56.90 39.33 1.64
N GLU C 268 -57.56 38.37 2.27
CA GLU C 268 -57.97 38.55 3.65
C GLU C 268 -56.77 38.46 4.60
N LEU C 269 -55.65 37.90 4.13
CA LEU C 269 -54.48 37.78 5.00
C LEU C 269 -53.77 39.10 5.14
N PRO C 270 -53.18 39.36 6.33
CA PRO C 270 -52.47 40.61 6.58
C PRO C 270 -51.21 40.78 5.74
N PHE C 271 -50.60 39.67 5.33
CA PHE C 271 -49.41 39.72 4.50
C PHE C 271 -49.59 38.82 3.28
N PHE C 272 -49.00 39.21 2.16
CA PHE C 272 -49.11 38.42 0.95
C PHE C 272 -48.10 38.91 -0.09
N ALA C 273 -47.62 38.01 -0.93
CA ALA C 273 -46.69 38.40 -1.98
C ALA C 273 -47.54 38.69 -3.20
N SER C 274 -47.25 39.82 -3.84
CA SER C 274 -47.97 40.24 -5.03
C SER C 274 -47.16 41.32 -5.70
N LYS C 275 -47.65 41.84 -6.81
CA LYS C 275 -46.94 42.90 -7.50
C LYS C 275 -47.13 44.19 -6.70
N VAL C 276 -46.05 44.96 -6.57
CA VAL C 276 -46.12 46.23 -5.87
C VAL C 276 -45.30 47.25 -6.64
N ARG C 277 -45.71 48.51 -6.61
CA ARG C 277 -44.96 49.54 -7.28
C ARG C 277 -44.11 50.16 -6.19
N LEU C 278 -42.84 50.40 -6.47
CA LEU C 278 -41.95 51.00 -5.48
C LEU C 278 -41.66 52.46 -5.81
N GLY C 279 -41.76 53.32 -4.81
CA GLY C 279 -41.51 54.73 -5.01
C GLY C 279 -40.58 55.32 -3.97
N ARG C 280 -40.63 56.64 -3.84
CA ARG C 280 -39.79 57.37 -2.91
C ARG C 280 -39.93 56.98 -1.44
N ASN C 281 -41.07 56.44 -1.03
CA ASN C 281 -41.23 56.05 0.37
C ASN C 281 -41.44 54.55 0.56
N GLY C 282 -40.89 53.78 -0.36
CA GLY C 282 -41.03 52.33 -0.31
C GLY C 282 -42.17 51.91 -1.22
N ILE C 283 -43.09 51.11 -0.69
CA ILE C 283 -44.23 50.65 -1.47
C ILE C 283 -45.21 51.80 -1.66
N GLU C 284 -45.45 52.18 -2.92
CA GLU C 284 -46.39 53.25 -3.20
C GLU C 284 -47.78 52.67 -3.46
N GLU C 285 -47.83 51.39 -3.80
CA GLU C 285 -49.08 50.72 -4.06
C GLU C 285 -48.94 49.21 -4.22
N VAL C 286 -49.86 48.48 -3.61
CA VAL C 286 -49.88 47.03 -3.68
C VAL C 286 -50.94 46.66 -4.69
N TYR C 287 -50.56 45.92 -5.72
CA TYR C 287 -51.51 45.52 -6.76
C TYR C 287 -52.24 44.21 -6.47
N SER C 288 -53.39 44.07 -7.11
CA SER C 288 -54.23 42.89 -6.99
C SER C 288 -53.49 41.66 -7.53
N LEU C 289 -54.02 40.48 -7.24
CA LEU C 289 -53.41 39.26 -7.74
C LEU C 289 -53.84 39.20 -9.20
N GLY C 290 -54.94 39.89 -9.50
CA GLY C 290 -55.47 39.92 -10.86
C GLY C 290 -56.25 38.67 -11.20
N PRO C 291 -56.39 38.34 -12.49
CA PRO C 291 -57.12 37.14 -12.91
C PRO C 291 -56.29 35.88 -12.78
N LEU C 292 -56.89 34.83 -12.23
CA LEU C 292 -56.24 33.53 -12.07
C LEU C 292 -57.14 32.48 -12.70
N ASN C 293 -56.55 31.48 -13.35
CA ASN C 293 -57.36 30.43 -13.95
C ASN C 293 -57.68 29.39 -12.86
N GLU C 294 -58.50 28.41 -13.19
CA GLU C 294 -58.90 27.39 -12.23
C GLU C 294 -57.75 26.76 -11.46
N TYR C 295 -56.72 26.36 -12.20
CA TYR C 295 -55.54 25.74 -11.61
C TYR C 295 -54.94 26.68 -10.58
N GLU C 296 -54.71 27.93 -10.97
CA GLU C 296 -54.13 28.89 -10.06
C GLU C 296 -55.06 29.18 -8.90
N ARG C 297 -56.36 29.15 -9.16
CA ARG C 297 -57.32 29.38 -8.09
C ARG C 297 -57.21 28.28 -7.06
N ILE C 298 -56.98 27.04 -7.51
CA ILE C 298 -56.86 25.92 -6.59
C ILE C 298 -55.56 26.04 -5.81
N GLY C 299 -54.53 26.54 -6.46
CA GLY C 299 -53.26 26.70 -5.78
C GLY C 299 -53.31 27.87 -4.81
N LEU C 300 -54.06 28.92 -5.16
CA LEU C 300 -54.17 30.08 -4.30
C LEU C 300 -54.79 29.68 -2.96
N GLU C 301 -55.87 28.90 -3.03
CA GLU C 301 -56.56 28.44 -1.82
C GLU C 301 -55.60 27.68 -0.91
N LYS C 302 -54.78 26.82 -1.52
CA LYS C 302 -53.80 26.07 -0.75
C LYS C 302 -52.82 27.02 -0.10
N ALA C 303 -52.35 28.00 -0.88
CA ALA C 303 -51.39 28.98 -0.37
C ALA C 303 -51.91 29.77 0.82
N LYS C 304 -53.18 30.19 0.73
CA LYS C 304 -53.80 30.96 1.81
C LYS C 304 -53.95 30.17 3.09
N LYS C 305 -54.44 28.95 2.98
CA LYS C 305 -54.63 28.13 4.17
C LYS C 305 -53.36 27.85 4.95
N GLU C 306 -52.23 27.71 4.24
CA GLU C 306 -50.98 27.45 4.93
C GLU C 306 -50.35 28.75 5.39
N LEU C 307 -50.47 29.79 4.58
CA LEU C 307 -49.87 31.07 4.91
C LEU C 307 -50.44 31.61 6.23
N ALA C 308 -51.74 31.49 6.42
CA ALA C 308 -52.38 31.97 7.64
C ALA C 308 -51.65 31.50 8.91
N GLY C 309 -51.34 30.21 8.96
CA GLY C 309 -50.65 29.67 10.13
C GLY C 309 -49.24 30.21 10.27
N SER C 310 -48.56 30.38 9.14
CA SER C 310 -47.20 30.89 9.14
C SER C 310 -47.17 32.34 9.64
N ILE C 311 -48.21 33.09 9.32
CA ILE C 311 -48.29 34.47 9.76
C ILE C 311 -48.56 34.54 11.26
N GLU C 312 -49.55 33.78 11.72
CA GLU C 312 -49.89 33.82 13.13
C GLU C 312 -48.71 33.34 13.97
N LYS C 313 -47.93 32.42 13.43
CA LYS C 313 -46.78 31.92 14.15
C LYS C 313 -45.83 33.08 14.43
N GLY C 314 -45.58 33.88 13.41
CA GLY C 314 -44.68 35.02 13.55
C GLY C 314 -45.28 36.13 14.39
N VAL C 315 -46.55 36.48 14.13
CA VAL C 315 -47.21 37.54 14.89
C VAL C 315 -47.17 37.18 16.38
N SER C 316 -47.45 35.92 16.67
CA SER C 316 -47.49 35.42 18.03
C SER C 316 -46.13 35.34 18.71
N PHE C 317 -45.07 35.14 17.94
CA PHE C 317 -43.72 35.06 18.51
C PHE C 317 -43.34 36.36 19.19
N ILE C 318 -44.05 37.43 18.86
CA ILE C 318 -43.76 38.75 19.42
C ILE C 318 -44.82 39.28 20.37
N ARG C 319 -46.09 39.07 20.00
CA ARG C 319 -47.18 39.57 20.83
C ARG C 319 -47.41 38.71 22.08
N SER C 320 -46.60 37.66 22.22
CA SER C 320 -46.71 36.78 23.39
C SER C 320 -45.62 37.12 24.41
N GLY D 8 -22.86 34.62 -28.06
CA GLY D 8 -22.05 34.63 -26.79
C GLY D 8 -20.95 33.60 -26.81
N PHE D 9 -19.99 33.74 -25.89
CA PHE D 9 -18.87 32.82 -25.82
C PHE D 9 -19.05 31.75 -24.77
N LYS D 10 -18.24 30.70 -24.87
CA LYS D 10 -18.33 29.59 -23.94
C LYS D 10 -17.20 29.71 -22.94
N VAL D 11 -17.57 29.97 -21.68
CA VAL D 11 -16.60 30.16 -20.61
C VAL D 11 -16.59 29.00 -19.63
N ALA D 12 -15.39 28.56 -19.25
CA ALA D 12 -15.22 27.49 -18.28
C ALA D 12 -14.50 28.04 -17.06
N ILE D 13 -14.99 27.75 -15.87
CA ILE D 13 -14.36 28.22 -14.64
C ILE D 13 -13.82 27.05 -13.86
N LEU D 14 -12.49 26.94 -13.81
CA LEU D 14 -11.84 25.84 -13.09
C LEU D 14 -11.55 26.22 -11.64
N GLY D 15 -12.36 25.69 -10.73
CA GLY D 15 -12.23 26.00 -9.33
C GLY D 15 -13.44 26.83 -8.94
N ALA D 16 -14.54 26.62 -9.67
CA ALA D 16 -15.77 27.36 -9.44
C ALA D 16 -16.41 27.22 -8.06
N ALA D 17 -16.06 26.19 -7.29
CA ALA D 17 -16.66 26.01 -5.98
C ALA D 17 -15.88 26.64 -4.83
N GLY D 18 -14.81 27.35 -5.16
CA GLY D 18 -13.98 27.99 -4.14
C GLY D 18 -14.42 29.39 -3.76
N GLY D 19 -13.73 29.98 -2.80
CA GLY D 19 -14.06 31.32 -2.34
C GLY D 19 -14.13 32.31 -3.49
N ILE D 20 -13.18 32.25 -4.41
CA ILE D 20 -13.20 33.15 -5.55
C ILE D 20 -14.14 32.59 -6.62
N GLY D 21 -14.06 31.28 -6.81
CA GLY D 21 -14.86 30.60 -7.81
C GLY D 21 -16.35 30.85 -7.79
N GLN D 22 -16.98 30.66 -6.64
CA GLN D 22 -18.42 30.86 -6.55
C GLN D 22 -18.85 32.27 -6.92
N PRO D 23 -18.31 33.30 -6.25
CA PRO D 23 -18.76 34.64 -6.66
C PRO D 23 -18.37 34.96 -8.10
N LEU D 24 -17.29 34.36 -8.57
CA LEU D 24 -16.84 34.58 -9.95
C LEU D 24 -17.87 33.93 -10.87
N ALA D 25 -18.23 32.69 -10.56
CA ALA D 25 -19.21 31.99 -11.37
C ALA D 25 -20.51 32.78 -11.45
N MET D 26 -20.97 33.29 -10.31
CA MET D 26 -22.20 34.06 -10.28
C MET D 26 -22.15 35.26 -11.22
N LEU D 27 -21.01 35.95 -11.23
CA LEU D 27 -20.85 37.11 -12.08
C LEU D 27 -20.77 36.74 -13.55
N MET D 28 -20.19 35.60 -13.86
CA MET D 28 -20.09 35.20 -15.26
C MET D 28 -21.47 34.81 -15.78
N LYS D 29 -22.26 34.18 -14.92
CA LYS D 29 -23.60 33.77 -15.27
C LYS D 29 -24.42 35.02 -15.60
N MET D 30 -23.98 36.17 -15.09
CA MET D 30 -24.68 37.42 -15.33
C MET D 30 -24.20 38.13 -16.58
N ASN D 31 -23.07 37.68 -17.13
CA ASN D 31 -22.53 38.30 -18.32
C ASN D 31 -23.27 37.88 -19.58
N PRO D 32 -23.93 38.84 -20.22
CA PRO D 32 -24.71 38.60 -21.44
C PRO D 32 -23.86 38.12 -22.62
N LEU D 33 -22.55 38.31 -22.55
CA LEU D 33 -21.67 37.86 -23.61
C LEU D 33 -21.40 36.37 -23.40
N VAL D 34 -21.84 35.84 -22.27
CA VAL D 34 -21.62 34.42 -21.99
C VAL D 34 -22.86 33.61 -22.37
N SER D 35 -22.66 32.67 -23.28
CA SER D 35 -23.74 31.82 -23.77
C SER D 35 -23.72 30.51 -23.02
N VAL D 36 -22.53 29.96 -22.85
CA VAL D 36 -22.36 28.70 -22.15
C VAL D 36 -21.29 28.86 -21.08
N LEU D 37 -21.62 28.41 -19.87
CA LEU D 37 -20.74 28.49 -18.72
C LEU D 37 -20.57 27.13 -18.07
N HIS D 38 -19.34 26.66 -18.04
CA HIS D 38 -19.04 25.37 -17.43
C HIS D 38 -18.35 25.57 -16.08
N LEU D 39 -18.98 25.09 -15.02
CA LEU D 39 -18.41 25.21 -13.68
C LEU D 39 -17.74 23.92 -13.27
N TYR D 40 -16.42 23.91 -13.24
CA TYR D 40 -15.69 22.72 -12.85
C TYR D 40 -14.93 22.88 -11.54
N ASP D 41 -14.84 21.79 -10.78
CA ASP D 41 -14.11 21.79 -9.53
C ASP D 41 -13.96 20.36 -9.03
N VAL D 42 -13.29 20.21 -7.89
CA VAL D 42 -13.04 18.91 -7.29
C VAL D 42 -14.09 18.51 -6.27
N VAL D 43 -14.80 19.50 -5.72
CA VAL D 43 -15.85 19.25 -4.74
C VAL D 43 -16.94 20.33 -4.89
N ASN D 44 -18.11 20.06 -4.31
CA ASN D 44 -19.24 20.99 -4.33
C ASN D 44 -19.67 21.59 -5.67
N ALA D 45 -19.16 21.08 -6.78
CA ALA D 45 -19.55 21.61 -8.10
C ALA D 45 -21.05 21.43 -8.39
N PRO D 46 -21.62 20.29 -8.01
CA PRO D 46 -23.06 20.08 -8.27
C PRO D 46 -23.93 21.14 -7.59
N GLY D 47 -23.67 21.36 -6.30
CA GLY D 47 -24.43 22.33 -5.55
C GLY D 47 -24.29 23.74 -6.09
N VAL D 48 -23.06 24.18 -6.30
CA VAL D 48 -22.85 25.52 -6.83
C VAL D 48 -23.59 25.67 -8.16
N THR D 49 -23.64 24.59 -8.94
CA THR D 49 -24.28 24.64 -10.24
C THR D 49 -25.79 24.75 -10.14
N ALA D 50 -26.38 23.93 -9.28
CA ALA D 50 -27.81 23.93 -9.08
C ALA D 50 -28.24 25.36 -8.74
N ASP D 51 -27.52 25.94 -7.78
CA ASP D 51 -27.74 27.31 -7.31
C ASP D 51 -27.69 28.28 -8.49
N ILE D 52 -26.55 28.30 -9.18
CA ILE D 52 -26.40 29.21 -10.30
C ILE D 52 -27.36 29.00 -11.46
N SER D 53 -27.77 27.76 -11.70
CA SER D 53 -28.67 27.48 -12.82
C SER D 53 -30.06 28.12 -12.69
N HIS D 54 -30.41 28.59 -11.50
CA HIS D 54 -31.71 29.21 -11.32
C HIS D 54 -31.73 30.69 -11.76
N MET D 55 -30.56 31.30 -11.85
CA MET D 55 -30.48 32.71 -12.25
C MET D 55 -31.06 32.90 -13.65
N ASP D 56 -32.01 33.83 -13.76
CA ASP D 56 -32.68 34.06 -15.02
C ASP D 56 -31.90 34.95 -15.97
N THR D 57 -30.75 34.42 -16.42
CA THR D 57 -29.90 35.12 -17.38
C THR D 57 -29.61 34.22 -18.58
N GLY D 58 -29.06 34.82 -19.63
CA GLY D 58 -28.77 34.07 -20.84
C GLY D 58 -27.87 32.86 -20.74
N ALA D 59 -26.79 32.96 -19.98
CA ALA D 59 -25.84 31.86 -19.85
C ALA D 59 -26.45 30.52 -19.42
N VAL D 60 -26.09 29.46 -20.14
CA VAL D 60 -26.56 28.12 -19.80
C VAL D 60 -25.43 27.48 -19.03
N VAL D 61 -25.68 27.15 -17.76
CA VAL D 61 -24.66 26.57 -16.90
C VAL D 61 -24.73 25.06 -16.72
N ARG D 62 -23.54 24.45 -16.58
CA ARG D 62 -23.42 23.01 -16.36
C ARG D 62 -22.28 22.77 -15.38
N GLY D 63 -22.45 21.78 -14.51
CA GLY D 63 -21.40 21.48 -13.56
C GLY D 63 -20.56 20.29 -13.98
N PHE D 64 -19.32 20.27 -13.53
CA PHE D 64 -18.40 19.19 -13.82
C PHE D 64 -17.61 18.91 -12.54
N LEU D 65 -17.75 17.70 -12.01
CA LEU D 65 -17.10 17.34 -10.74
C LEU D 65 -16.04 16.25 -10.80
N GLY D 66 -14.77 16.65 -10.83
CA GLY D 66 -13.70 15.68 -10.85
C GLY D 66 -12.93 15.53 -12.15
N GLN D 67 -11.68 15.08 -12.03
CA GLN D 67 -10.77 14.86 -13.16
C GLN D 67 -11.45 14.07 -14.28
N GLN D 68 -12.46 13.30 -13.91
CA GLN D 68 -13.22 12.47 -14.83
C GLN D 68 -14.09 13.28 -15.78
N GLN D 69 -14.52 14.47 -15.33
CA GLN D 69 -15.36 15.31 -16.17
C GLN D 69 -14.64 16.55 -16.67
N LEU D 70 -13.38 16.71 -16.31
CA LEU D 70 -12.63 17.87 -16.75
C LEU D 70 -12.66 17.99 -18.26
N GLU D 71 -12.37 16.89 -18.94
CA GLU D 71 -12.38 16.87 -20.39
C GLU D 71 -13.71 17.40 -20.93
N ALA D 72 -14.79 17.04 -20.26
CA ALA D 72 -16.13 17.47 -20.66
C ALA D 72 -16.32 18.96 -20.43
N ALA D 73 -15.65 19.50 -19.42
CA ALA D 73 -15.76 20.91 -19.09
C ALA D 73 -15.03 21.83 -20.07
N LEU D 74 -13.83 21.43 -20.48
CA LEU D 74 -13.02 22.25 -21.39
C LEU D 74 -13.38 22.18 -22.87
N THR D 75 -13.86 21.02 -23.31
CA THR D 75 -14.20 20.83 -24.70
C THR D 75 -15.07 21.95 -25.26
N GLY D 76 -14.62 22.52 -26.37
CA GLY D 76 -15.37 23.59 -27.02
C GLY D 76 -15.40 24.95 -26.35
N MET D 77 -14.53 25.18 -25.36
CA MET D 77 -14.51 26.48 -24.67
C MET D 77 -13.78 27.58 -25.42
N ASP D 78 -14.29 28.80 -25.31
CA ASP D 78 -13.66 29.95 -25.94
C ASP D 78 -12.75 30.62 -24.92
N LEU D 79 -13.18 30.59 -23.65
CA LEU D 79 -12.43 31.21 -22.57
C LEU D 79 -12.42 30.35 -21.32
N ILE D 80 -11.25 30.25 -20.69
CA ILE D 80 -11.12 29.47 -19.48
C ILE D 80 -10.55 30.31 -18.37
N ILE D 81 -11.30 30.41 -17.28
CA ILE D 81 -10.90 31.20 -16.13
C ILE D 81 -10.44 30.21 -15.08
N VAL D 82 -9.25 30.43 -14.53
CA VAL D 82 -8.71 29.51 -13.53
C VAL D 82 -8.39 30.07 -12.14
N PRO D 83 -9.36 30.00 -11.22
CA PRO D 83 -9.14 30.50 -9.85
C PRO D 83 -8.68 29.30 -9.03
N ALA D 84 -8.44 28.19 -9.73
CA ALA D 84 -8.01 26.95 -9.09
C ALA D 84 -6.83 27.14 -8.14
N GLY D 85 -6.91 26.48 -7.00
CA GLY D 85 -5.85 26.58 -6.00
C GLY D 85 -6.44 26.47 -4.61
N VAL D 86 -5.62 26.67 -3.59
CA VAL D 86 -6.07 26.60 -2.20
C VAL D 86 -5.13 27.37 -1.29
N PRO D 87 -5.69 28.21 -0.41
CA PRO D 87 -4.86 29.00 0.51
C PRO D 87 -4.14 28.05 1.47
N ARG D 88 -3.46 28.59 2.47
CA ARG D 88 -2.73 27.75 3.43
C ARG D 88 -3.35 27.76 4.83
N LYS D 89 -3.21 26.65 5.54
CA LYS D 89 -3.72 26.50 6.89
C LYS D 89 -3.04 27.46 7.87
N PRO D 90 -3.30 27.34 9.18
CA PRO D 90 -2.69 28.22 10.17
C PRO D 90 -1.16 28.17 10.18
N GLY D 91 -0.55 28.35 9.02
CA GLY D 91 0.89 28.34 8.92
C GLY D 91 1.40 29.76 8.82
N MET D 92 0.86 30.50 7.84
CA MET D 92 1.23 31.89 7.59
C MET D 92 2.73 32.03 7.31
N THR D 93 3.44 30.92 7.46
CA THR D 93 4.88 30.85 7.22
C THR D 93 5.13 29.67 6.31
N ARG D 94 4.22 29.46 5.35
CA ARG D 94 4.30 28.36 4.40
C ARG D 94 3.89 28.84 3.01
N ASP D 95 4.81 29.54 2.33
CA ASP D 95 4.53 30.04 0.98
C ASP D 95 4.89 28.99 -0.05
N ASP D 96 5.38 27.84 0.42
CA ASP D 96 5.75 26.75 -0.48
C ASP D 96 4.52 25.93 -0.86
N LEU D 97 3.37 26.60 -0.86
CA LEU D 97 2.11 25.98 -1.25
C LEU D 97 2.29 25.76 -2.75
N PHE D 98 3.30 26.45 -3.29
CA PHE D 98 3.69 26.39 -4.68
C PHE D 98 3.56 24.95 -5.17
N LYS D 99 4.11 24.02 -4.39
CA LYS D 99 4.05 22.61 -4.74
C LYS D 99 2.64 22.27 -5.21
N ILE D 100 1.68 22.38 -4.30
CA ILE D 100 0.28 22.09 -4.58
C ILE D 100 -0.28 22.84 -5.80
N ASN D 101 -0.37 24.15 -5.69
CA ASN D 101 -0.92 24.95 -6.78
C ASN D 101 -0.21 24.72 -8.12
N ALA D 102 1.11 24.56 -8.08
CA ALA D 102 1.86 24.35 -9.32
C ALA D 102 1.41 23.05 -9.98
N GLY D 103 1.12 22.04 -9.17
CA GLY D 103 0.68 20.77 -9.71
C GLY D 103 -0.71 20.92 -10.30
N ILE D 104 -1.59 21.57 -9.55
CA ILE D 104 -2.95 21.80 -9.98
C ILE D 104 -2.96 22.54 -11.30
N VAL D 105 -2.16 23.60 -11.41
CA VAL D 105 -2.08 24.36 -12.64
C VAL D 105 -1.62 23.43 -13.75
N LYS D 106 -0.63 22.61 -13.42
CA LYS D 106 -0.06 21.65 -14.36
C LYS D 106 -1.14 20.76 -14.97
N THR D 107 -1.85 20.01 -14.13
CA THR D 107 -2.89 19.11 -14.63
C THR D 107 -3.90 19.87 -15.51
N LEU D 108 -4.51 20.91 -14.95
CA LEU D 108 -5.50 21.71 -15.66
C LEU D 108 -5.04 22.21 -17.03
N CYS D 109 -3.81 22.70 -17.11
CA CYS D 109 -3.29 23.20 -18.38
C CYS D 109 -3.11 22.09 -19.40
N GLU D 110 -2.94 20.86 -18.91
CA GLU D 110 -2.79 19.72 -19.80
C GLU D 110 -4.17 19.39 -20.35
N GLY D 111 -5.17 19.51 -19.50
CA GLY D 111 -6.53 19.27 -19.94
C GLY D 111 -6.88 20.32 -20.97
N ILE D 112 -6.43 21.55 -20.73
CA ILE D 112 -6.71 22.64 -21.64
C ILE D 112 -6.09 22.44 -23.04
N ALA D 113 -4.80 22.15 -23.09
CA ALA D 113 -4.12 21.94 -24.36
C ALA D 113 -4.75 20.76 -25.12
N LYS D 114 -5.31 19.82 -24.36
CA LYS D 114 -5.93 18.64 -24.94
C LYS D 114 -7.37 18.85 -25.41
N CYS D 115 -8.11 19.73 -24.74
CA CYS D 115 -9.51 19.93 -25.10
C CYS D 115 -9.89 21.28 -25.71
N CYS D 116 -9.08 22.31 -25.47
CA CYS D 116 -9.37 23.63 -26.02
C CYS D 116 -8.08 24.44 -26.15
N PRO D 117 -7.11 23.91 -26.90
CA PRO D 117 -5.81 24.56 -27.12
C PRO D 117 -5.91 25.95 -27.74
N ARG D 118 -7.07 26.28 -28.31
CA ARG D 118 -7.24 27.59 -28.92
C ARG D 118 -8.00 28.55 -28.01
N ALA D 119 -8.35 28.06 -26.82
CA ALA D 119 -9.06 28.89 -25.86
C ALA D 119 -8.16 29.93 -25.20
N ILE D 120 -8.73 31.10 -24.93
CA ILE D 120 -7.98 32.14 -24.25
C ILE D 120 -7.96 31.70 -22.80
N VAL D 121 -6.81 31.85 -22.14
CA VAL D 121 -6.71 31.46 -20.75
C VAL D 121 -6.51 32.64 -19.82
N ASN D 122 -7.28 32.66 -18.74
CA ASN D 122 -7.17 33.70 -17.73
C ASN D 122 -6.72 32.93 -16.50
N LEU D 123 -5.42 32.94 -16.22
CA LEU D 123 -4.93 32.22 -15.07
C LEU D 123 -4.80 33.14 -13.87
N ILE D 124 -5.39 32.71 -12.75
CA ILE D 124 -5.38 33.47 -11.50
C ILE D 124 -4.59 32.72 -10.44
N SER D 125 -4.56 31.39 -10.58
CA SER D 125 -3.84 30.52 -9.64
C SER D 125 -2.52 31.12 -9.13
N ASN D 126 -2.50 31.45 -7.85
CA ASN D 126 -1.32 32.02 -7.19
C ASN D 126 -0.25 30.94 -7.00
N PRO D 127 1.03 31.28 -7.26
CA PRO D 127 1.57 32.57 -7.71
C PRO D 127 1.65 32.74 -9.23
N VAL D 128 0.93 33.74 -9.74
CA VAL D 128 0.90 34.03 -11.16
C VAL D 128 2.29 34.26 -11.75
N ASN D 129 3.18 34.85 -10.97
CA ASN D 129 4.53 35.10 -11.43
C ASN D 129 5.22 33.80 -11.87
N SER D 130 4.75 32.68 -11.32
CA SER D 130 5.31 31.38 -11.66
C SER D 130 4.32 30.49 -12.44
N THR D 131 3.05 30.51 -12.02
CA THR D 131 2.03 29.67 -12.67
C THR D 131 1.82 30.00 -14.15
N VAL D 132 1.85 31.28 -14.53
CA VAL D 132 1.71 31.63 -15.94
C VAL D 132 2.86 30.95 -16.69
N PRO D 133 4.13 31.17 -16.27
CA PRO D 133 5.28 30.55 -16.93
C PRO D 133 5.17 29.02 -16.94
N ILE D 134 4.60 28.47 -15.87
CA ILE D 134 4.41 27.01 -15.79
C ILE D 134 3.50 26.62 -16.95
N ALA D 135 2.39 27.33 -17.07
CA ALA D 135 1.42 27.07 -18.12
C ALA D 135 2.06 27.14 -19.51
N ALA D 136 2.78 28.23 -19.78
CA ALA D 136 3.44 28.41 -21.07
C ALA D 136 4.27 27.19 -21.43
N GLU D 137 4.91 26.60 -20.41
CA GLU D 137 5.75 25.42 -20.60
C GLU D 137 4.90 24.18 -20.89
N VAL D 138 3.88 23.94 -20.08
CA VAL D 138 3.01 22.78 -20.30
C VAL D 138 2.42 22.84 -21.70
N PHE D 139 2.12 24.05 -22.17
CA PHE D 139 1.56 24.24 -23.49
C PHE D 139 2.60 24.02 -24.58
N LYS D 140 3.85 24.38 -24.30
CA LYS D 140 4.93 24.18 -25.27
C LYS D 140 5.17 22.67 -25.41
N LYS D 141 5.08 21.97 -24.29
CA LYS D 141 5.29 20.52 -24.26
C LYS D 141 4.23 19.77 -25.05
N ALA D 142 3.01 20.30 -25.07
CA ALA D 142 1.91 19.67 -25.80
C ALA D 142 1.77 20.23 -27.21
N GLY D 143 2.60 21.23 -27.54
CA GLY D 143 2.57 21.82 -28.87
C GLY D 143 1.34 22.63 -29.18
N THR D 144 0.74 23.22 -28.16
CA THR D 144 -0.46 24.02 -28.34
C THR D 144 -0.26 25.47 -27.90
N TYR D 145 0.96 25.78 -27.48
CA TYR D 145 1.30 27.11 -26.99
C TYR D 145 1.13 28.28 -27.97
N ASP D 146 0.62 29.37 -27.43
CA ASP D 146 0.40 30.60 -28.18
C ASP D 146 0.42 31.75 -27.15
N PRO D 147 1.49 32.55 -27.15
CA PRO D 147 1.69 33.69 -26.25
C PRO D 147 0.58 34.73 -26.26
N LYS D 148 -0.32 34.63 -27.24
CA LYS D 148 -1.43 35.57 -27.34
C LYS D 148 -2.67 35.07 -26.59
N ARG D 149 -2.72 33.77 -26.30
CA ARG D 149 -3.86 33.18 -25.63
C ARG D 149 -3.68 32.81 -24.16
N LEU D 150 -2.67 33.39 -23.52
CA LEU D 150 -2.41 33.13 -22.10
C LEU D 150 -2.21 34.45 -21.36
N LEU D 151 -2.96 34.64 -20.28
CA LEU D 151 -2.86 35.86 -19.52
C LEU D 151 -3.01 35.64 -18.01
N GLY D 152 -2.02 36.08 -17.24
CA GLY D 152 -2.09 35.96 -15.81
C GLY D 152 -2.90 37.15 -15.36
N VAL D 153 -3.98 36.93 -14.61
CA VAL D 153 -4.80 38.04 -14.16
C VAL D 153 -4.18 38.86 -13.04
N THR D 154 -3.75 40.07 -13.36
CA THR D 154 -3.15 40.98 -12.41
C THR D 154 -4.10 42.16 -12.18
N MET D 155 -5.30 42.05 -12.74
CA MET D 155 -6.34 43.08 -12.64
C MET D 155 -6.56 43.61 -11.22
N LEU D 156 -6.62 42.71 -10.23
CA LEU D 156 -6.83 43.13 -8.86
C LEU D 156 -5.79 44.15 -8.40
N ASP D 157 -4.59 44.11 -8.99
CA ASP D 157 -3.57 45.08 -8.61
C ASP D 157 -3.97 46.44 -9.17
N VAL D 158 -4.53 46.44 -10.39
CA VAL D 158 -4.96 47.69 -10.99
C VAL D 158 -6.19 48.20 -10.26
N VAL D 159 -7.07 47.29 -9.85
CA VAL D 159 -8.26 47.68 -9.11
C VAL D 159 -7.84 48.35 -7.79
N ARG D 160 -7.04 47.65 -7.01
CA ARG D 160 -6.58 48.20 -5.74
C ARG D 160 -5.90 49.54 -6.01
N ALA D 161 -5.00 49.55 -6.98
CA ALA D 161 -4.29 50.79 -7.32
C ALA D 161 -5.27 51.92 -7.52
N ASN D 162 -6.30 51.69 -8.33
CA ASN D 162 -7.29 52.73 -8.59
C ASN D 162 -7.98 53.19 -7.31
N THR D 163 -8.43 52.23 -6.51
CA THR D 163 -9.12 52.57 -5.26
C THR D 163 -8.25 53.41 -4.34
N PHE D 164 -7.07 52.88 -4.02
CA PHE D 164 -6.13 53.55 -3.13
C PHE D 164 -5.69 54.92 -3.63
N VAL D 165 -5.35 55.04 -4.90
CA VAL D 165 -4.95 56.34 -5.46
C VAL D 165 -6.12 57.30 -5.40
N ALA D 166 -7.32 56.79 -5.69
CA ALA D 166 -8.51 57.64 -5.67
C ALA D 166 -8.76 58.15 -4.26
N GLU D 167 -8.49 57.32 -3.26
CA GLU D 167 -8.70 57.72 -1.89
C GLU D 167 -7.80 58.91 -1.56
N VAL D 168 -6.55 58.86 -2.02
CA VAL D 168 -5.60 59.94 -1.77
C VAL D 168 -6.01 61.21 -2.50
N LEU D 169 -6.58 61.06 -3.69
CA LEU D 169 -7.00 62.20 -4.49
C LEU D 169 -8.41 62.68 -4.18
N GLY D 170 -9.14 61.94 -3.36
CA GLY D 170 -10.50 62.33 -3.05
C GLY D 170 -11.36 62.26 -4.31
N LEU D 171 -11.12 61.23 -5.11
CA LEU D 171 -11.87 61.03 -6.36
C LEU D 171 -12.60 59.69 -6.35
N ASP D 172 -13.63 59.58 -7.20
CA ASP D 172 -14.38 58.35 -7.33
C ASP D 172 -13.40 57.43 -8.04
N PRO D 173 -13.09 56.27 -7.45
CA PRO D 173 -12.15 55.36 -8.10
C PRO D 173 -12.42 55.04 -9.56
N ARG D 174 -13.68 55.15 -9.97
CA ARG D 174 -14.04 54.83 -11.35
C ARG D 174 -13.44 55.81 -12.36
N ASP D 175 -13.11 57.01 -11.91
CA ASP D 175 -12.53 58.01 -12.79
C ASP D 175 -11.02 57.99 -12.70
N VAL D 176 -10.49 56.94 -12.09
CA VAL D 176 -9.05 56.81 -11.91
C VAL D 176 -8.45 55.60 -12.59
N ASP D 177 -7.30 55.80 -13.24
CA ASP D 177 -6.59 54.70 -13.85
C ASP D 177 -5.12 54.75 -13.49
N VAL D 178 -4.63 53.62 -12.99
CA VAL D 178 -3.25 53.48 -12.58
C VAL D 178 -2.66 52.26 -13.28
N PRO D 179 -1.76 52.47 -14.26
CA PRO D 179 -1.20 51.30 -14.92
C PRO D 179 -0.25 50.61 -13.98
N VAL D 180 -0.45 49.31 -13.78
CA VAL D 180 0.40 48.55 -12.89
C VAL D 180 1.14 47.55 -13.75
N VAL D 181 2.46 47.65 -13.78
CA VAL D 181 3.26 46.75 -14.60
C VAL D 181 4.10 45.82 -13.73
N GLY D 182 4.88 44.96 -14.38
CA GLY D 182 5.74 44.05 -13.65
C GLY D 182 5.18 42.68 -13.38
N GLY D 183 5.05 42.36 -12.10
CA GLY D 183 4.54 41.07 -11.69
C GLY D 183 3.34 41.21 -10.76
N HIS D 184 2.91 40.10 -10.19
CA HIS D 184 1.73 40.03 -9.32
C HIS D 184 2.06 39.62 -7.88
N ALA D 185 3.26 39.97 -7.41
CA ALA D 185 3.67 39.62 -6.06
C ALA D 185 4.66 40.60 -5.42
N GLY D 186 4.37 40.98 -4.18
CA GLY D 186 5.23 41.90 -3.46
C GLY D 186 5.79 43.05 -4.27
N VAL D 187 7.12 43.17 -4.29
CA VAL D 187 7.80 44.26 -5.00
C VAL D 187 7.86 44.03 -6.51
N THR D 188 7.26 42.94 -6.98
CA THR D 188 7.25 42.70 -8.41
C THR D 188 6.13 43.57 -8.98
N ILE D 189 5.13 43.85 -8.15
CA ILE D 189 3.99 44.70 -8.52
C ILE D 189 4.49 46.14 -8.58
N LEU D 190 4.44 46.76 -9.75
CA LEU D 190 4.92 48.12 -9.88
C LEU D 190 3.85 49.10 -10.39
N PRO D 191 3.31 49.93 -9.49
CA PRO D 191 2.28 50.90 -9.88
C PRO D 191 2.94 52.17 -10.44
N LEU D 192 2.59 52.55 -11.65
CA LEU D 192 3.19 53.72 -12.26
C LEU D 192 2.42 54.99 -11.94
N LEU D 193 2.55 55.41 -10.69
CA LEU D 193 1.88 56.61 -10.21
C LEU D 193 2.16 57.82 -11.08
N SER D 194 3.31 57.82 -11.75
CA SER D 194 3.66 58.95 -12.61
C SER D 194 2.80 58.94 -13.87
N GLN D 195 2.14 57.82 -14.13
CA GLN D 195 1.29 57.68 -15.32
C GLN D 195 -0.21 57.67 -15.00
N VAL D 196 -0.58 57.99 -13.77
CA VAL D 196 -1.97 57.99 -13.35
C VAL D 196 -2.89 58.98 -14.05
N LYS D 197 -4.13 58.55 -14.26
CA LYS D 197 -5.14 59.39 -14.84
C LYS D 197 -6.20 59.45 -13.75
N PRO D 198 -6.70 60.66 -13.44
CA PRO D 198 -6.28 61.91 -14.09
C PRO D 198 -4.88 62.36 -13.67
N PRO D 199 -4.20 63.10 -14.55
CA PRO D 199 -2.85 63.59 -14.25
C PRO D 199 -2.80 64.29 -12.90
N SER D 200 -1.91 63.81 -12.03
CA SER D 200 -1.79 64.36 -10.69
C SER D 200 -0.39 64.17 -10.11
N SER D 201 0.01 65.08 -9.24
CA SER D 201 1.32 64.99 -8.60
C SER D 201 1.12 64.57 -7.15
N PHE D 202 1.83 63.53 -6.75
CA PHE D 202 1.73 62.99 -5.39
C PHE D 202 2.92 63.44 -4.55
N THR D 203 2.71 63.60 -3.25
CA THR D 203 3.82 63.98 -2.38
C THR D 203 4.68 62.74 -2.21
N GLN D 204 5.96 62.94 -1.95
CA GLN D 204 6.91 61.84 -1.79
C GLN D 204 6.37 60.80 -0.80
N GLU D 205 5.62 61.28 0.20
CA GLU D 205 5.03 60.44 1.23
C GLU D 205 3.85 59.61 0.71
N GLU D 206 3.03 60.22 -0.15
CA GLU D 206 1.88 59.53 -0.72
C GLU D 206 2.34 58.46 -1.69
N ILE D 207 3.42 58.75 -2.41
CA ILE D 207 3.98 57.81 -3.36
C ILE D 207 4.47 56.57 -2.62
N SER D 208 5.19 56.80 -1.53
CA SER D 208 5.71 55.69 -0.76
C SER D 208 4.57 54.83 -0.21
N TYR D 209 3.56 55.49 0.35
CA TYR D 209 2.41 54.81 0.91
C TYR D 209 1.60 54.02 -0.13
N LEU D 210 1.18 54.69 -1.20
CA LEU D 210 0.40 54.00 -2.22
C LEU D 210 1.19 52.82 -2.79
N THR D 211 2.45 53.08 -3.14
CA THR D 211 3.28 52.03 -3.71
C THR D 211 3.34 50.82 -2.79
N ASP D 212 3.49 51.06 -1.50
CA ASP D 212 3.56 49.96 -0.56
C ASP D 212 2.23 49.25 -0.35
N ARG D 213 1.16 50.04 -0.20
CA ARG D 213 -0.15 49.44 0.01
C ARG D 213 -0.56 48.59 -1.18
N ILE D 214 -0.37 49.12 -2.37
CA ILE D 214 -0.71 48.41 -3.59
C ILE D 214 -0.01 47.07 -3.61
N GLN D 215 1.30 47.08 -3.34
CA GLN D 215 2.10 45.86 -3.34
C GLN D 215 1.68 44.86 -2.28
N ASN D 216 1.07 45.34 -1.21
CA ASN D 216 0.66 44.45 -0.13
C ASN D 216 -0.84 44.34 0.07
N GLY D 217 -1.61 44.72 -0.96
CA GLY D 217 -3.06 44.63 -0.88
C GLY D 217 -3.52 43.28 -0.38
N GLY D 218 -2.98 42.22 -0.98
CA GLY D 218 -3.34 40.87 -0.59
C GLY D 218 -3.16 40.59 0.89
N THR D 219 -2.03 41.03 1.45
CA THR D 219 -1.75 40.82 2.86
C THR D 219 -2.71 41.60 3.75
N GLU D 220 -3.04 42.82 3.30
CA GLU D 220 -3.96 43.67 4.04
C GLU D 220 -5.26 42.90 4.26
N VAL D 221 -5.74 42.21 3.23
CA VAL D 221 -6.97 41.45 3.36
C VAL D 221 -6.74 40.21 4.22
N VAL D 222 -5.68 39.45 3.93
CA VAL D 222 -5.42 38.25 4.72
C VAL D 222 -5.33 38.59 6.21
N GLU D 223 -4.73 39.73 6.55
CA GLU D 223 -4.63 40.10 7.96
C GLU D 223 -6.01 40.42 8.50
N ALA D 224 -6.82 41.09 7.69
CA ALA D 224 -8.15 41.46 8.12
C ALA D 224 -9.04 40.23 8.33
N LYS D 225 -8.92 39.22 7.48
CA LYS D 225 -9.73 38.03 7.65
C LYS D 225 -9.16 37.18 8.78
N ALA D 226 -8.02 37.62 9.31
CA ALA D 226 -7.35 36.94 10.41
C ALA D 226 -7.42 35.42 10.30
N GLY D 227 -6.83 34.88 9.24
CA GLY D 227 -6.83 33.44 9.06
C GLY D 227 -8.15 32.85 8.59
N ALA D 228 -8.95 33.63 7.89
CA ALA D 228 -10.22 33.13 7.38
C ALA D 228 -10.23 33.28 5.87
N GLY D 229 -9.05 33.13 5.27
CA GLY D 229 -8.92 33.24 3.83
C GLY D 229 -8.28 34.53 3.36
N SER D 230 -8.32 34.76 2.05
CA SER D 230 -7.75 35.96 1.47
C SER D 230 -8.75 36.62 0.53
N ALA D 231 -8.33 37.63 -0.22
CA ALA D 231 -9.23 38.32 -1.13
C ALA D 231 -10.08 37.29 -1.87
N THR D 232 -11.39 37.48 -1.82
CA THR D 232 -12.34 36.57 -2.43
C THR D 232 -13.29 37.35 -3.32
N LEU D 233 -14.06 38.23 -2.69
CA LEU D 233 -15.05 39.03 -3.39
C LEU D 233 -14.43 40.01 -4.37
N SER D 234 -13.40 40.73 -3.93
CA SER D 234 -12.76 41.69 -4.81
C SER D 234 -12.05 40.97 -5.95
N MET D 235 -11.58 39.75 -5.67
CA MET D 235 -10.90 38.97 -6.68
C MET D 235 -11.90 38.60 -7.78
N ALA D 236 -13.01 37.96 -7.38
CA ALA D 236 -14.05 37.59 -8.34
C ALA D 236 -14.39 38.79 -9.22
N TYR D 237 -14.63 39.93 -8.57
CA TYR D 237 -14.95 41.18 -9.25
C TYR D 237 -13.90 41.53 -10.32
N ALA D 238 -12.63 41.52 -9.95
CA ALA D 238 -11.55 41.86 -10.90
C ALA D 238 -11.43 40.82 -12.01
N ALA D 239 -11.51 39.54 -11.65
CA ALA D 239 -11.40 38.48 -12.65
C ALA D 239 -12.54 38.61 -13.66
N VAL D 240 -13.72 38.99 -13.19
CA VAL D 240 -14.85 39.15 -14.09
C VAL D 240 -14.65 40.35 -15.02
N LYS D 241 -14.12 41.44 -14.49
CA LYS D 241 -13.91 42.61 -15.32
C LYS D 241 -12.86 42.29 -16.39
N PHE D 242 -11.92 41.41 -16.05
CA PHE D 242 -10.88 41.04 -17.01
C PHE D 242 -11.45 40.07 -18.05
N ALA D 243 -12.16 39.05 -17.57
CA ALA D 243 -12.75 38.08 -18.46
C ALA D 243 -13.62 38.81 -19.48
N ASP D 244 -14.47 39.70 -18.98
CA ASP D 244 -15.34 40.47 -19.85
C ASP D 244 -14.51 41.23 -20.88
N ALA D 245 -13.36 41.75 -20.48
CA ALA D 245 -12.48 42.47 -21.39
C ALA D 245 -12.04 41.54 -22.52
N CYS D 246 -11.66 40.31 -22.17
CA CYS D 246 -11.25 39.36 -23.19
C CYS D 246 -12.41 39.13 -24.15
N LEU D 247 -13.60 38.90 -23.59
CA LEU D 247 -14.77 38.67 -24.43
C LEU D 247 -15.03 39.87 -25.35
N ARG D 248 -15.03 41.07 -24.79
CA ARG D 248 -15.25 42.25 -25.63
C ARG D 248 -14.21 42.24 -26.76
N GLY D 249 -13.03 41.69 -26.45
CA GLY D 249 -11.96 41.60 -27.42
C GLY D 249 -12.26 40.54 -28.46
N LEU D 250 -12.78 39.40 -28.01
CA LEU D 250 -13.13 38.31 -28.90
C LEU D 250 -14.31 38.70 -29.79
N ARG D 251 -15.21 39.53 -29.25
CA ARG D 251 -16.36 39.99 -30.01
C ARG D 251 -15.87 40.92 -31.13
N GLY D 252 -14.64 41.41 -30.97
CA GLY D 252 -14.06 42.29 -31.97
C GLY D 252 -14.07 43.77 -31.63
N ASP D 253 -14.30 44.10 -30.37
CA ASP D 253 -14.33 45.49 -29.95
C ASP D 253 -12.97 46.19 -30.11
N ALA D 254 -13.03 47.50 -30.32
CA ALA D 254 -11.84 48.31 -30.46
C ALA D 254 -11.50 48.92 -29.11
N GLY D 255 -10.20 49.13 -28.87
CA GLY D 255 -9.75 49.75 -27.64
C GLY D 255 -9.88 48.98 -26.34
N VAL D 256 -9.92 47.65 -26.39
CA VAL D 256 -10.02 46.88 -25.16
C VAL D 256 -8.62 46.69 -24.61
N ILE D 257 -8.22 47.60 -23.73
CA ILE D 257 -6.88 47.57 -23.17
C ILE D 257 -6.82 47.40 -21.66
N GLU D 258 -6.13 46.35 -21.21
CA GLU D 258 -5.99 46.05 -19.77
C GLU D 258 -4.55 45.68 -19.43
N CYS D 259 -4.25 45.67 -18.14
CA CYS D 259 -2.93 45.27 -17.68
C CYS D 259 -3.07 43.79 -17.39
N ALA D 260 -2.05 43.01 -17.74
CA ALA D 260 -2.09 41.57 -17.49
C ALA D 260 -0.68 41.01 -17.56
N PHE D 261 -0.48 39.82 -16.99
CA PHE D 261 0.82 39.18 -17.01
C PHE D 261 0.83 38.28 -18.21
N VAL D 262 1.53 38.71 -19.25
CA VAL D 262 1.60 37.98 -20.50
C VAL D 262 3.02 37.75 -20.97
N SER D 263 3.15 37.04 -22.08
CA SER D 263 4.44 36.77 -22.68
C SER D 263 4.77 38.05 -23.45
N SER D 264 5.87 38.71 -23.11
CA SER D 264 6.21 39.94 -23.81
C SER D 264 7.70 40.17 -24.02
N GLN D 265 7.97 41.16 -24.86
CA GLN D 265 9.32 41.56 -25.19
C GLN D 265 9.46 43.04 -24.83
N VAL D 266 8.53 43.51 -24.01
CA VAL D 266 8.52 44.90 -23.56
C VAL D 266 9.76 45.13 -22.70
N THR D 267 10.22 44.07 -22.06
CA THR D 267 11.41 44.13 -21.21
C THR D 267 12.28 42.96 -21.61
N GLU D 268 13.31 42.69 -20.84
CA GLU D 268 14.20 41.57 -21.12
C GLU D 268 13.59 40.26 -20.62
N LEU D 269 12.69 40.34 -19.67
CA LEU D 269 12.07 39.13 -19.15
C LEU D 269 11.03 38.57 -20.09
N PRO D 270 10.89 37.22 -20.13
CA PRO D 270 9.94 36.49 -20.98
C PRO D 270 8.47 36.77 -20.66
N PHE D 271 8.17 37.00 -19.39
CA PHE D 271 6.80 37.29 -18.95
C PHE D 271 6.77 38.57 -18.11
N PHE D 272 5.84 39.46 -18.45
CA PHE D 272 5.77 40.74 -17.77
C PHE D 272 4.36 41.33 -17.86
N ALA D 273 3.98 42.11 -16.84
CA ALA D 273 2.67 42.73 -16.86
C ALA D 273 2.74 44.18 -17.34
N SER D 274 1.91 44.50 -18.32
CA SER D 274 1.82 45.85 -18.86
C SER D 274 0.48 46.00 -19.57
N LYS D 275 0.23 47.18 -20.13
CA LYS D 275 -0.99 47.41 -20.84
C LYS D 275 -0.94 46.51 -22.06
N VAL D 276 -2.05 45.85 -22.36
CA VAL D 276 -2.15 44.99 -23.54
C VAL D 276 -3.50 45.26 -24.19
N ARG D 277 -3.59 45.02 -25.48
CA ARG D 277 -4.87 45.23 -26.17
C ARG D 277 -5.43 43.85 -26.49
N LEU D 278 -6.69 43.66 -26.16
CA LEU D 278 -7.37 42.39 -26.41
C LEU D 278 -8.18 42.47 -27.70
N GLY D 279 -8.07 41.43 -28.51
CA GLY D 279 -8.79 41.36 -29.77
C GLY D 279 -9.36 39.99 -30.05
N ARG D 280 -9.74 39.76 -31.31
CA ARG D 280 -10.33 38.49 -31.71
C ARG D 280 -9.47 37.25 -31.45
N ASN D 281 -8.18 37.46 -31.17
CA ASN D 281 -7.28 36.34 -30.91
C ASN D 281 -6.61 36.40 -29.54
N GLY D 282 -7.19 37.18 -28.65
CA GLY D 282 -6.63 37.32 -27.31
C GLY D 282 -5.84 38.61 -27.28
N ILE D 283 -4.53 38.49 -27.08
CA ILE D 283 -3.65 39.65 -27.04
C ILE D 283 -3.30 40.11 -28.44
N GLU D 284 -3.80 41.29 -28.84
CA GLU D 284 -3.50 41.82 -30.15
C GLU D 284 -2.17 42.55 -30.17
N GLU D 285 -1.81 43.14 -29.05
CA GLU D 285 -0.55 43.85 -28.94
C GLU D 285 -0.18 44.09 -27.49
N VAL D 286 1.11 44.09 -27.21
CA VAL D 286 1.62 44.33 -25.87
C VAL D 286 2.25 45.72 -25.92
N TYR D 287 1.79 46.61 -25.05
CA TYR D 287 2.32 47.96 -25.04
C TYR D 287 3.50 48.14 -24.10
N SER D 288 4.40 49.05 -24.47
CA SER D 288 5.58 49.35 -23.67
C SER D 288 5.18 49.89 -22.29
N LEU D 289 6.14 49.96 -21.37
CA LEU D 289 5.87 50.45 -20.03
C LEU D 289 5.65 51.95 -20.03
N GLY D 290 6.19 52.63 -21.05
CA GLY D 290 6.05 54.07 -21.12
C GLY D 290 7.09 54.77 -20.27
N PRO D 291 6.86 56.04 -19.92
CA PRO D 291 7.80 56.81 -19.09
C PRO D 291 7.75 56.53 -17.59
N LEU D 292 8.90 56.15 -17.02
CA LEU D 292 9.01 55.88 -15.59
C LEU D 292 9.93 56.94 -15.01
N ASN D 293 9.61 57.43 -13.82
CA ASN D 293 10.48 58.42 -13.19
C ASN D 293 11.56 57.63 -12.46
N GLU D 294 12.50 58.31 -11.81
CA GLU D 294 13.58 57.63 -11.09
C GLU D 294 13.04 56.59 -10.12
N TYR D 295 12.15 57.04 -9.25
CA TYR D 295 11.55 56.17 -8.27
C TYR D 295 11.11 54.87 -8.94
N GLU D 296 10.24 54.99 -9.93
CA GLU D 296 9.71 53.84 -10.66
C GLU D 296 10.81 53.07 -11.38
N ARG D 297 11.80 53.79 -11.88
CA ARG D 297 12.93 53.18 -12.58
C ARG D 297 13.61 52.23 -11.59
N ILE D 298 13.77 52.69 -10.34
CA ILE D 298 14.40 51.88 -9.31
C ILE D 298 13.50 50.72 -8.90
N GLY D 299 12.20 50.97 -8.84
CA GLY D 299 11.25 49.92 -8.48
C GLY D 299 11.24 48.82 -9.52
N LEU D 300 11.41 49.22 -10.78
CA LEU D 300 11.45 48.26 -11.88
C LEU D 300 12.67 47.36 -11.75
N GLU D 301 13.81 47.93 -11.34
CA GLU D 301 15.02 47.14 -11.16
C GLU D 301 14.72 46.07 -10.11
N LYS D 302 14.04 46.48 -9.04
CA LYS D 302 13.66 45.55 -7.96
C LYS D 302 12.74 44.47 -8.49
N ALA D 303 11.67 44.87 -9.16
CA ALA D 303 10.70 43.95 -9.73
C ALA D 303 11.39 42.94 -10.62
N LYS D 304 12.18 43.43 -11.57
CA LYS D 304 12.89 42.58 -12.53
C LYS D 304 13.74 41.51 -11.90
N LYS D 305 14.38 41.82 -10.77
CA LYS D 305 15.23 40.84 -10.09
C LYS D 305 14.41 39.72 -9.48
N GLU D 306 13.39 40.07 -8.72
CA GLU D 306 12.56 39.05 -8.10
C GLU D 306 11.75 38.25 -9.11
N LEU D 307 11.24 38.93 -10.12
CA LEU D 307 10.44 38.29 -11.15
C LEU D 307 11.26 37.29 -11.96
N ALA D 308 12.48 37.68 -12.29
CA ALA D 308 13.39 36.82 -13.02
C ALA D 308 13.44 35.48 -12.29
N GLY D 309 13.60 35.56 -10.98
CA GLY D 309 13.66 34.36 -10.17
C GLY D 309 12.35 33.60 -10.12
N SER D 310 11.23 34.32 -10.11
CA SER D 310 9.93 33.69 -10.03
C SER D 310 9.59 32.95 -11.32
N ILE D 311 9.95 33.55 -12.45
CA ILE D 311 9.71 32.96 -13.76
C ILE D 311 10.55 31.69 -13.88
N GLU D 312 11.77 31.77 -13.38
CA GLU D 312 12.67 30.62 -13.43
C GLU D 312 12.02 29.46 -12.67
N LYS D 313 11.75 29.66 -11.39
CA LYS D 313 11.15 28.64 -10.55
C LYS D 313 9.98 27.98 -11.27
N GLY D 314 9.19 28.79 -11.96
CA GLY D 314 8.03 28.27 -12.67
C GLY D 314 8.42 27.42 -13.85
N VAL D 315 9.30 27.94 -14.70
CA VAL D 315 9.74 27.20 -15.88
C VAL D 315 10.36 25.86 -15.47
N SER D 316 11.20 25.89 -14.44
CA SER D 316 11.87 24.69 -13.95
C SER D 316 10.91 23.57 -13.57
N PHE D 317 9.84 23.89 -12.85
CA PHE D 317 8.86 22.90 -12.41
C PHE D 317 8.43 21.98 -13.56
N ILE D 318 8.51 22.48 -14.79
CA ILE D 318 8.13 21.71 -15.97
C ILE D 318 9.35 21.23 -16.76
N ARG D 319 10.31 22.13 -16.98
CA ARG D 319 11.53 21.79 -17.71
C ARG D 319 12.30 20.69 -17.00
N SER D 320 12.22 20.68 -15.67
CA SER D 320 12.92 19.68 -14.85
C SER D 320 11.99 18.52 -14.48
N GLY E 8 21.42 9.84 -13.36
CA GLY E 8 22.91 9.87 -13.13
C GLY E 8 23.34 11.00 -12.21
N PHE E 9 24.31 10.73 -11.33
CA PHE E 9 24.80 11.74 -10.40
C PHE E 9 26.07 12.40 -10.90
N LYS E 10 26.25 13.66 -10.53
CA LYS E 10 27.42 14.44 -10.90
C LYS E 10 28.47 14.38 -9.81
N VAL E 11 29.64 13.83 -10.14
CA VAL E 11 30.73 13.69 -9.17
C VAL E 11 31.90 14.60 -9.47
N ALA E 12 32.45 15.19 -8.41
CA ALA E 12 33.61 16.06 -8.57
C ALA E 12 34.75 15.49 -7.73
N ILE E 13 35.96 15.56 -8.27
CA ILE E 13 37.14 15.07 -7.58
C ILE E 13 38.10 16.23 -7.39
N LEU E 14 38.42 16.53 -6.13
CA LEU E 14 39.35 17.60 -5.82
C LEU E 14 40.72 16.98 -5.58
N GLY E 15 41.67 17.27 -6.47
CA GLY E 15 43.01 16.71 -6.37
C GLY E 15 43.12 15.58 -7.39
N ALA E 16 42.54 15.82 -8.56
CA ALA E 16 42.46 14.84 -9.65
C ALA E 16 43.75 14.46 -10.36
N ALA E 17 44.68 15.40 -10.49
CA ALA E 17 45.94 15.14 -11.16
C ALA E 17 46.95 14.46 -10.25
N GLY E 18 46.61 14.29 -8.98
CA GLY E 18 47.52 13.67 -8.03
C GLY E 18 47.80 12.18 -8.21
N GLY E 19 48.63 11.65 -7.31
CA GLY E 19 48.96 10.23 -7.37
C GLY E 19 47.74 9.36 -7.15
N ILE E 20 46.86 9.78 -6.26
CA ILE E 20 45.65 9.04 -5.98
C ILE E 20 44.55 9.52 -6.91
N GLY E 21 44.57 10.83 -7.16
CA GLY E 21 43.56 11.46 -8.00
C GLY E 21 43.29 10.82 -9.35
N GLN E 22 44.33 10.69 -10.17
CA GLN E 22 44.18 10.11 -11.50
C GLN E 22 43.54 8.73 -11.50
N PRO E 23 44.19 7.74 -10.87
CA PRO E 23 43.59 6.40 -10.86
C PRO E 23 42.12 6.47 -10.45
N LEU E 24 41.84 7.32 -9.46
CA LEU E 24 40.50 7.52 -8.95
C LEU E 24 39.62 8.10 -10.07
N ALA E 25 40.10 9.19 -10.67
CA ALA E 25 39.39 9.85 -11.75
C ALA E 25 39.06 8.84 -12.84
N MET E 26 40.00 7.95 -13.14
CA MET E 26 39.78 6.94 -14.17
C MET E 26 38.66 5.98 -13.76
N LEU E 27 38.63 5.62 -12.47
CA LEU E 27 37.61 4.69 -11.97
C LEU E 27 36.20 5.29 -11.87
N MET E 28 36.10 6.61 -11.69
CA MET E 28 34.79 7.24 -11.60
C MET E 28 34.23 7.33 -13.01
N LYS E 29 35.11 7.72 -13.95
CA LYS E 29 34.74 7.84 -15.35
C LYS E 29 34.14 6.51 -15.78
N MET E 30 34.58 5.44 -15.13
CA MET E 30 34.11 4.11 -15.47
C MET E 30 32.85 3.72 -14.71
N ASN E 31 32.40 4.55 -13.78
CA ASN E 31 31.22 4.20 -13.03
C ASN E 31 29.95 4.58 -13.75
N PRO E 32 29.05 3.60 -13.97
CA PRO E 32 27.78 3.79 -14.67
C PRO E 32 26.82 4.77 -14.01
N LEU E 33 26.88 4.91 -12.69
CA LEU E 33 25.99 5.83 -12.00
C LEU E 33 26.50 7.26 -12.04
N VAL E 34 27.63 7.47 -12.71
CA VAL E 34 28.21 8.80 -12.84
C VAL E 34 27.86 9.38 -14.19
N SER E 35 27.22 10.55 -14.21
CA SER E 35 26.85 11.18 -15.47
C SER E 35 27.80 12.32 -15.78
N VAL E 36 28.19 13.06 -14.75
CA VAL E 36 29.12 14.16 -14.92
C VAL E 36 30.30 13.96 -13.98
N LEU E 37 31.48 14.38 -14.42
CA LEU E 37 32.67 14.24 -13.61
C LEU E 37 33.55 15.45 -13.76
N HIS E 38 33.67 16.21 -12.67
CA HIS E 38 34.49 17.41 -12.65
C HIS E 38 35.81 17.09 -11.97
N LEU E 39 36.89 17.22 -12.73
CA LEU E 39 38.21 16.94 -12.18
C LEU E 39 38.85 18.26 -11.86
N TYR E 40 39.13 18.46 -10.59
CA TYR E 40 39.75 19.69 -10.13
C TYR E 40 41.12 19.44 -9.52
N ASP E 41 41.99 20.44 -9.63
CA ASP E 41 43.32 20.38 -9.06
C ASP E 41 43.98 21.74 -9.30
N VAL E 42 45.20 21.92 -8.80
CA VAL E 42 45.89 23.18 -8.98
C VAL E 42 46.88 23.17 -10.15
N VAL E 43 47.09 21.98 -10.72
CA VAL E 43 47.98 21.80 -11.86
C VAL E 43 47.64 20.54 -12.64
N ASN E 44 48.02 20.54 -13.92
CA ASN E 44 47.81 19.40 -14.80
C ASN E 44 46.38 18.86 -14.89
N ALA E 45 45.40 19.67 -14.52
CA ALA E 45 44.02 19.22 -14.59
C ALA E 45 43.58 18.94 -16.02
N PRO E 46 43.86 19.86 -16.96
CA PRO E 46 43.47 19.66 -18.36
C PRO E 46 44.02 18.36 -18.93
N GLY E 47 45.28 18.08 -18.63
CA GLY E 47 45.92 16.88 -19.12
C GLY E 47 45.22 15.60 -18.73
N VAL E 48 44.92 15.45 -17.44
CA VAL E 48 44.24 14.26 -16.96
C VAL E 48 42.84 14.21 -17.58
N THR E 49 42.23 15.38 -17.70
CA THR E 49 40.90 15.48 -18.27
C THR E 49 40.89 14.98 -19.71
N ALA E 50 41.83 15.48 -20.51
CA ALA E 50 41.92 15.07 -21.90
C ALA E 50 42.11 13.57 -21.96
N ASP E 51 43.03 13.04 -21.15
CA ASP E 51 43.30 11.62 -21.11
C ASP E 51 41.99 10.86 -20.88
N ILE E 52 41.31 11.17 -19.80
CA ILE E 52 40.06 10.49 -19.43
C ILE E 52 38.88 10.67 -20.39
N SER E 53 38.80 11.82 -21.04
CA SER E 53 37.72 12.12 -21.97
C SER E 53 37.65 11.18 -23.17
N HIS E 54 38.76 10.50 -23.47
CA HIS E 54 38.75 9.57 -24.59
C HIS E 54 38.10 8.24 -24.24
N MET E 55 37.92 8.00 -22.94
CA MET E 55 37.31 6.76 -22.48
C MET E 55 35.85 6.71 -22.94
N ASP E 56 35.47 5.58 -23.53
CA ASP E 56 34.12 5.43 -24.05
C ASP E 56 33.15 4.86 -23.02
N THR E 57 32.91 5.67 -21.99
CA THR E 57 31.99 5.32 -20.91
C THR E 57 30.97 6.44 -20.84
N GLY E 58 29.90 6.21 -20.08
CA GLY E 58 28.83 7.21 -19.95
C GLY E 58 29.20 8.61 -19.49
N ALA E 59 29.61 8.73 -18.23
CA ALA E 59 29.97 10.03 -17.65
C ALA E 59 30.71 10.98 -18.57
N VAL E 60 30.35 12.25 -18.50
CA VAL E 60 30.99 13.29 -19.29
C VAL E 60 32.01 13.86 -18.32
N VAL E 61 33.17 14.29 -18.83
CA VAL E 61 34.20 14.81 -17.94
C VAL E 61 34.65 16.22 -18.27
N ARG E 62 34.88 17.02 -17.23
CA ARG E 62 35.32 18.41 -17.38
C ARG E 62 36.49 18.70 -16.44
N GLY E 63 37.44 19.51 -16.90
CA GLY E 63 38.60 19.84 -16.08
C GLY E 63 38.66 21.27 -15.62
N PHE E 64 38.94 21.47 -14.33
CA PHE E 64 39.05 22.81 -13.76
C PHE E 64 40.41 22.96 -13.09
N LEU E 65 41.12 24.01 -13.48
CA LEU E 65 42.47 24.27 -12.99
C LEU E 65 42.60 25.56 -12.18
N GLY E 66 43.00 25.42 -10.93
CA GLY E 66 43.19 26.59 -10.09
C GLY E 66 42.00 27.03 -9.27
N GLN E 67 42.28 27.73 -8.19
CA GLN E 67 41.26 28.22 -7.27
C GLN E 67 40.07 28.88 -7.98
N GLN E 68 40.36 29.92 -8.75
CA GLN E 68 39.33 30.67 -9.47
C GLN E 68 38.39 29.81 -10.30
N GLN E 69 38.78 28.57 -10.60
CA GLN E 69 37.95 27.67 -11.38
C GLN E 69 37.29 26.59 -10.53
N LEU E 70 37.48 26.68 -9.21
CA LEU E 70 36.92 25.69 -8.29
C LEU E 70 35.39 25.70 -8.22
N GLU E 71 34.79 26.88 -8.29
CA GLU E 71 33.34 27.01 -8.22
C GLU E 71 32.69 26.25 -9.36
N ALA E 72 33.13 26.55 -10.57
CA ALA E 72 32.60 25.89 -11.76
C ALA E 72 32.59 24.38 -11.55
N ALA E 73 33.67 23.89 -10.94
CA ALA E 73 33.84 22.46 -10.68
C ALA E 73 32.88 21.94 -9.62
N LEU E 74 32.69 22.71 -8.55
CA LEU E 74 31.82 22.28 -7.45
C LEU E 74 30.33 22.46 -7.67
N THR E 75 29.95 23.46 -8.46
CA THR E 75 28.55 23.74 -8.70
C THR E 75 27.71 22.59 -9.26
N GLY E 76 26.68 22.20 -8.50
CA GLY E 76 25.79 21.15 -8.93
C GLY E 76 26.26 19.73 -8.68
N MET E 77 27.39 19.56 -8.02
CA MET E 77 27.89 18.22 -7.78
C MET E 77 27.20 17.49 -6.64
N ASP E 78 26.71 16.28 -6.94
CA ASP E 78 26.03 15.46 -5.95
C ASP E 78 27.03 14.91 -4.93
N LEU E 79 28.16 14.42 -5.41
CA LEU E 79 29.20 13.83 -4.57
C LEU E 79 30.60 14.41 -4.80
N ILE E 80 31.25 14.82 -3.73
CA ILE E 80 32.59 15.37 -3.85
C ILE E 80 33.58 14.43 -3.17
N ILE E 81 34.57 13.98 -3.95
CA ILE E 81 35.60 13.10 -3.43
C ILE E 81 36.81 14.00 -3.27
N VAL E 82 37.38 14.02 -2.06
CA VAL E 82 38.52 14.87 -1.80
C VAL E 82 39.81 14.18 -1.40
N PRO E 83 40.61 13.76 -2.40
CA PRO E 83 41.88 13.09 -2.14
C PRO E 83 42.98 14.14 -2.16
N ALA E 84 42.57 15.40 -2.25
CA ALA E 84 43.50 16.53 -2.28
C ALA E 84 44.47 16.51 -1.11
N GLY E 85 45.68 17.02 -1.34
CA GLY E 85 46.68 17.06 -0.30
C GLY E 85 48.06 17.21 -0.90
N VAL E 86 49.10 17.03 -0.07
CA VAL E 86 50.48 17.15 -0.55
C VAL E 86 51.31 15.93 -0.16
N PRO E 87 52.39 15.67 -0.91
CA PRO E 87 53.28 14.55 -0.65
C PRO E 87 54.29 14.89 0.43
N ARG E 88 54.86 13.85 1.05
CA ARG E 88 55.85 14.03 2.11
C ARG E 88 57.20 14.42 1.51
N LYS E 89 57.82 13.46 0.83
CA LYS E 89 59.13 13.67 0.22
C LYS E 89 60.17 13.74 1.34
N PRO E 90 61.44 14.01 1.01
CA PRO E 90 62.46 14.09 2.06
C PRO E 90 62.46 15.45 2.78
N GLY E 91 62.07 15.43 4.05
CA GLY E 91 62.04 16.67 4.81
C GLY E 91 60.84 16.83 5.72
N MET E 92 60.07 15.77 5.90
CA MET E 92 58.89 15.82 6.75
C MET E 92 58.29 14.43 6.93
N THR E 93 57.80 14.15 8.14
CA THR E 93 57.20 12.87 8.44
C THR E 93 55.84 13.03 9.12
N ARG E 94 54.97 13.83 8.49
CA ARG E 94 53.61 14.10 8.97
C ARG E 94 53.47 15.31 9.89
N ASP E 95 54.55 15.68 10.58
CA ASP E 95 54.49 16.82 11.49
C ASP E 95 54.26 18.12 10.74
N ASP E 96 55.33 18.65 10.15
CA ASP E 96 55.26 19.89 9.40
C ASP E 96 54.41 19.75 8.14
N LEU E 97 53.62 18.69 8.09
CA LEU E 97 52.72 18.39 6.97
C LEU E 97 51.33 18.93 7.25
N PHE E 98 50.72 18.43 8.33
CA PHE E 98 49.38 18.81 8.75
C PHE E 98 49.06 20.28 8.43
N LYS E 99 50.08 21.14 8.44
CA LYS E 99 49.89 22.55 8.16
C LYS E 99 49.44 22.85 6.73
N ILE E 100 50.00 22.10 5.76
CA ILE E 100 49.65 22.30 4.35
C ILE E 100 48.29 21.71 4.00
N ASN E 101 48.16 20.40 4.21
CA ASN E 101 46.92 19.68 3.94
C ASN E 101 45.70 20.32 4.58
N ALA E 102 45.82 20.69 5.85
CA ALA E 102 44.73 21.33 6.58
C ALA E 102 44.31 22.64 5.91
N GLY E 103 45.30 23.37 5.38
CA GLY E 103 45.01 24.61 4.70
C GLY E 103 44.29 24.30 3.40
N ILE E 104 44.68 23.19 2.80
CA ILE E 104 44.08 22.73 1.55
C ILE E 104 42.63 22.31 1.80
N VAL E 105 42.42 21.50 2.83
CA VAL E 105 41.08 21.03 3.16
C VAL E 105 40.20 22.21 3.53
N LYS E 106 40.80 23.25 4.09
CA LYS E 106 40.07 24.44 4.49
C LYS E 106 39.49 25.19 3.29
N THR E 107 40.33 25.53 2.31
CA THR E 107 39.86 26.26 1.13
C THR E 107 38.86 25.47 0.29
N LEU E 108 39.11 24.17 0.13
CA LEU E 108 38.20 23.32 -0.65
C LEU E 108 36.84 23.22 0.01
N CYS E 109 36.81 23.24 1.35
CA CYS E 109 35.54 23.17 2.06
C CYS E 109 34.79 24.48 1.93
N GLU E 110 35.52 25.58 1.97
CA GLU E 110 34.91 26.90 1.83
C GLU E 110 34.30 26.94 0.43
N GLY E 111 34.93 26.20 -0.48
CA GLY E 111 34.43 26.13 -1.84
C GLY E 111 33.15 25.32 -1.78
N ILE E 112 33.24 24.11 -1.20
CA ILE E 112 32.09 23.22 -1.09
C ILE E 112 30.87 23.88 -0.42
N ALA E 113 31.05 24.43 0.78
CA ALA E 113 29.98 25.08 1.53
C ALA E 113 29.31 26.18 0.72
N LYS E 114 30.08 26.83 -0.13
CA LYS E 114 29.57 27.91 -0.96
C LYS E 114 28.84 27.40 -2.21
N CYS E 115 29.52 26.60 -3.01
CA CYS E 115 28.95 26.10 -4.27
C CYS E 115 28.02 24.89 -4.24
N CYS E 116 28.19 24.00 -3.25
CA CYS E 116 27.31 22.83 -3.16
C CYS E 116 27.20 22.34 -1.73
N PRO E 117 26.61 23.17 -0.85
CA PRO E 117 26.40 22.90 0.58
C PRO E 117 25.57 21.64 0.86
N ARG E 118 24.95 21.09 -0.16
CA ARG E 118 24.14 19.89 0.01
C ARG E 118 24.79 18.65 -0.60
N ALA E 119 25.98 18.81 -1.14
CA ALA E 119 26.69 17.70 -1.75
C ALA E 119 27.24 16.76 -0.68
N ILE E 120 27.24 15.46 -0.98
CA ILE E 120 27.78 14.47 -0.05
C ILE E 120 29.30 14.58 -0.23
N VAL E 121 30.04 14.65 0.87
CA VAL E 121 31.49 14.78 0.78
C VAL E 121 32.26 13.55 1.26
N ASN E 122 33.12 13.05 0.39
CA ASN E 122 33.97 11.90 0.73
C ASN E 122 35.37 12.46 0.97
N LEU E 123 35.71 12.71 2.24
CA LEU E 123 37.01 13.28 2.57
C LEU E 123 38.08 12.18 2.71
N ILE E 124 39.18 12.38 1.99
CA ILE E 124 40.29 11.43 1.99
C ILE E 124 41.60 12.14 2.36
N SER E 125 41.55 13.47 2.43
CA SER E 125 42.73 14.24 2.79
C SER E 125 43.31 13.80 4.13
N ASN E 126 44.60 13.48 4.12
CA ASN E 126 45.29 13.03 5.32
C ASN E 126 45.79 14.23 6.13
N PRO E 127 45.68 14.17 7.47
CA PRO E 127 45.14 13.06 8.28
C PRO E 127 43.63 13.14 8.45
N VAL E 128 42.96 12.04 8.11
CA VAL E 128 41.50 11.97 8.20
C VAL E 128 40.94 12.25 9.60
N ASN E 129 41.63 11.79 10.63
CA ASN E 129 41.15 12.00 12.00
C ASN E 129 41.06 13.49 12.35
N SER E 130 41.81 14.33 11.63
CA SER E 130 41.81 15.77 11.89
C SER E 130 41.12 16.56 10.78
N THR E 131 41.32 16.13 9.54
CA THR E 131 40.72 16.80 8.38
C THR E 131 39.19 16.80 8.41
N VAL E 132 38.59 15.65 8.71
CA VAL E 132 37.14 15.57 8.81
C VAL E 132 36.67 16.61 9.83
N PRO E 133 37.26 16.58 11.05
CA PRO E 133 36.86 17.56 12.06
C PRO E 133 37.11 18.98 11.56
N ILE E 134 38.15 19.17 10.76
CA ILE E 134 38.46 20.48 10.19
C ILE E 134 37.35 20.88 9.23
N ALA E 135 36.94 19.95 8.38
CA ALA E 135 35.89 20.21 7.41
C ALA E 135 34.63 20.63 8.16
N ALA E 136 34.28 19.83 9.18
CA ALA E 136 33.10 20.09 10.00
C ALA E 136 33.03 21.54 10.47
N GLU E 137 34.13 22.02 11.07
CA GLU E 137 34.16 23.39 11.56
C GLU E 137 33.94 24.39 10.43
N VAL E 138 34.68 24.23 9.34
CA VAL E 138 34.56 25.14 8.21
C VAL E 138 33.11 25.24 7.72
N PHE E 139 32.38 24.13 7.75
CA PHE E 139 30.99 24.13 7.32
C PHE E 139 30.07 24.80 8.35
N LYS E 140 30.38 24.57 9.62
CA LYS E 140 29.60 25.13 10.73
C LYS E 140 29.57 26.66 10.66
N LYS E 141 30.73 27.25 10.37
CA LYS E 141 30.85 28.70 10.26
C LYS E 141 30.04 29.21 9.08
N ALA E 142 30.08 28.47 7.98
CA ALA E 142 29.35 28.85 6.78
C ALA E 142 27.87 28.51 6.93
N GLY E 143 27.53 27.89 8.06
CA GLY E 143 26.15 27.51 8.31
C GLY E 143 25.67 26.57 7.22
N THR E 144 26.50 25.59 6.90
CA THR E 144 26.16 24.62 5.87
C THR E 144 26.48 23.21 6.35
N TYR E 145 26.99 23.11 7.57
CA TYR E 145 27.36 21.83 8.15
C TYR E 145 26.20 20.88 8.34
N ASP E 146 26.29 19.73 7.70
CA ASP E 146 25.29 18.69 7.81
C ASP E 146 26.11 17.44 8.07
N PRO E 147 25.99 16.88 9.29
CA PRO E 147 26.72 15.67 9.70
C PRO E 147 26.36 14.39 8.94
N LYS E 148 25.21 14.38 8.27
CA LYS E 148 24.79 13.22 7.51
C LYS E 148 25.41 13.21 6.12
N ARG E 149 26.01 14.33 5.74
CA ARG E 149 26.61 14.46 4.41
C ARG E 149 28.14 14.46 4.36
N LEU E 150 28.79 14.35 5.51
CA LEU E 150 30.24 14.35 5.53
C LEU E 150 30.81 13.05 6.08
N LEU E 151 31.56 12.33 5.25
CA LEU E 151 32.15 11.07 5.68
C LEU E 151 33.65 11.01 5.38
N GLY E 152 34.42 10.48 6.32
CA GLY E 152 35.85 10.34 6.13
C GLY E 152 36.06 8.94 5.62
N VAL E 153 36.77 8.80 4.51
CA VAL E 153 36.97 7.47 3.92
C VAL E 153 38.02 6.62 4.62
N THR E 154 37.56 5.60 5.33
CA THR E 154 38.44 4.69 6.06
C THR E 154 38.41 3.35 5.33
N MET E 155 37.77 3.36 4.17
CA MET E 155 37.61 2.16 3.34
C MET E 155 38.90 1.35 3.21
N LEU E 156 40.01 2.03 2.91
CA LEU E 156 41.27 1.33 2.75
C LEU E 156 41.59 0.46 3.97
N ASP E 157 41.21 0.90 5.16
CA ASP E 157 41.45 0.10 6.37
C ASP E 157 40.64 -1.18 6.29
N VAL E 158 39.39 -1.05 5.86
CA VAL E 158 38.50 -2.20 5.71
C VAL E 158 39.05 -3.07 4.59
N VAL E 159 39.40 -2.42 3.48
CA VAL E 159 39.95 -3.14 2.33
C VAL E 159 41.15 -3.97 2.79
N ARG E 160 42.05 -3.35 3.55
CA ARG E 160 43.22 -4.05 4.04
C ARG E 160 42.77 -5.12 5.03
N ALA E 161 41.89 -4.74 5.93
CA ALA E 161 41.38 -5.66 6.94
C ALA E 161 40.86 -6.95 6.31
N ASN E 162 40.06 -6.83 5.25
CA ASN E 162 39.52 -8.02 4.59
C ASN E 162 40.61 -8.86 3.98
N THR E 163 41.49 -8.21 3.25
CA THR E 163 42.59 -8.88 2.56
C THR E 163 43.51 -9.60 3.52
N PHE E 164 43.85 -8.95 4.63
CA PHE E 164 44.75 -9.57 5.60
C PHE E 164 44.07 -10.72 6.32
N VAL E 165 42.80 -10.54 6.66
CA VAL E 165 42.05 -11.58 7.34
C VAL E 165 41.90 -12.81 6.44
N ALA E 166 41.61 -12.58 5.16
CA ALA E 166 41.43 -13.68 4.22
C ALA E 166 42.71 -14.51 4.06
N GLU E 167 43.84 -13.82 3.96
CA GLU E 167 45.13 -14.48 3.81
C GLU E 167 45.38 -15.42 5.00
N VAL E 168 45.03 -14.94 6.19
CA VAL E 168 45.20 -15.76 7.38
C VAL E 168 44.25 -16.94 7.31
N LEU E 169 42.98 -16.66 7.06
CA LEU E 169 41.95 -17.69 6.98
C LEU E 169 42.05 -18.53 5.71
N GLY E 170 43.01 -18.19 4.85
CA GLY E 170 43.16 -18.93 3.61
C GLY E 170 41.91 -18.80 2.76
N LEU E 171 41.27 -17.63 2.84
CA LEU E 171 40.04 -17.37 2.09
C LEU E 171 40.19 -16.29 1.02
N ASP E 172 39.23 -16.25 0.10
CA ASP E 172 39.22 -15.24 -0.95
C ASP E 172 38.73 -13.95 -0.26
N PRO E 173 39.53 -12.87 -0.36
CA PRO E 173 39.15 -11.60 0.27
C PRO E 173 37.78 -11.02 -0.07
N ARG E 174 37.18 -11.45 -1.17
CA ARG E 174 35.86 -10.93 -1.53
C ARG E 174 34.80 -11.50 -0.58
N ASP E 175 34.97 -12.75 -0.21
CA ASP E 175 34.03 -13.44 0.68
C ASP E 175 34.38 -13.22 2.16
N VAL E 176 34.91 -12.04 2.48
CA VAL E 176 35.27 -11.70 3.85
C VAL E 176 35.00 -10.23 4.09
N ASP E 177 34.52 -9.92 5.28
CA ASP E 177 34.25 -8.54 5.63
C ASP E 177 34.53 -8.34 7.11
N VAL E 178 35.37 -7.36 7.38
CA VAL E 178 35.77 -7.03 8.74
C VAL E 178 35.45 -5.58 9.05
N PRO E 179 34.54 -5.34 9.99
CA PRO E 179 34.21 -3.95 10.30
C PRO E 179 35.42 -3.31 10.98
N VAL E 180 35.71 -2.07 10.64
CA VAL E 180 36.82 -1.37 11.25
C VAL E 180 36.26 -0.09 11.83
N VAL E 181 36.48 0.09 13.13
CA VAL E 181 35.96 1.26 13.84
C VAL E 181 37.06 2.15 14.39
N GLY E 182 36.67 3.28 14.96
CA GLY E 182 37.63 4.18 15.55
C GLY E 182 38.07 5.34 14.68
N GLY E 183 39.34 5.33 14.29
CA GLY E 183 39.87 6.41 13.48
C GLY E 183 40.65 5.90 12.28
N HIS E 184 41.34 6.82 11.59
CA HIS E 184 42.10 6.47 10.39
C HIS E 184 43.61 6.72 10.52
N ALA E 185 44.24 6.15 11.55
CA ALA E 185 45.67 6.32 11.78
C ALA E 185 46.22 5.41 12.89
N GLY E 186 47.41 4.86 12.66
CA GLY E 186 48.05 4.00 13.64
C GLY E 186 47.13 3.03 14.38
N VAL E 187 47.14 3.13 15.71
CA VAL E 187 46.34 2.25 16.55
C VAL E 187 44.94 2.83 16.75
N THR E 188 44.61 3.85 15.97
CA THR E 188 43.29 4.46 16.05
C THR E 188 42.38 3.54 15.24
N ILE E 189 42.99 2.80 14.32
CA ILE E 189 42.28 1.86 13.46
C ILE E 189 41.90 0.65 14.31
N LEU E 190 40.61 0.44 14.54
CA LEU E 190 40.20 -0.67 15.36
C LEU E 190 39.44 -1.77 14.62
N PRO E 191 40.18 -2.78 14.12
CA PRO E 191 39.61 -3.91 13.39
C PRO E 191 38.96 -4.96 14.33
N LEU E 192 37.63 -4.94 14.39
CA LEU E 192 36.90 -5.87 15.23
C LEU E 192 36.90 -7.28 14.66
N LEU E 193 38.04 -7.95 14.78
CA LEU E 193 38.20 -9.32 14.28
C LEU E 193 37.19 -10.34 14.80
N SER E 194 36.49 -10.01 15.88
CA SER E 194 35.50 -10.93 16.46
C SER E 194 34.22 -10.95 15.63
N GLN E 195 33.92 -9.81 14.99
CA GLN E 195 32.74 -9.64 14.16
C GLN E 195 33.02 -10.09 12.72
N VAL E 196 34.06 -10.88 12.52
CA VAL E 196 34.42 -11.35 11.20
C VAL E 196 33.40 -12.26 10.55
N LYS E 197 33.20 -12.08 9.24
CA LYS E 197 32.28 -12.90 8.47
C LYS E 197 33.05 -13.46 7.28
N PRO E 198 33.03 -14.80 7.10
CA PRO E 198 32.35 -15.76 7.97
C PRO E 198 32.92 -15.77 9.38
N PRO E 199 32.12 -16.17 10.36
CA PRO E 199 32.60 -16.22 11.75
C PRO E 199 33.80 -17.13 11.86
N SER E 200 34.90 -16.61 12.39
CA SER E 200 36.13 -17.37 12.54
C SER E 200 36.81 -17.10 13.88
N SER E 201 37.47 -18.13 14.42
CA SER E 201 38.18 -17.99 15.68
C SER E 201 39.67 -17.87 15.41
N PHE E 202 40.29 -16.88 16.05
CA PHE E 202 41.72 -16.63 15.85
C PHE E 202 42.48 -16.97 17.12
N THR E 203 43.78 -17.15 16.97
CA THR E 203 44.66 -17.43 18.09
C THR E 203 45.10 -16.06 18.58
N GLN E 204 45.57 -15.96 19.82
CA GLN E 204 46.03 -14.66 20.32
C GLN E 204 47.09 -14.16 19.34
N GLU E 205 47.87 -15.12 18.85
CA GLU E 205 48.93 -14.88 17.89
C GLU E 205 48.44 -14.23 16.59
N GLU E 206 47.38 -14.77 16.01
CA GLU E 206 46.81 -14.24 14.76
C GLU E 206 46.10 -12.91 14.98
N ILE E 207 45.43 -12.77 16.12
CA ILE E 207 44.69 -11.55 16.43
C ILE E 207 45.62 -10.34 16.56
N SER E 208 46.74 -10.54 17.23
CA SER E 208 47.71 -9.48 17.47
C SER E 208 48.38 -9.02 16.18
N TYR E 209 48.80 -9.99 15.36
CA TYR E 209 49.44 -9.73 14.07
C TYR E 209 48.54 -8.96 13.12
N LEU E 210 47.32 -9.45 12.94
CA LEU E 210 46.36 -8.82 12.05
C LEU E 210 46.01 -7.41 12.49
N THR E 211 45.74 -7.20 13.77
CA THR E 211 45.42 -5.87 14.26
C THR E 211 46.59 -4.96 13.98
N ASP E 212 47.78 -5.54 14.02
CA ASP E 212 49.01 -4.78 13.78
C ASP E 212 49.16 -4.35 12.33
N ARG E 213 49.23 -5.33 11.44
CA ARG E 213 49.39 -5.04 10.03
C ARG E 213 48.32 -4.04 9.58
N ILE E 214 47.08 -4.29 9.98
CA ILE E 214 45.97 -3.41 9.60
C ILE E 214 46.17 -1.98 10.06
N GLN E 215 46.65 -1.80 11.29
CA GLN E 215 46.85 -0.46 11.81
C GLN E 215 48.05 0.23 11.17
N ASN E 216 49.03 -0.56 10.73
CA ASN E 216 50.23 0.00 10.12
C ASN E 216 50.35 -0.38 8.64
N GLY E 217 49.21 -0.63 8.01
CA GLY E 217 49.21 -0.98 6.60
C GLY E 217 49.82 0.11 5.74
N GLY E 218 49.61 1.37 6.13
CA GLY E 218 50.16 2.47 5.37
C GLY E 218 51.67 2.35 5.21
N THR E 219 52.40 2.37 6.33
CA THR E 219 53.84 2.30 6.27
C THR E 219 54.36 1.07 5.55
N GLU E 220 53.61 -0.03 5.60
CA GLU E 220 54.05 -1.25 4.92
C GLU E 220 54.33 -0.92 3.46
N VAL E 221 53.46 -0.11 2.87
CA VAL E 221 53.59 0.29 1.48
C VAL E 221 54.60 1.42 1.31
N VAL E 222 54.56 2.41 2.21
CA VAL E 222 55.52 3.51 2.15
C VAL E 222 56.92 2.92 2.16
N GLU E 223 57.10 1.93 3.02
CA GLU E 223 58.36 1.23 3.18
C GLU E 223 58.72 0.55 1.86
N ALA E 224 57.81 -0.26 1.36
CA ALA E 224 58.02 -0.98 0.12
C ALA E 224 58.38 -0.08 -1.06
N LYS E 225 57.89 1.15 -1.05
CA LYS E 225 58.18 2.07 -2.14
C LYS E 225 59.50 2.82 -1.95
N ALA E 226 60.32 2.34 -1.03
CA ALA E 226 61.61 2.97 -0.75
C ALA E 226 61.46 4.45 -0.41
N GLY E 227 60.83 4.72 0.74
CA GLY E 227 60.63 6.08 1.21
C GLY E 227 59.85 7.06 0.33
N ALA E 228 60.12 7.05 -0.97
CA ALA E 228 59.46 7.96 -1.90
C ALA E 228 58.13 7.46 -2.45
N GLY E 229 57.06 7.71 -1.72
CA GLY E 229 55.75 7.29 -2.18
C GLY E 229 54.93 6.46 -1.20
N SER E 230 53.62 6.75 -1.19
CA SER E 230 52.70 6.04 -0.32
C SER E 230 51.65 5.34 -1.18
N ALA E 231 50.66 4.73 -0.54
CA ALA E 231 49.63 4.04 -1.27
C ALA E 231 48.90 5.03 -2.19
N THR E 232 48.56 4.58 -3.39
CA THR E 232 47.85 5.41 -4.37
C THR E 232 46.78 4.58 -5.08
N LEU E 233 47.21 3.50 -5.70
CA LEU E 233 46.32 2.62 -6.45
C LEU E 233 45.26 1.98 -5.56
N SER E 234 45.70 1.19 -4.58
CA SER E 234 44.77 0.54 -3.67
C SER E 234 43.89 1.59 -3.00
N MET E 235 44.44 2.80 -2.83
CA MET E 235 43.70 3.89 -2.23
C MET E 235 42.55 4.30 -3.14
N ALA E 236 42.87 4.61 -4.40
CA ALA E 236 41.85 5.00 -5.38
C ALA E 236 40.79 3.91 -5.43
N TYR E 237 41.25 2.65 -5.42
CA TYR E 237 40.34 1.52 -5.43
C TYR E 237 39.32 1.60 -4.30
N ALA E 238 39.80 1.93 -3.11
CA ALA E 238 38.95 2.04 -1.94
C ALA E 238 38.06 3.28 -2.03
N ALA E 239 38.64 4.40 -2.45
CA ALA E 239 37.87 5.63 -2.55
C ALA E 239 36.66 5.41 -3.46
N VAL E 240 36.90 4.85 -4.64
CA VAL E 240 35.82 4.60 -5.57
C VAL E 240 34.80 3.62 -4.98
N LYS E 241 35.29 2.48 -4.49
CA LYS E 241 34.41 1.49 -3.89
C LYS E 241 33.44 2.17 -2.93
N PHE E 242 34.00 2.99 -2.05
CA PHE E 242 33.18 3.70 -1.07
C PHE E 242 32.28 4.70 -1.78
N ALA E 243 32.81 5.33 -2.83
CA ALA E 243 32.07 6.31 -3.62
C ALA E 243 30.83 5.67 -4.25
N ASP E 244 31.01 4.50 -4.84
CA ASP E 244 29.92 3.75 -5.47
C ASP E 244 28.86 3.50 -4.40
N ALA E 245 29.31 3.22 -3.18
CA ALA E 245 28.38 2.98 -2.09
C ALA E 245 27.54 4.23 -1.84
N CYS E 246 28.19 5.38 -1.73
CA CYS E 246 27.48 6.65 -1.52
C CYS E 246 26.48 6.90 -2.65
N LEU E 247 26.88 6.55 -3.87
CA LEU E 247 26.00 6.75 -5.01
C LEU E 247 24.80 5.82 -4.90
N ARG E 248 25.07 4.53 -4.68
CA ARG E 248 24.01 3.53 -4.55
C ARG E 248 23.02 3.97 -3.47
N GLY E 249 23.54 4.67 -2.47
CA GLY E 249 22.70 5.16 -1.40
C GLY E 249 21.83 6.27 -1.95
N LEU E 250 22.46 7.25 -2.60
CA LEU E 250 21.73 8.37 -3.20
C LEU E 250 20.73 7.86 -4.23
N ARG E 251 21.07 6.76 -4.89
CA ARG E 251 20.19 6.18 -5.89
C ARG E 251 18.89 5.72 -5.23
N GLY E 252 19.00 5.25 -3.99
CA GLY E 252 17.82 4.80 -3.27
C GLY E 252 17.92 3.35 -2.84
N ASP E 253 19.08 2.75 -3.07
CA ASP E 253 19.32 1.37 -2.71
C ASP E 253 19.17 1.18 -1.20
N ALA E 254 18.82 -0.03 -0.81
CA ALA E 254 18.63 -0.36 0.59
C ALA E 254 19.80 -1.19 1.11
N GLY E 255 19.94 -1.22 2.43
CA GLY E 255 20.99 -2.00 3.07
C GLY E 255 22.42 -1.68 2.64
N VAL E 256 22.66 -0.46 2.16
CA VAL E 256 24.01 -0.07 1.77
C VAL E 256 24.76 0.33 3.04
N ILE E 257 25.44 -0.64 3.64
CA ILE E 257 26.18 -0.42 4.88
C ILE E 257 27.69 -0.39 4.64
N GLU E 258 28.33 0.67 5.11
CA GLU E 258 29.78 0.80 4.95
C GLU E 258 30.40 1.42 6.21
N CYS E 259 31.69 1.18 6.42
CA CYS E 259 32.37 1.76 7.56
C CYS E 259 32.93 3.10 7.11
N ALA E 260 32.82 4.12 7.95
CA ALA E 260 33.32 5.45 7.61
C ALA E 260 33.49 6.33 8.84
N PHE E 261 34.52 7.17 8.83
CA PHE E 261 34.79 8.08 9.95
C PHE E 261 33.89 9.30 9.80
N VAL E 262 32.86 9.38 10.63
CA VAL E 262 31.93 10.49 10.56
C VAL E 262 31.54 11.07 11.91
N SER E 263 30.56 11.98 11.88
CA SER E 263 30.04 12.62 13.09
C SER E 263 29.13 11.64 13.82
N SER E 264 29.63 11.06 14.90
CA SER E 264 28.82 10.10 15.64
C SER E 264 28.81 10.28 17.17
N GLN E 265 27.75 9.75 17.78
CA GLN E 265 27.58 9.79 19.22
C GLN E 265 27.63 8.35 19.72
N VAL E 266 28.39 7.53 19.00
CA VAL E 266 28.58 6.13 19.35
C VAL E 266 29.56 6.10 20.51
N THR E 267 30.18 7.25 20.75
CA THR E 267 31.14 7.43 21.81
C THR E 267 31.02 8.87 22.32
N GLU E 268 31.87 9.25 23.27
CA GLU E 268 31.86 10.60 23.80
C GLU E 268 32.54 11.54 22.82
N LEU E 269 33.31 10.96 21.89
CA LEU E 269 33.99 11.73 20.88
C LEU E 269 32.95 12.19 19.86
N PRO E 270 33.12 13.39 19.30
CA PRO E 270 32.17 13.94 18.30
C PRO E 270 32.30 13.28 16.93
N PHE E 271 33.46 12.68 16.67
CA PHE E 271 33.72 11.98 15.43
C PHE E 271 34.27 10.58 15.73
N PHE E 272 33.86 9.61 14.92
CA PHE E 272 34.29 8.23 15.14
C PHE E 272 33.96 7.36 13.93
N ALA E 273 34.80 6.37 13.67
CA ALA E 273 34.61 5.46 12.56
C ALA E 273 33.81 4.22 12.98
N SER E 274 32.70 3.99 12.28
CA SER E 274 31.84 2.85 12.52
C SER E 274 30.89 2.67 11.35
N LYS E 275 30.35 1.46 11.21
CA LYS E 275 29.43 1.15 10.14
C LYS E 275 28.32 2.21 10.07
N VAL E 276 28.06 2.70 8.86
CA VAL E 276 27.01 3.69 8.60
C VAL E 276 26.17 3.21 7.43
N ARG E 277 24.88 3.53 7.47
CA ARG E 277 23.98 3.13 6.39
C ARG E 277 23.86 4.32 5.46
N LEU E 278 24.20 4.10 4.19
CA LEU E 278 24.14 5.16 3.20
C LEU E 278 22.75 5.29 2.58
N GLY E 279 22.19 6.49 2.64
CA GLY E 279 20.87 6.73 2.09
C GLY E 279 20.82 7.89 1.10
N ARG E 280 19.60 8.33 0.78
CA ARG E 280 19.38 9.42 -0.15
C ARG E 280 19.93 10.77 0.31
N ASN E 281 20.23 10.90 1.59
CA ASN E 281 20.74 12.15 2.13
C ASN E 281 22.08 11.95 2.81
N GLY E 282 22.80 10.91 2.43
CA GLY E 282 24.08 10.62 3.03
C GLY E 282 23.90 9.55 4.09
N ILE E 283 24.33 9.83 5.31
CA ILE E 283 24.19 8.87 6.39
C ILE E 283 22.74 8.84 6.86
N GLU E 284 22.13 7.67 6.78
CA GLU E 284 20.75 7.49 7.20
C GLU E 284 20.77 6.95 8.61
N GLU E 285 21.93 6.44 9.03
CA GLU E 285 22.07 5.87 10.35
C GLU E 285 23.51 5.47 10.67
N VAL E 286 23.95 5.85 11.87
CA VAL E 286 25.28 5.51 12.33
C VAL E 286 25.09 4.36 13.32
N TYR E 287 25.68 3.22 13.01
CA TYR E 287 25.55 2.06 13.87
C TYR E 287 26.48 2.06 15.08
N SER E 288 26.18 1.19 16.02
CA SER E 288 26.99 1.05 17.24
C SER E 288 28.16 0.12 16.92
N LEU E 289 29.17 0.10 17.78
CA LEU E 289 30.33 -0.74 17.56
C LEU E 289 30.02 -2.23 17.55
N GLY E 290 29.02 -2.63 18.33
CA GLY E 290 28.66 -4.03 18.40
C GLY E 290 29.36 -4.75 19.53
N PRO E 291 29.26 -6.08 19.59
CA PRO E 291 29.91 -6.88 20.64
C PRO E 291 31.43 -6.93 20.52
N LEU E 292 32.12 -6.42 21.55
CA LEU E 292 33.58 -6.39 21.57
C LEU E 292 34.18 -7.31 22.65
N ASN E 293 35.34 -7.89 22.34
CA ASN E 293 36.02 -8.77 23.29
C ASN E 293 37.07 -7.95 24.04
N GLU E 294 37.83 -8.60 24.92
CA GLU E 294 38.85 -7.91 25.70
C GLU E 294 39.84 -7.15 24.82
N TYR E 295 40.54 -7.88 23.95
CA TYR E 295 41.53 -7.30 23.05
C TYR E 295 40.97 -6.06 22.34
N GLU E 296 39.69 -6.13 21.98
CA GLU E 296 39.04 -5.04 21.28
C GLU E 296 38.58 -3.92 22.23
N ARG E 297 38.08 -4.31 23.40
CA ARG E 297 37.65 -3.31 24.37
C ARG E 297 38.87 -2.49 24.76
N ILE E 298 40.02 -3.16 24.85
CA ILE E 298 41.27 -2.51 25.20
C ILE E 298 41.68 -1.60 24.06
N GLY E 299 41.70 -2.16 22.85
CA GLY E 299 42.06 -1.40 21.68
C GLY E 299 41.20 -0.16 21.56
N LEU E 300 39.91 -0.34 21.84
CA LEU E 300 38.96 0.76 21.77
C LEU E 300 39.42 1.86 22.70
N GLU E 301 39.96 1.45 23.84
CA GLU E 301 40.44 2.41 24.83
C GLU E 301 41.69 3.16 24.37
N LYS E 302 42.63 2.44 23.75
CA LYS E 302 43.84 3.07 23.23
C LYS E 302 43.47 3.99 22.07
N ALA E 303 42.50 3.54 21.27
CA ALA E 303 42.03 4.30 20.13
C ALA E 303 41.47 5.65 20.58
N LYS E 304 40.48 5.60 21.48
CA LYS E 304 39.88 6.82 21.99
C LYS E 304 40.93 7.80 22.48
N LYS E 305 41.90 7.29 23.23
CA LYS E 305 42.97 8.13 23.76
C LYS E 305 43.54 9.01 22.66
N GLU E 306 44.37 8.40 21.82
CA GLU E 306 45.00 9.11 20.72
C GLU E 306 44.02 9.87 19.83
N LEU E 307 42.83 9.32 19.64
CA LEU E 307 41.82 9.95 18.79
C LEU E 307 41.35 11.31 19.32
N ALA E 308 41.03 11.36 20.62
CA ALA E 308 40.58 12.59 21.24
C ALA E 308 41.47 13.76 20.81
N GLY E 309 42.78 13.56 20.94
CA GLY E 309 43.72 14.60 20.56
C GLY E 309 43.69 14.94 19.08
N SER E 310 43.65 13.91 18.24
CA SER E 310 43.62 14.09 16.79
C SER E 310 42.47 15.01 16.37
N ILE E 311 41.28 14.72 16.88
CA ILE E 311 40.10 15.52 16.56
C ILE E 311 40.30 16.96 17.03
N GLU E 312 40.94 17.10 18.18
CA GLU E 312 41.21 18.41 18.76
C GLU E 312 42.16 19.20 17.85
N LYS E 313 43.29 18.59 17.51
CA LYS E 313 44.28 19.23 16.66
C LYS E 313 43.60 19.88 15.45
N GLY E 314 42.58 19.21 14.94
CA GLY E 314 41.85 19.71 13.78
C GLY E 314 40.81 20.75 14.11
N VAL E 315 40.02 20.50 15.16
CA VAL E 315 39.00 21.46 15.56
C VAL E 315 39.68 22.79 15.84
N SER E 316 40.80 22.70 16.55
CA SER E 316 41.57 23.87 16.92
C SER E 316 42.07 24.66 15.71
N PHE E 317 42.69 23.97 14.77
CA PHE E 317 43.21 24.61 13.56
C PHE E 317 42.23 25.62 12.95
N ILE E 318 40.95 25.29 12.97
CA ILE E 318 39.93 26.17 12.41
C ILE E 318 39.42 27.21 13.41
N ARG E 319 39.05 26.76 14.61
CA ARG E 319 38.53 27.66 15.63
C ARG E 319 39.60 28.58 16.22
N SER E 320 40.84 28.42 15.78
CA SER E 320 41.92 29.27 16.26
C SER E 320 42.01 30.54 15.43
N GLY F 8 40.45 -19.49 -12.50
CA GLY F 8 40.98 -18.18 -13.00
C GLY F 8 42.22 -18.30 -13.86
N PHE F 9 42.72 -17.16 -14.35
CA PHE F 9 43.91 -17.18 -15.20
C PHE F 9 45.05 -16.40 -14.58
N LYS F 10 46.25 -16.67 -15.07
CA LYS F 10 47.45 -16.02 -14.57
C LYS F 10 47.91 -14.93 -15.51
N VAL F 11 48.03 -13.72 -14.99
CA VAL F 11 48.44 -12.57 -15.81
C VAL F 11 49.71 -11.88 -15.35
N ALA F 12 50.63 -11.70 -16.29
CA ALA F 12 51.88 -11.00 -16.02
C ALA F 12 51.87 -9.67 -16.78
N ILE F 13 52.10 -8.58 -16.06
CA ILE F 13 52.15 -7.26 -16.68
C ILE F 13 53.61 -6.84 -16.69
N LEU F 14 54.18 -6.68 -17.88
CA LEU F 14 55.57 -6.28 -17.99
C LEU F 14 55.67 -4.75 -18.11
N GLY F 15 56.27 -4.11 -17.12
CA GLY F 15 56.39 -2.66 -17.11
C GLY F 15 55.28 -2.08 -16.26
N ALA F 16 54.94 -2.79 -15.19
CA ALA F 16 53.86 -2.43 -14.30
C ALA F 16 54.06 -1.20 -13.42
N ALA F 17 55.29 -0.69 -13.36
CA ALA F 17 55.59 0.47 -12.52
C ALA F 17 55.47 1.78 -13.30
N GLY F 18 55.29 1.66 -14.61
CA GLY F 18 55.20 2.84 -15.45
C GLY F 18 53.92 3.64 -15.34
N GLY F 19 53.82 4.67 -16.18
CA GLY F 19 52.66 5.54 -16.19
C GLY F 19 51.39 4.80 -16.59
N ILE F 20 51.51 3.87 -17.54
CA ILE F 20 50.37 3.10 -17.98
C ILE F 20 50.27 1.84 -17.15
N GLY F 21 51.44 1.27 -16.87
CA GLY F 21 51.54 0.04 -16.11
C GLY F 21 50.78 0.02 -14.81
N GLN F 22 50.93 1.05 -14.00
CA GLN F 22 50.28 1.08 -12.70
C GLN F 22 48.75 1.09 -12.75
N PRO F 23 48.16 2.04 -13.48
CA PRO F 23 46.69 2.05 -13.52
C PRO F 23 46.21 0.71 -14.07
N LEU F 24 46.89 0.26 -15.11
CA LEU F 24 46.56 -0.99 -15.75
C LEU F 24 46.59 -2.13 -14.74
N ALA F 25 47.66 -2.16 -13.93
CA ALA F 25 47.84 -3.17 -12.91
C ALA F 25 46.70 -3.11 -11.90
N MET F 26 46.33 -1.90 -11.49
CA MET F 26 45.25 -1.75 -10.54
C MET F 26 43.97 -2.35 -11.10
N LEU F 27 43.66 -2.05 -12.35
CA LEU F 27 42.45 -2.57 -12.97
C LEU F 27 42.49 -4.09 -13.11
N MET F 28 43.65 -4.65 -13.43
CA MET F 28 43.75 -6.10 -13.57
C MET F 28 43.59 -6.79 -12.22
N LYS F 29 43.96 -6.09 -11.16
CA LYS F 29 43.83 -6.65 -9.82
C LYS F 29 42.34 -6.79 -9.50
N MET F 30 41.53 -6.01 -10.21
CA MET F 30 40.09 -6.02 -10.00
C MET F 30 39.36 -7.03 -10.88
N ASN F 31 40.01 -7.49 -11.95
CA ASN F 31 39.38 -8.44 -12.85
C ASN F 31 39.25 -9.83 -12.20
N PRO F 32 38.01 -10.25 -11.94
CA PRO F 32 37.70 -11.55 -11.31
C PRO F 32 38.25 -12.77 -12.03
N LEU F 33 38.50 -12.65 -13.32
CA LEU F 33 39.05 -13.77 -14.07
C LEU F 33 40.54 -13.93 -13.83
N VAL F 34 41.11 -13.01 -13.06
CA VAL F 34 42.54 -13.10 -12.78
C VAL F 34 42.75 -13.76 -11.42
N SER F 35 43.38 -14.94 -11.44
CA SER F 35 43.66 -15.69 -10.23
C SER F 35 44.96 -15.20 -9.62
N VAL F 36 46.01 -15.16 -10.43
CA VAL F 36 47.29 -14.68 -9.96
C VAL F 36 47.75 -13.55 -10.87
N LEU F 37 48.30 -12.50 -10.27
CA LEU F 37 48.78 -11.35 -11.01
C LEU F 37 50.23 -11.06 -10.70
N HIS F 38 51.06 -10.97 -11.73
CA HIS F 38 52.46 -10.69 -11.56
C HIS F 38 52.80 -9.31 -12.13
N LEU F 39 53.47 -8.50 -11.32
CA LEU F 39 53.87 -7.17 -11.73
C LEU F 39 55.39 -7.15 -11.90
N TYR F 40 55.85 -7.03 -13.13
CA TYR F 40 57.27 -6.98 -13.43
C TYR F 40 57.71 -5.58 -13.87
N ASP F 41 58.97 -5.27 -13.64
CA ASP F 41 59.53 -3.98 -14.06
C ASP F 41 60.98 -3.88 -13.61
N VAL F 42 61.73 -2.98 -14.22
CA VAL F 42 63.12 -2.84 -13.84
C VAL F 42 63.27 -1.91 -12.65
N VAL F 43 62.18 -1.24 -12.27
CA VAL F 43 62.20 -0.35 -11.11
C VAL F 43 60.85 -0.28 -10.43
N ASN F 44 60.87 0.07 -9.14
CA ASN F 44 59.68 0.25 -8.33
C ASN F 44 58.59 -0.82 -8.30
N ALA F 45 58.85 -1.99 -8.89
CA ALA F 45 57.83 -3.02 -8.91
C ALA F 45 57.32 -3.41 -7.52
N PRO F 46 58.23 -3.55 -6.54
CA PRO F 46 57.79 -3.92 -5.19
C PRO F 46 56.85 -2.92 -4.52
N GLY F 47 57.08 -1.63 -4.76
CA GLY F 47 56.23 -0.62 -4.16
C GLY F 47 54.84 -0.75 -4.73
N VAL F 48 54.76 -0.78 -6.05
CA VAL F 48 53.50 -0.91 -6.77
C VAL F 48 52.79 -2.17 -6.31
N THR F 49 53.53 -3.28 -6.31
CA THR F 49 52.99 -4.57 -5.91
C THR F 49 52.43 -4.53 -4.50
N ALA F 50 53.15 -3.88 -3.60
CA ALA F 50 52.69 -3.78 -2.22
C ALA F 50 51.39 -2.99 -2.15
N ASP F 51 51.37 -1.87 -2.86
CA ASP F 51 50.20 -1.00 -2.91
C ASP F 51 48.99 -1.82 -3.39
N ILE F 52 49.14 -2.49 -4.52
CA ILE F 52 48.06 -3.27 -5.08
C ILE F 52 47.69 -4.50 -4.25
N SER F 53 48.67 -5.10 -3.58
CA SER F 53 48.45 -6.29 -2.76
C SER F 53 47.34 -6.14 -1.73
N HIS F 54 47.18 -4.92 -1.20
CA HIS F 54 46.17 -4.64 -0.19
C HIS F 54 44.72 -4.68 -0.66
N MET F 55 44.50 -4.54 -1.97
CA MET F 55 43.15 -4.57 -2.49
C MET F 55 42.54 -5.94 -2.25
N ASP F 56 41.28 -5.95 -1.82
CA ASP F 56 40.57 -7.20 -1.51
C ASP F 56 39.81 -7.82 -2.68
N THR F 57 40.55 -8.36 -3.63
CA THR F 57 39.96 -9.00 -4.80
C THR F 57 40.53 -10.41 -4.89
N GLY F 58 40.05 -11.19 -5.86
CA GLY F 58 40.50 -12.56 -6.00
C GLY F 58 41.97 -12.79 -6.33
N ALA F 59 42.47 -12.06 -7.33
CA ALA F 59 43.85 -12.21 -7.75
C ALA F 59 44.87 -12.04 -6.64
N VAL F 60 45.87 -12.90 -6.63
CA VAL F 60 46.94 -12.79 -5.64
C VAL F 60 47.99 -12.04 -6.45
N VAL F 61 48.57 -11.00 -5.87
CA VAL F 61 49.57 -10.22 -6.59
C VAL F 61 51.00 -10.47 -6.13
N ARG F 62 51.93 -10.44 -7.10
CA ARG F 62 53.36 -10.65 -6.84
C ARG F 62 54.19 -9.72 -7.71
N GLY F 63 55.16 -9.04 -7.10
CA GLY F 63 56.03 -8.15 -7.85
C GLY F 63 57.38 -8.78 -8.16
N PHE F 64 57.92 -8.46 -9.34
CA PHE F 64 59.21 -8.98 -9.76
C PHE F 64 60.03 -7.82 -10.30
N LEU F 65 61.27 -7.73 -9.84
CA LEU F 65 62.14 -6.63 -10.20
C LEU F 65 63.44 -7.05 -10.86
N GLY F 66 63.78 -6.38 -11.95
CA GLY F 66 65.02 -6.69 -12.65
C GLY F 66 65.01 -7.89 -13.55
N GLN F 67 65.90 -7.85 -14.54
CA GLN F 67 66.04 -8.92 -15.52
C GLN F 67 66.16 -10.32 -14.93
N GLN F 68 66.82 -10.43 -13.78
CA GLN F 68 67.00 -11.74 -13.17
C GLN F 68 65.71 -12.32 -12.58
N GLN F 69 64.70 -11.49 -12.41
CA GLN F 69 63.44 -11.98 -11.86
C GLN F 69 62.34 -12.06 -12.91
N LEU F 70 62.70 -11.85 -14.17
CA LEU F 70 61.74 -11.90 -15.27
C LEU F 70 61.18 -13.29 -15.46
N GLU F 71 62.05 -14.30 -15.34
CA GLU F 71 61.63 -15.68 -15.51
C GLU F 71 60.57 -16.04 -14.48
N ALA F 72 60.84 -15.71 -13.23
CA ALA F 72 59.92 -16.00 -12.14
C ALA F 72 58.55 -15.36 -12.39
N ALA F 73 58.56 -14.16 -12.96
CA ALA F 73 57.32 -13.46 -13.25
C ALA F 73 56.56 -14.06 -14.43
N LEU F 74 57.29 -14.52 -15.44
CA LEU F 74 56.68 -15.08 -16.64
C LEU F 74 56.19 -16.54 -16.55
N THR F 75 56.89 -17.34 -15.75
CA THR F 75 56.56 -18.76 -15.60
C THR F 75 55.12 -19.11 -15.22
N GLY F 76 54.48 -19.92 -16.08
CA GLY F 76 53.11 -20.34 -15.84
C GLY F 76 52.00 -19.33 -16.10
N MET F 77 52.29 -18.29 -16.86
CA MET F 77 51.28 -17.28 -17.16
C MET F 77 50.44 -17.68 -18.36
N ASP F 78 49.23 -17.14 -18.43
CA ASP F 78 48.30 -17.41 -19.53
C ASP F 78 48.25 -16.20 -20.42
N LEU F 79 48.24 -15.03 -19.80
CA LEU F 79 48.19 -13.77 -20.51
C LEU F 79 49.29 -12.80 -20.07
N ILE F 80 49.97 -12.23 -21.04
CA ILE F 80 51.04 -11.28 -20.78
C ILE F 80 50.72 -9.93 -21.40
N ILE F 81 50.54 -8.92 -20.55
CA ILE F 81 50.25 -7.58 -21.01
C ILE F 81 51.58 -6.79 -21.00
N VAL F 82 52.01 -6.31 -22.17
CA VAL F 82 53.28 -5.62 -22.30
C VAL F 82 53.28 -4.12 -22.64
N PRO F 83 53.07 -3.25 -21.65
CA PRO F 83 53.05 -1.80 -21.87
C PRO F 83 54.46 -1.23 -21.80
N ALA F 84 55.41 -2.05 -21.36
CA ALA F 84 56.81 -1.67 -21.23
C ALA F 84 57.32 -0.74 -22.34
N GLY F 85 58.26 0.13 -21.97
CA GLY F 85 58.82 1.08 -22.92
C GLY F 85 59.10 2.37 -22.17
N VAL F 86 59.95 3.24 -22.73
CA VAL F 86 60.25 4.50 -22.08
C VAL F 86 59.57 5.68 -22.76
N PRO F 87 59.37 6.78 -22.01
CA PRO F 87 58.71 7.99 -22.53
C PRO F 87 59.63 8.85 -23.40
N ARG F 88 59.09 10.01 -23.82
CA ARG F 88 59.79 10.98 -24.67
C ARG F 88 61.22 11.28 -24.23
N LYS F 89 61.33 12.05 -23.15
CA LYS F 89 62.62 12.45 -22.59
C LYS F 89 63.28 13.50 -23.50
N PRO F 90 63.59 14.69 -22.95
CA PRO F 90 64.23 15.76 -23.74
C PRO F 90 65.69 15.42 -24.03
N GLY F 91 66.08 15.53 -25.29
CA GLY F 91 67.45 15.22 -25.66
C GLY F 91 67.56 13.76 -26.04
N MET F 92 66.56 12.99 -25.62
CA MET F 92 66.50 11.56 -25.91
C MET F 92 66.22 11.40 -27.40
N THR F 93 66.37 12.51 -28.13
CA THR F 93 66.13 12.54 -29.57
C THR F 93 65.03 11.59 -30.01
N ARG F 94 63.81 12.13 -30.08
CA ARG F 94 62.63 11.37 -30.48
C ARG F 94 62.87 10.63 -31.80
N ASP F 95 63.61 9.54 -31.71
CA ASP F 95 63.99 8.69 -32.83
C ASP F 95 64.75 7.55 -32.19
N ASP F 96 65.77 7.92 -31.42
CA ASP F 96 66.60 6.96 -30.70
C ASP F 96 65.71 6.17 -29.75
N LEU F 97 64.57 6.77 -29.37
CA LEU F 97 63.65 6.12 -28.46
C LEU F 97 63.08 4.85 -29.11
N PHE F 98 63.04 4.82 -30.43
CA PHE F 98 62.54 3.63 -31.11
C PHE F 98 63.48 2.47 -30.78
N LYS F 99 64.77 2.74 -30.88
CA LYS F 99 65.78 1.73 -30.60
C LYS F 99 65.68 1.22 -29.17
N ILE F 100 65.40 2.13 -28.25
CA ILE F 100 65.27 1.76 -26.84
C ILE F 100 64.08 0.82 -26.65
N ASN F 101 62.90 1.27 -27.05
CA ASN F 101 61.69 0.46 -26.92
C ASN F 101 61.77 -0.85 -27.68
N ALA F 102 62.32 -0.81 -28.88
CA ALA F 102 62.45 -2.01 -29.69
C ALA F 102 63.27 -3.03 -28.92
N GLY F 103 64.36 -2.55 -28.29
CA GLY F 103 65.22 -3.42 -27.52
C GLY F 103 64.54 -3.92 -26.27
N ILE F 104 63.73 -3.08 -25.65
CA ILE F 104 63.01 -3.47 -24.46
C ILE F 104 62.01 -4.55 -24.85
N VAL F 105 61.42 -4.41 -26.03
CA VAL F 105 60.46 -5.41 -26.48
C VAL F 105 61.20 -6.70 -26.80
N LYS F 106 62.31 -6.56 -27.50
CA LYS F 106 63.12 -7.71 -27.88
C LYS F 106 63.46 -8.63 -26.72
N THR F 107 64.10 -8.10 -25.68
CA THR F 107 64.49 -8.94 -24.56
C THR F 107 63.29 -9.53 -23.83
N LEU F 108 62.22 -8.74 -23.73
CA LEU F 108 61.03 -9.21 -23.04
C LEU F 108 60.40 -10.39 -23.75
N CYS F 109 60.38 -10.36 -25.07
CA CYS F 109 59.78 -11.47 -25.82
C CYS F 109 60.61 -12.73 -25.64
N GLU F 110 61.93 -12.58 -25.68
CA GLU F 110 62.83 -13.71 -25.49
C GLU F 110 62.44 -14.37 -24.16
N GLY F 111 62.17 -13.53 -23.17
CA GLY F 111 61.78 -14.05 -21.88
C GLY F 111 60.49 -14.83 -22.02
N ILE F 112 59.58 -14.31 -22.82
CA ILE F 112 58.30 -14.96 -23.05
C ILE F 112 58.50 -16.29 -23.78
N ALA F 113 59.28 -16.26 -24.85
CA ALA F 113 59.57 -17.44 -25.65
C ALA F 113 60.12 -18.54 -24.75
N LYS F 114 61.06 -18.16 -23.90
CA LYS F 114 61.70 -19.07 -22.98
C LYS F 114 60.75 -19.60 -21.91
N CYS F 115 60.24 -18.70 -21.08
CA CYS F 115 59.37 -19.05 -19.96
C CYS F 115 57.88 -19.36 -20.16
N CYS F 116 57.26 -18.81 -21.19
CA CYS F 116 55.84 -19.06 -21.43
C CYS F 116 55.48 -18.87 -22.89
N PRO F 117 56.08 -19.68 -23.77
CA PRO F 117 55.83 -19.61 -25.22
C PRO F 117 54.40 -19.88 -25.64
N ARG F 118 53.56 -20.30 -24.70
CA ARG F 118 52.17 -20.59 -25.04
C ARG F 118 51.20 -19.59 -24.43
N ALA F 119 51.73 -18.54 -23.81
CA ALA F 119 50.88 -17.53 -23.21
C ALA F 119 50.36 -16.59 -24.28
N ILE F 120 49.22 -15.96 -24.02
CA ILE F 120 48.65 -15.00 -24.95
C ILE F 120 49.38 -13.71 -24.65
N VAL F 121 49.88 -13.06 -25.72
CA VAL F 121 50.63 -11.82 -25.59
C VAL F 121 49.84 -10.58 -26.06
N ASN F 122 49.79 -9.58 -25.21
CA ASN F 122 49.11 -8.32 -25.53
C ASN F 122 50.21 -7.25 -25.57
N LEU F 123 50.80 -7.08 -26.75
CA LEU F 123 51.85 -6.11 -26.92
C LEU F 123 51.27 -4.70 -27.07
N ILE F 124 51.70 -3.80 -26.17
CA ILE F 124 51.23 -2.44 -26.17
C ILE F 124 52.37 -1.48 -26.53
N SER F 125 53.60 -1.94 -26.35
CA SER F 125 54.80 -1.16 -26.63
C SER F 125 54.74 -0.39 -27.95
N ASN F 126 54.87 0.93 -27.85
CA ASN F 126 54.84 1.82 -29.01
C ASN F 126 56.17 1.74 -29.74
N PRO F 127 56.16 1.77 -31.08
CA PRO F 127 54.98 1.85 -31.94
C PRO F 127 54.51 0.43 -32.23
N VAL F 128 53.28 0.13 -31.89
CA VAL F 128 52.75 -1.21 -32.10
C VAL F 128 52.97 -1.73 -33.53
N ASN F 129 52.86 -0.85 -34.52
CA ASN F 129 53.04 -1.25 -35.91
C ASN F 129 54.40 -1.90 -36.19
N SER F 130 55.40 -1.59 -35.36
CA SER F 130 56.72 -2.17 -35.56
C SER F 130 57.08 -3.17 -34.48
N THR F 131 56.63 -2.90 -33.26
CA THR F 131 56.96 -3.79 -32.14
C THR F 131 56.32 -5.17 -32.24
N VAL F 132 55.16 -5.26 -32.89
CA VAL F 132 54.52 -6.57 -33.02
C VAL F 132 55.37 -7.41 -33.95
N PRO F 133 55.72 -6.88 -35.13
CA PRO F 133 56.54 -7.68 -36.03
C PRO F 133 57.83 -8.11 -35.34
N ILE F 134 58.42 -7.19 -34.56
CA ILE F 134 59.65 -7.50 -33.84
C ILE F 134 59.44 -8.73 -32.96
N ALA F 135 58.34 -8.74 -32.22
CA ALA F 135 58.02 -9.85 -31.34
C ALA F 135 57.89 -11.13 -32.15
N ALA F 136 57.21 -11.03 -33.28
CA ALA F 136 57.00 -12.16 -34.17
C ALA F 136 58.36 -12.72 -34.59
N GLU F 137 59.25 -11.83 -35.02
CA GLU F 137 60.58 -12.24 -35.44
C GLU F 137 61.27 -12.95 -34.28
N VAL F 138 61.20 -12.33 -33.10
CA VAL F 138 61.81 -12.90 -31.91
C VAL F 138 61.26 -14.27 -31.58
N PHE F 139 59.97 -14.47 -31.79
CA PHE F 139 59.37 -15.78 -31.50
C PHE F 139 59.77 -16.79 -32.56
N LYS F 140 59.92 -16.33 -33.81
CA LYS F 140 60.33 -17.21 -34.89
C LYS F 140 61.73 -17.75 -34.56
N LYS F 141 62.64 -16.82 -34.32
CA LYS F 141 64.03 -17.11 -33.98
C LYS F 141 64.13 -18.12 -32.83
N ALA F 142 63.19 -18.04 -31.90
CA ALA F 142 63.15 -18.94 -30.75
C ALA F 142 62.28 -20.15 -31.05
N GLY F 143 61.75 -20.20 -32.27
CA GLY F 143 60.92 -21.31 -32.68
C GLY F 143 59.70 -21.58 -31.81
N THR F 144 59.07 -20.51 -31.33
CA THR F 144 57.90 -20.63 -30.48
C THR F 144 56.74 -19.83 -31.03
N TYR F 145 56.94 -19.23 -32.20
CA TYR F 145 55.92 -18.39 -32.82
C TYR F 145 54.61 -19.07 -33.17
N ASP F 146 53.54 -18.46 -32.70
CA ASP F 146 52.18 -18.92 -32.94
C ASP F 146 51.45 -17.61 -33.19
N PRO F 147 51.16 -17.30 -34.45
CA PRO F 147 50.46 -16.06 -34.82
C PRO F 147 49.12 -15.83 -34.11
N LYS F 148 48.57 -16.88 -33.50
CA LYS F 148 47.29 -16.76 -32.80
C LYS F 148 47.42 -16.29 -31.36
N ARG F 149 48.64 -16.19 -30.87
CA ARG F 149 48.84 -15.77 -29.48
C ARG F 149 49.54 -14.42 -29.34
N LEU F 150 49.75 -13.74 -30.46
CA LEU F 150 50.40 -12.43 -30.48
C LEU F 150 49.41 -11.36 -30.94
N LEU F 151 49.04 -10.47 -30.04
CA LEU F 151 48.11 -9.40 -30.37
C LEU F 151 48.58 -8.00 -29.98
N GLY F 152 48.67 -7.11 -30.96
CA GLY F 152 49.07 -5.74 -30.68
C GLY F 152 47.81 -5.05 -30.19
N VAL F 153 47.91 -4.33 -29.08
CA VAL F 153 46.71 -3.66 -28.55
C VAL F 153 46.38 -2.32 -29.20
N THR F 154 45.43 -2.35 -30.14
CA THR F 154 45.02 -1.15 -30.83
C THR F 154 43.70 -0.68 -30.26
N MET F 155 43.29 -1.30 -29.17
CA MET F 155 42.02 -0.98 -28.52
C MET F 155 41.76 0.50 -28.25
N LEU F 156 42.79 1.26 -27.93
CA LEU F 156 42.60 2.68 -27.65
C LEU F 156 42.01 3.44 -28.85
N ASP F 157 42.39 3.08 -30.08
CA ASP F 157 41.82 3.75 -31.25
C ASP F 157 40.32 3.48 -31.29
N VAL F 158 39.93 2.22 -31.10
CA VAL F 158 38.52 1.84 -31.10
C VAL F 158 37.81 2.62 -30.00
N VAL F 159 38.39 2.62 -28.80
CA VAL F 159 37.81 3.35 -27.68
C VAL F 159 37.60 4.81 -28.07
N ARG F 160 38.65 5.43 -28.62
CA ARG F 160 38.57 6.82 -29.04
C ARG F 160 37.50 6.99 -30.08
N ALA F 161 37.53 6.11 -31.08
CA ALA F 161 36.56 6.19 -32.14
C ALA F 161 35.15 6.17 -31.56
N ASN F 162 34.86 5.18 -30.72
CA ASN F 162 33.54 5.08 -30.13
C ASN F 162 33.15 6.40 -29.47
N THR F 163 34.06 6.92 -28.66
CA THR F 163 33.81 8.17 -27.96
C THR F 163 33.58 9.34 -28.92
N PHE F 164 34.51 9.57 -29.83
CA PHE F 164 34.38 10.68 -30.77
C PHE F 164 33.18 10.56 -31.69
N VAL F 165 32.85 9.34 -32.09
CA VAL F 165 31.72 9.10 -32.96
C VAL F 165 30.44 9.34 -32.18
N ALA F 166 30.41 8.89 -30.93
CA ALA F 166 29.23 9.06 -30.10
C ALA F 166 28.93 10.53 -29.89
N GLU F 167 29.98 11.31 -29.71
CA GLU F 167 29.80 12.73 -29.49
C GLU F 167 29.13 13.38 -30.68
N VAL F 168 29.44 12.89 -31.87
CA VAL F 168 28.86 13.41 -33.09
C VAL F 168 27.42 12.93 -33.28
N LEU F 169 27.09 11.75 -32.75
CA LEU F 169 25.75 11.21 -32.89
C LEU F 169 24.83 11.55 -31.71
N GLY F 170 25.36 12.20 -30.68
CA GLY F 170 24.55 12.50 -29.53
C GLY F 170 24.18 11.20 -28.83
N LEU F 171 25.10 10.25 -28.86
CA LEU F 171 24.87 8.96 -28.23
C LEU F 171 25.84 8.69 -27.08
N ASP F 172 25.44 7.78 -26.20
CA ASP F 172 26.28 7.38 -25.07
C ASP F 172 27.33 6.47 -25.69
N PRO F 173 28.61 6.83 -25.55
CA PRO F 173 29.72 6.04 -26.10
C PRO F 173 29.70 4.55 -25.83
N ARG F 174 28.95 4.12 -24.81
CA ARG F 174 28.87 2.71 -24.46
C ARG F 174 28.05 1.90 -25.47
N ASP F 175 27.20 2.59 -26.22
CA ASP F 175 26.35 1.91 -27.20
C ASP F 175 26.88 2.01 -28.62
N VAL F 176 28.07 2.58 -28.77
CA VAL F 176 28.65 2.74 -30.08
C VAL F 176 29.83 1.80 -30.32
N ASP F 177 29.88 1.21 -31.52
CA ASP F 177 30.99 0.35 -31.88
C ASP F 177 31.54 0.74 -33.24
N VAL F 178 32.81 1.16 -33.27
CA VAL F 178 33.44 1.56 -34.50
C VAL F 178 34.59 0.65 -34.83
N PRO F 179 34.45 -0.17 -35.87
CA PRO F 179 35.58 -1.04 -36.16
C PRO F 179 36.73 -0.20 -36.69
N VAL F 180 37.92 -0.40 -36.13
CA VAL F 180 39.09 0.33 -36.58
C VAL F 180 40.09 -0.71 -37.10
N VAL F 181 40.64 -0.45 -38.28
CA VAL F 181 41.56 -1.39 -38.89
C VAL F 181 42.84 -0.75 -39.37
N GLY F 182 43.76 -1.57 -39.85
CA GLY F 182 45.02 -1.06 -40.35
C GLY F 182 46.14 -1.13 -39.33
N GLY F 183 46.62 0.03 -38.91
CA GLY F 183 47.69 0.09 -37.94
C GLY F 183 47.29 0.93 -36.75
N HIS F 184 48.25 1.16 -35.86
CA HIS F 184 48.00 1.90 -34.64
C HIS F 184 48.60 3.32 -34.63
N ALA F 185 48.90 3.87 -35.80
CA ALA F 185 49.50 5.20 -35.86
C ALA F 185 49.12 6.01 -37.10
N GLY F 186 48.92 7.30 -36.91
CA GLY F 186 48.60 8.20 -38.00
C GLY F 186 47.58 7.73 -39.02
N VAL F 187 47.95 7.84 -40.29
CA VAL F 187 47.05 7.43 -41.37
C VAL F 187 46.82 5.93 -41.44
N THR F 188 47.61 5.15 -40.70
CA THR F 188 47.40 3.70 -40.73
C THR F 188 46.17 3.38 -39.90
N ILE F 189 45.77 4.28 -39.01
CA ILE F 189 44.58 4.06 -38.20
C ILE F 189 43.41 4.31 -39.13
N LEU F 190 42.67 3.25 -39.43
CA LEU F 190 41.56 3.37 -40.36
C LEU F 190 40.20 3.09 -39.73
N PRO F 191 39.49 4.14 -39.30
CA PRO F 191 38.18 3.92 -38.69
C PRO F 191 37.15 3.63 -39.78
N LEU F 192 36.42 2.53 -39.65
CA LEU F 192 35.42 2.19 -40.66
C LEU F 192 34.07 2.75 -40.20
N LEU F 193 33.90 4.04 -40.48
CA LEU F 193 32.72 4.78 -40.12
C LEU F 193 31.48 4.23 -40.79
N SER F 194 31.65 3.72 -42.01
CA SER F 194 30.52 3.15 -42.74
C SER F 194 29.96 1.94 -42.02
N GLN F 195 30.76 1.33 -41.16
CA GLN F 195 30.34 0.13 -40.43
C GLN F 195 29.97 0.36 -38.98
N VAL F 196 29.76 1.60 -38.59
CA VAL F 196 29.42 1.92 -37.22
C VAL F 196 28.12 1.33 -36.72
N LYS F 197 28.07 1.03 -35.42
CA LYS F 197 26.86 0.54 -34.79
C LYS F 197 26.60 1.52 -33.66
N PRO F 198 25.34 1.97 -33.50
CA PRO F 198 24.16 1.61 -34.31
C PRO F 198 24.25 2.20 -35.72
N PRO F 199 23.50 1.61 -36.68
CA PRO F 199 23.48 2.07 -38.08
C PRO F 199 23.27 3.57 -38.13
N SER F 200 24.20 4.26 -38.78
CA SER F 200 24.12 5.72 -38.87
C SER F 200 24.62 6.25 -40.20
N SER F 201 24.25 7.48 -40.51
CA SER F 201 24.67 8.12 -41.75
C SER F 201 25.42 9.39 -41.41
N PHE F 202 26.62 9.51 -41.94
CA PHE F 202 27.47 10.66 -41.67
C PHE F 202 27.56 11.61 -42.85
N THR F 203 27.63 12.90 -42.56
CA THR F 203 27.76 13.89 -43.61
C THR F 203 29.24 13.87 -44.00
N GLN F 204 29.57 14.40 -45.16
CA GLN F 204 30.96 14.40 -45.62
C GLN F 204 31.93 15.07 -44.64
N GLU F 205 31.49 16.16 -44.01
CA GLU F 205 32.34 16.86 -43.04
C GLU F 205 32.56 16.02 -41.77
N GLU F 206 31.54 15.28 -41.34
CA GLU F 206 31.66 14.47 -40.14
C GLU F 206 32.66 13.34 -40.38
N ILE F 207 32.60 12.74 -41.56
CA ILE F 207 33.51 11.64 -41.90
C ILE F 207 34.96 12.11 -41.87
N SER F 208 35.18 13.28 -42.48
CA SER F 208 36.50 13.89 -42.57
C SER F 208 37.00 14.27 -41.17
N TYR F 209 36.14 14.95 -40.41
CA TYR F 209 36.45 15.38 -39.05
C TYR F 209 36.68 14.18 -38.13
N LEU F 210 35.80 13.18 -38.17
CA LEU F 210 35.95 12.01 -37.31
C LEU F 210 37.20 11.20 -37.65
N THR F 211 37.44 10.99 -38.93
CA THR F 211 38.60 10.22 -39.35
C THR F 211 39.89 10.87 -38.88
N ASP F 212 39.96 12.20 -39.02
CA ASP F 212 41.14 12.94 -38.61
C ASP F 212 41.28 12.96 -37.12
N ARG F 213 40.20 13.24 -36.41
CA ARG F 213 40.28 13.29 -34.96
C ARG F 213 40.79 11.97 -34.42
N ILE F 214 40.30 10.87 -34.98
CA ILE F 214 40.69 9.52 -34.58
C ILE F 214 42.14 9.20 -34.92
N GLN F 215 42.58 9.58 -36.10
CA GLN F 215 43.96 9.29 -36.48
C GLN F 215 44.95 10.14 -35.70
N ASN F 216 44.49 11.27 -35.17
CA ASN F 216 45.37 12.16 -34.42
C ASN F 216 44.94 12.32 -32.97
N GLY F 217 44.10 11.41 -32.50
CA GLY F 217 43.62 11.46 -31.13
C GLY F 217 44.71 11.61 -30.10
N GLY F 218 45.78 10.82 -30.24
CA GLY F 218 46.86 10.91 -29.30
C GLY F 218 47.41 12.32 -29.09
N THR F 219 47.49 13.13 -30.13
CA THR F 219 48.04 14.47 -29.97
C THR F 219 47.17 15.34 -29.05
N GLU F 220 45.89 14.99 -28.93
CA GLU F 220 45.00 15.75 -28.06
C GLU F 220 45.44 15.71 -26.60
N VAL F 221 45.81 14.53 -26.12
CA VAL F 221 46.24 14.39 -24.74
C VAL F 221 47.61 15.01 -24.53
N VAL F 222 48.48 14.92 -25.54
CA VAL F 222 49.82 15.49 -25.44
C VAL F 222 49.77 16.99 -25.27
N GLU F 223 48.96 17.64 -26.11
CA GLU F 223 48.79 19.07 -26.03
C GLU F 223 48.23 19.48 -24.67
N ALA F 224 47.24 18.73 -24.18
CA ALA F 224 46.63 19.05 -22.89
C ALA F 224 47.61 18.84 -21.76
N LYS F 225 48.69 18.12 -22.04
CA LYS F 225 49.71 17.86 -21.02
C LYS F 225 50.92 18.76 -21.24
N ALA F 226 50.74 19.77 -22.10
CA ALA F 226 51.79 20.71 -22.42
C ALA F 226 52.95 19.95 -23.04
N GLY F 227 52.60 18.96 -23.87
CA GLY F 227 53.59 18.16 -24.57
C GLY F 227 54.54 17.36 -23.69
N ALA F 228 54.26 17.31 -22.39
CA ALA F 228 55.11 16.58 -21.46
C ALA F 228 54.44 15.33 -20.94
N GLY F 229 54.20 14.36 -21.83
CA GLY F 229 53.55 13.13 -21.42
C GLY F 229 52.35 12.82 -22.30
N SER F 230 52.04 11.54 -22.48
CA SER F 230 50.91 11.17 -23.31
C SER F 230 49.81 10.49 -22.52
N ALA F 231 48.92 9.81 -23.22
CA ALA F 231 47.80 9.13 -22.56
C ALA F 231 48.26 7.94 -21.72
N THR F 232 47.74 7.86 -20.51
CA THR F 232 48.09 6.76 -19.64
C THR F 232 46.86 6.09 -19.09
N LEU F 233 45.96 6.88 -18.50
CA LEU F 233 44.73 6.35 -17.93
C LEU F 233 43.80 5.75 -18.99
N SER F 234 43.49 6.50 -20.04
CA SER F 234 42.63 5.96 -21.09
C SER F 234 43.30 4.74 -21.69
N MET F 235 44.63 4.78 -21.78
CA MET F 235 45.38 3.66 -22.34
C MET F 235 45.26 2.46 -21.41
N ALA F 236 45.29 2.71 -20.11
CA ALA F 236 45.17 1.65 -19.13
C ALA F 236 43.78 1.03 -19.30
N TYR F 237 42.76 1.90 -19.28
CA TYR F 237 41.39 1.48 -19.46
C TYR F 237 41.25 0.60 -20.70
N ALA F 238 41.83 1.05 -21.81
CA ALA F 238 41.74 0.28 -23.05
C ALA F 238 42.50 -1.06 -23.01
N ALA F 239 43.67 -1.06 -22.40
CA ALA F 239 44.45 -2.29 -22.30
C ALA F 239 43.66 -3.32 -21.50
N VAL F 240 43.08 -2.87 -20.39
CA VAL F 240 42.31 -3.73 -19.53
C VAL F 240 41.11 -4.29 -20.27
N LYS F 241 40.33 -3.42 -20.89
CA LYS F 241 39.16 -3.87 -21.62
C LYS F 241 39.56 -4.93 -22.63
N PHE F 242 40.68 -4.73 -23.33
CA PHE F 242 41.12 -5.73 -24.29
C PHE F 242 41.60 -6.99 -23.57
N ALA F 243 42.41 -6.81 -22.53
CA ALA F 243 42.91 -7.95 -21.77
C ALA F 243 41.74 -8.80 -21.29
N ASP F 244 40.69 -8.14 -20.82
CA ASP F 244 39.52 -8.84 -20.33
C ASP F 244 38.87 -9.64 -21.46
N ALA F 245 38.91 -9.10 -22.67
CA ALA F 245 38.32 -9.79 -23.80
C ALA F 245 39.08 -11.09 -24.03
N CYS F 246 40.40 -11.02 -23.91
CA CYS F 246 41.22 -12.21 -24.09
C CYS F 246 40.91 -13.24 -23.02
N LEU F 247 40.73 -12.78 -21.79
CA LEU F 247 40.43 -13.70 -20.70
C LEU F 247 39.10 -14.40 -20.94
N ARG F 248 38.08 -13.65 -21.31
CA ARG F 248 36.78 -14.26 -21.57
C ARG F 248 36.92 -15.31 -22.65
N GLY F 249 37.79 -15.04 -23.62
CA GLY F 249 38.02 -15.99 -24.69
C GLY F 249 38.72 -17.21 -24.15
N LEU F 250 39.64 -17.00 -23.20
CA LEU F 250 40.37 -18.11 -22.61
C LEU F 250 39.42 -18.94 -21.76
N ARG F 251 38.47 -18.26 -21.10
CA ARG F 251 37.50 -18.92 -20.25
C ARG F 251 36.62 -19.83 -21.10
N GLY F 252 36.51 -19.50 -22.39
CA GLY F 252 35.69 -20.29 -23.29
C GLY F 252 34.44 -19.57 -23.78
N ASP F 253 34.33 -18.28 -23.49
CA ASP F 253 33.18 -17.50 -23.93
C ASP F 253 33.16 -17.43 -25.45
N ALA F 254 31.96 -17.36 -26.01
CA ALA F 254 31.81 -17.28 -27.46
C ALA F 254 31.51 -15.84 -27.87
N GLY F 255 31.66 -15.57 -29.17
CA GLY F 255 31.38 -14.24 -29.67
C GLY F 255 32.31 -13.13 -29.23
N VAL F 256 33.42 -13.48 -28.59
CA VAL F 256 34.38 -12.46 -28.15
C VAL F 256 35.06 -11.93 -29.39
N ILE F 257 34.69 -10.72 -29.79
CA ILE F 257 35.27 -10.13 -30.99
C ILE F 257 35.80 -8.73 -30.73
N GLU F 258 37.03 -8.50 -31.12
CA GLU F 258 37.67 -7.22 -30.90
C GLU F 258 38.67 -6.94 -32.01
N CYS F 259 38.96 -5.64 -32.23
CA CYS F 259 39.93 -5.27 -33.24
C CYS F 259 41.28 -5.33 -32.56
N ALA F 260 42.25 -5.90 -33.26
CA ALA F 260 43.59 -6.01 -32.72
C ALA F 260 44.52 -6.08 -33.90
N PHE F 261 45.76 -5.66 -33.68
CA PHE F 261 46.78 -5.66 -34.74
C PHE F 261 47.46 -7.03 -34.66
N VAL F 262 47.08 -7.92 -35.57
CA VAL F 262 47.62 -9.28 -35.56
C VAL F 262 48.19 -9.71 -36.89
N SER F 263 48.68 -10.95 -36.92
CA SER F 263 49.21 -11.54 -38.14
C SER F 263 47.99 -11.98 -38.95
N SER F 264 47.97 -11.64 -40.24
CA SER F 264 46.84 -12.00 -41.09
C SER F 264 47.14 -11.94 -42.58
N GLN F 265 46.23 -12.51 -43.37
CA GLN F 265 46.37 -12.53 -44.82
C GLN F 265 45.28 -11.69 -45.44
N VAL F 266 44.59 -10.91 -44.61
CA VAL F 266 43.51 -10.07 -45.09
C VAL F 266 44.02 -9.17 -46.22
N THR F 267 45.19 -8.57 -46.02
CA THR F 267 45.79 -7.72 -47.03
C THR F 267 47.13 -8.36 -47.38
N GLU F 268 47.92 -7.72 -48.24
CA GLU F 268 49.23 -8.27 -48.58
C GLU F 268 50.15 -8.21 -47.38
N LEU F 269 49.93 -7.23 -46.51
CA LEU F 269 50.74 -7.06 -45.32
C LEU F 269 50.56 -8.24 -44.36
N PRO F 270 51.66 -8.75 -43.79
CA PRO F 270 51.69 -9.88 -42.84
C PRO F 270 51.05 -9.57 -41.50
N PHE F 271 50.90 -8.29 -41.21
CA PHE F 271 50.31 -7.82 -39.96
C PHE F 271 49.31 -6.73 -40.28
N PHE F 272 48.17 -6.77 -39.63
CA PHE F 272 47.14 -5.78 -39.90
C PHE F 272 46.08 -5.87 -38.81
N ALA F 273 45.54 -4.73 -38.41
CA ALA F 273 44.52 -4.75 -37.38
C ALA F 273 43.16 -4.91 -38.07
N SER F 274 42.31 -5.74 -37.48
CA SER F 274 40.96 -5.97 -37.98
C SER F 274 40.27 -6.73 -36.87
N LYS F 275 38.97 -6.95 -37.00
CA LYS F 275 38.26 -7.70 -35.99
C LYS F 275 38.81 -9.12 -35.96
N VAL F 276 38.89 -9.69 -34.76
CA VAL F 276 39.38 -11.04 -34.60
C VAL F 276 38.60 -11.66 -33.47
N ARG F 277 38.29 -12.95 -33.61
CA ARG F 277 37.54 -13.67 -32.58
C ARG F 277 38.53 -14.30 -31.61
N LEU F 278 38.36 -14.03 -30.32
CA LEU F 278 39.25 -14.57 -29.30
C LEU F 278 38.74 -15.87 -28.66
N GLY F 279 39.46 -16.96 -28.89
CA GLY F 279 39.07 -18.24 -28.34
C GLY F 279 39.95 -18.75 -27.22
N ARG F 280 39.82 -20.04 -26.89
CA ARG F 280 40.58 -20.66 -25.82
C ARG F 280 42.07 -20.72 -26.10
N ASN F 281 42.44 -20.63 -27.38
CA ASN F 281 43.84 -20.69 -27.76
C ASN F 281 44.26 -19.39 -28.44
N GLY F 282 43.74 -18.27 -27.94
CA GLY F 282 44.06 -16.99 -28.51
C GLY F 282 43.08 -16.57 -29.60
N ILE F 283 43.60 -16.33 -30.80
CA ILE F 283 42.78 -15.90 -31.93
C ILE F 283 42.17 -17.09 -32.67
N GLU F 284 40.84 -17.19 -32.65
CA GLU F 284 40.16 -18.28 -33.33
C GLU F 284 39.95 -17.96 -34.79
N GLU F 285 39.69 -16.68 -35.08
CA GLU F 285 39.47 -16.26 -36.45
C GLU F 285 39.82 -14.79 -36.68
N VAL F 286 40.40 -14.53 -37.84
CA VAL F 286 40.78 -13.18 -38.24
C VAL F 286 39.85 -12.76 -39.37
N TYR F 287 38.82 -11.98 -39.02
CA TYR F 287 37.83 -11.49 -39.97
C TYR F 287 38.41 -10.49 -40.96
N SER F 288 37.81 -10.44 -42.14
CA SER F 288 38.24 -9.49 -43.16
C SER F 288 37.62 -8.11 -42.88
N LEU F 289 37.95 -7.12 -43.70
CA LEU F 289 37.47 -5.77 -43.46
C LEU F 289 35.97 -5.53 -43.67
N GLY F 290 35.36 -6.28 -44.60
CA GLY F 290 33.95 -6.08 -44.85
C GLY F 290 33.77 -5.06 -45.95
N PRO F 291 32.54 -4.60 -46.19
CA PRO F 291 32.35 -3.61 -47.26
C PRO F 291 32.94 -2.29 -46.85
N LEU F 292 33.65 -1.64 -47.76
CA LEU F 292 34.24 -0.34 -47.46
C LEU F 292 33.79 0.60 -48.55
N ASN F 293 33.54 1.85 -48.20
CA ASN F 293 33.14 2.79 -49.22
C ASN F 293 34.39 3.35 -49.90
N GLU F 294 34.18 4.27 -50.83
CA GLU F 294 35.27 4.88 -51.57
C GLU F 294 36.30 5.52 -50.65
N TYR F 295 35.83 6.47 -49.86
CA TYR F 295 36.67 7.19 -48.91
C TYR F 295 37.57 6.22 -48.15
N GLU F 296 36.96 5.17 -47.60
CA GLU F 296 37.68 4.17 -46.82
C GLU F 296 38.63 3.31 -47.67
N ARG F 297 38.25 3.01 -48.91
CA ARG F 297 39.09 2.23 -49.80
C ARG F 297 40.37 3.02 -50.07
N ILE F 298 40.22 4.34 -50.20
CA ILE F 298 41.38 5.20 -50.44
C ILE F 298 42.19 5.28 -49.16
N GLY F 299 41.50 5.34 -48.02
CA GLY F 299 42.20 5.41 -46.75
C GLY F 299 43.01 4.16 -46.51
N LEU F 300 42.46 3.02 -46.92
CA LEU F 300 43.14 1.74 -46.76
C LEU F 300 44.40 1.74 -47.61
N GLU F 301 44.32 2.33 -48.80
CA GLU F 301 45.47 2.39 -49.69
C GLU F 301 46.59 3.18 -49.03
N LYS F 302 46.24 4.29 -48.38
CA LYS F 302 47.25 5.10 -47.71
C LYS F 302 47.78 4.31 -46.53
N ALA F 303 46.88 3.64 -45.82
CA ALA F 303 47.28 2.87 -44.65
C ALA F 303 48.26 1.76 -44.99
N LYS F 304 47.97 0.97 -46.02
CA LYS F 304 48.85 -0.12 -46.42
C LYS F 304 50.24 0.39 -46.75
N LYS F 305 50.27 1.47 -47.53
CA LYS F 305 51.52 2.09 -47.97
C LYS F 305 52.47 2.40 -46.82
N GLU F 306 51.98 3.14 -45.82
CA GLU F 306 52.82 3.50 -44.70
C GLU F 306 53.05 2.35 -43.75
N LEU F 307 52.01 1.54 -43.54
CA LEU F 307 52.12 0.40 -42.65
C LEU F 307 53.19 -0.57 -43.11
N ALA F 308 53.42 -0.62 -44.43
CA ALA F 308 54.42 -1.51 -44.99
C ALA F 308 55.81 -1.16 -44.46
N GLY F 309 56.11 0.14 -44.45
CA GLY F 309 57.40 0.58 -43.96
C GLY F 309 57.61 0.26 -42.49
N SER F 310 56.59 0.53 -41.69
CA SER F 310 56.64 0.28 -40.25
C SER F 310 56.85 -1.19 -39.92
N ILE F 311 56.30 -2.07 -40.73
CA ILE F 311 56.46 -3.50 -40.50
C ILE F 311 57.89 -3.88 -40.83
N GLU F 312 58.38 -3.40 -41.97
CA GLU F 312 59.74 -3.70 -42.38
C GLU F 312 60.71 -3.12 -41.38
N LYS F 313 60.48 -1.88 -40.95
CA LYS F 313 61.35 -1.25 -39.97
C LYS F 313 61.49 -2.15 -38.76
N GLY F 314 60.38 -2.77 -38.37
CA GLY F 314 60.39 -3.65 -37.22
C GLY F 314 61.05 -4.99 -37.48
N VAL F 315 60.69 -5.65 -38.58
CA VAL F 315 61.28 -6.94 -38.89
C VAL F 315 62.80 -6.80 -39.05
N SER F 316 63.18 -5.71 -39.71
CA SER F 316 64.58 -5.40 -39.94
C SER F 316 65.34 -5.31 -38.62
N PHE F 317 64.74 -4.67 -37.63
CA PHE F 317 65.37 -4.49 -36.32
C PHE F 317 65.91 -5.79 -35.74
N ILE F 318 65.14 -6.87 -35.86
CA ILE F 318 65.54 -8.17 -35.33
C ILE F 318 66.43 -8.94 -36.30
N ARG F 319 66.15 -8.82 -37.60
CA ARG F 319 66.91 -9.52 -38.62
C ARG F 319 68.31 -8.93 -38.83
N SER F 320 69.19 -9.16 -37.86
CA SER F 320 70.57 -8.67 -37.91
C SER F 320 71.43 -9.33 -36.83
N GLY G 8 -1.64 -30.72 38.10
CA GLY G 8 -0.61 -29.69 37.71
C GLY G 8 -1.18 -28.29 37.56
N PHE G 9 -0.49 -27.44 36.82
CA PHE G 9 -0.94 -26.07 36.62
C PHE G 9 -1.45 -25.83 35.22
N LYS G 10 -2.46 -24.97 35.10
CA LYS G 10 -3.05 -24.64 33.81
C LYS G 10 -2.50 -23.28 33.37
N VAL G 11 -1.95 -23.23 32.16
CA VAL G 11 -1.35 -22.01 31.64
C VAL G 11 -1.93 -21.61 30.30
N ALA G 12 -2.02 -20.32 30.05
CA ALA G 12 -2.53 -19.80 28.79
C ALA G 12 -1.51 -18.85 28.20
N ILE G 13 -1.35 -18.89 26.88
CA ILE G 13 -0.42 -18.03 26.17
C ILE G 13 -1.22 -17.15 25.22
N LEU G 14 -1.30 -15.86 25.49
CA LEU G 14 -2.05 -14.95 24.61
C LEU G 14 -1.13 -14.47 23.49
N GLY G 15 -1.51 -14.78 22.26
CA GLY G 15 -0.70 -14.42 21.12
C GLY G 15 0.24 -15.58 20.83
N ALA G 16 -0.31 -16.79 20.92
CA ALA G 16 0.45 -18.03 20.71
C ALA G 16 0.87 -18.31 19.28
N ALA G 17 0.23 -17.68 18.32
CA ALA G 17 0.57 -17.91 16.92
C ALA G 17 1.70 -17.01 16.43
N GLY G 18 2.11 -16.06 17.28
CA GLY G 18 3.18 -15.15 16.91
C GLY G 18 4.59 -15.75 16.86
N GLY G 19 5.56 -14.91 16.53
CA GLY G 19 6.95 -15.34 16.43
C GLY G 19 7.51 -15.75 17.77
N ILE G 20 7.03 -15.10 18.82
CA ILE G 20 7.48 -15.44 20.17
C ILE G 20 6.54 -16.52 20.69
N GLY G 21 5.25 -16.32 20.45
CA GLY G 21 4.25 -17.26 20.90
C GLY G 21 4.51 -18.72 20.58
N GLN G 22 4.67 -19.02 19.30
CA GLN G 22 4.89 -20.39 18.89
C GLN G 22 6.01 -21.14 19.62
N PRO G 23 7.27 -20.68 19.50
CA PRO G 23 8.30 -21.43 20.22
C PRO G 23 8.01 -21.46 21.72
N LEU G 24 7.37 -20.42 22.21
CA LEU G 24 7.03 -20.32 23.63
C LEU G 24 5.99 -21.41 23.96
N ALA G 25 4.98 -21.54 23.11
CA ALA G 25 3.96 -22.56 23.30
C ALA G 25 4.63 -23.94 23.25
N MET G 26 5.53 -24.14 22.29
CA MET G 26 6.21 -25.41 22.16
C MET G 26 6.93 -25.75 23.46
N LEU G 27 7.64 -24.79 24.03
CA LEU G 27 8.36 -25.04 25.28
C LEU G 27 7.44 -25.37 26.46
N MET G 28 6.36 -24.62 26.60
CA MET G 28 5.43 -24.86 27.70
C MET G 28 4.84 -26.26 27.64
N LYS G 29 4.50 -26.69 26.43
CA LYS G 29 3.94 -28.02 26.23
C LYS G 29 4.92 -29.03 26.84
N MET G 30 6.21 -28.74 26.73
CA MET G 30 7.24 -29.63 27.24
C MET G 30 7.41 -29.57 28.76
N ASN G 31 6.87 -28.54 29.40
CA ASN G 31 7.02 -28.40 30.85
C ASN G 31 6.10 -29.33 31.64
N PRO G 32 6.68 -30.24 32.42
CA PRO G 32 5.92 -31.20 33.24
C PRO G 32 5.05 -30.61 34.34
N LEU G 33 5.28 -29.33 34.69
CA LEU G 33 4.46 -28.68 35.71
C LEU G 33 3.21 -28.12 35.05
N VAL G 34 3.11 -28.28 33.74
CA VAL G 34 1.96 -27.78 33.00
C VAL G 34 1.00 -28.91 32.66
N SER G 35 -0.20 -28.85 33.21
CA SER G 35 -1.20 -29.89 32.96
C SER G 35 -2.09 -29.47 31.80
N VAL G 36 -2.49 -28.20 31.79
CA VAL G 36 -3.35 -27.68 30.74
C VAL G 36 -2.72 -26.47 30.07
N LEU G 37 -2.66 -26.49 28.75
CA LEU G 37 -2.09 -25.38 28.00
C LEU G 37 -3.08 -24.81 27.00
N HIS G 38 -3.54 -23.59 27.25
CA HIS G 38 -4.48 -22.92 26.35
C HIS G 38 -3.72 -21.92 25.48
N LEU G 39 -3.75 -22.12 24.18
CA LEU G 39 -3.06 -21.22 23.26
C LEU G 39 -4.06 -20.28 22.58
N TYR G 40 -3.90 -18.98 22.82
CA TYR G 40 -4.81 -18.00 22.24
C TYR G 40 -4.18 -17.02 21.24
N ASP G 41 -5.00 -16.53 20.31
CA ASP G 41 -4.56 -15.56 19.33
C ASP G 41 -5.71 -15.18 18.43
N VAL G 42 -5.49 -14.22 17.54
CA VAL G 42 -6.53 -13.76 16.62
C VAL G 42 -6.38 -14.44 15.27
N VAL G 43 -5.27 -15.13 15.06
CA VAL G 43 -5.03 -15.86 13.82
C VAL G 43 -4.19 -17.11 14.05
N ASN G 44 -4.37 -18.09 13.18
CA ASN G 44 -3.63 -19.35 13.21
C ASN G 44 -3.59 -20.18 14.49
N ALA G 45 -4.29 -19.76 15.53
CA ALA G 45 -4.30 -20.51 16.79
C ALA G 45 -4.56 -22.02 16.58
N PRO G 46 -5.66 -22.37 15.90
CA PRO G 46 -5.95 -23.79 15.67
C PRO G 46 -4.81 -24.58 15.01
N GLY G 47 -4.17 -23.96 14.02
CA GLY G 47 -3.07 -24.61 13.33
C GLY G 47 -1.88 -24.85 14.25
N VAL G 48 -1.52 -23.83 15.01
CA VAL G 48 -0.41 -23.93 15.93
C VAL G 48 -0.72 -24.98 16.99
N THR G 49 -1.98 -25.01 17.43
CA THR G 49 -2.42 -25.96 18.44
C THR G 49 -2.33 -27.39 17.93
N ALA G 50 -2.83 -27.61 16.72
CA ALA G 50 -2.81 -28.96 16.15
C ALA G 50 -1.37 -29.49 16.13
N ASP G 51 -0.44 -28.63 15.75
CA ASP G 51 0.97 -28.95 15.67
C ASP G 51 1.51 -29.37 17.04
N ILE G 52 1.27 -28.54 18.04
CA ILE G 52 1.75 -28.81 19.39
C ILE G 52 1.09 -30.01 20.06
N SER G 53 -0.17 -30.25 19.74
CA SER G 53 -0.93 -31.36 20.33
C SER G 53 -0.32 -32.72 20.04
N HIS G 54 0.48 -32.83 19.00
CA HIS G 54 1.08 -34.13 18.70
C HIS G 54 2.27 -34.50 19.57
N MET G 55 2.79 -33.54 20.33
CA MET G 55 3.94 -33.81 21.18
C MET G 55 3.52 -34.74 22.31
N ASP G 56 4.31 -35.79 22.51
CA ASP G 56 4.02 -36.78 23.53
C ASP G 56 4.46 -36.36 24.93
N THR G 57 3.98 -35.21 25.38
CA THR G 57 4.31 -34.69 26.71
C THR G 57 3.05 -34.65 27.57
N GLY G 58 3.21 -34.38 28.85
CA GLY G 58 2.08 -34.35 29.76
C GLY G 58 0.94 -33.39 29.51
N ALA G 59 1.26 -32.12 29.27
CA ALA G 59 0.25 -31.09 29.05
C ALA G 59 -0.75 -31.31 27.92
N VAL G 60 -2.01 -31.00 28.22
CA VAL G 60 -3.09 -31.11 27.25
C VAL G 60 -3.28 -29.69 26.71
N VAL G 61 -3.31 -29.56 25.39
CA VAL G 61 -3.46 -28.24 24.77
C VAL G 61 -4.75 -28.08 23.99
N ARG G 62 -5.31 -26.87 24.07
CA ARG G 62 -6.54 -26.51 23.36
C ARG G 62 -6.35 -25.13 22.71
N GLY G 63 -6.90 -24.96 21.52
CA GLY G 63 -6.75 -23.69 20.82
C GLY G 63 -7.96 -22.78 20.83
N PHE G 64 -7.70 -21.49 20.99
CA PHE G 64 -8.77 -20.51 21.01
C PHE G 64 -8.45 -19.41 20.00
N LEU G 65 -9.41 -19.12 19.13
CA LEU G 65 -9.24 -18.13 18.10
C LEU G 65 -10.20 -16.95 18.16
N GLY G 66 -9.65 -15.75 18.08
CA GLY G 66 -10.48 -14.55 18.09
C GLY G 66 -10.93 -14.02 19.42
N GLN G 67 -11.47 -12.80 19.37
CA GLN G 67 -11.98 -12.13 20.56
C GLN G 67 -13.03 -12.93 21.31
N GLN G 68 -13.98 -13.52 20.58
CA GLN G 68 -15.05 -14.29 21.21
C GLN G 68 -14.55 -15.52 22.00
N GLN G 69 -13.59 -16.23 21.44
CA GLN G 69 -13.06 -17.42 22.09
C GLN G 69 -11.97 -17.12 23.12
N LEU G 70 -11.98 -15.91 23.66
CA LEU G 70 -10.98 -15.50 24.63
C LEU G 70 -11.29 -15.86 26.08
N GLU G 71 -12.54 -15.69 26.49
CA GLU G 71 -12.88 -16.01 27.88
C GLU G 71 -12.71 -17.50 28.11
N ALA G 72 -13.03 -18.28 27.07
CA ALA G 72 -12.90 -19.72 27.12
C ALA G 72 -11.45 -20.07 27.42
N ALA G 73 -10.54 -19.32 26.83
CA ALA G 73 -9.11 -19.55 27.02
C ALA G 73 -8.60 -19.12 28.41
N LEU G 74 -9.19 -18.06 28.96
CA LEU G 74 -8.76 -17.53 30.25
C LEU G 74 -9.28 -18.25 31.48
N THR G 75 -10.54 -18.64 31.45
CA THR G 75 -11.17 -19.32 32.59
C THR G 75 -10.38 -20.53 33.08
N GLY G 76 -10.16 -20.59 34.38
CA GLY G 76 -9.44 -21.71 34.97
C GLY G 76 -7.92 -21.63 34.91
N MET G 77 -7.38 -20.57 34.32
CA MET G 77 -5.94 -20.42 34.23
C MET G 77 -5.30 -20.02 35.55
N ASP G 78 -4.12 -20.57 35.80
CA ASP G 78 -3.39 -20.26 37.01
C ASP G 78 -2.26 -19.30 36.62
N LEU G 79 -1.89 -19.35 35.34
CA LEU G 79 -0.82 -18.51 34.81
C LEU G 79 -1.11 -18.06 33.39
N ILE G 80 -0.75 -16.82 33.09
CA ILE G 80 -0.96 -16.27 31.76
C ILE G 80 0.29 -15.63 31.21
N ILE G 81 0.77 -16.15 30.10
CA ILE G 81 1.95 -15.63 29.46
C ILE G 81 1.43 -14.76 28.33
N VAL G 82 1.82 -13.49 28.32
CA VAL G 82 1.34 -12.57 27.30
C VAL G 82 2.42 -11.96 26.39
N PRO G 83 2.77 -12.67 25.31
CA PRO G 83 3.78 -12.20 24.35
C PRO G 83 3.08 -11.48 23.20
N ALA G 84 1.76 -11.40 23.28
CA ALA G 84 0.93 -10.75 22.26
C ALA G 84 1.41 -9.36 21.92
N GLY G 85 1.49 -9.07 20.63
CA GLY G 85 1.93 -7.76 20.18
C GLY G 85 2.30 -7.73 18.71
N VAL G 86 2.30 -6.53 18.13
CA VAL G 86 2.64 -6.34 16.73
C VAL G 86 4.10 -5.96 16.56
N PRO G 87 4.74 -6.41 15.46
CA PRO G 87 6.15 -6.12 15.18
C PRO G 87 6.40 -4.68 14.72
N ARG G 88 5.65 -4.26 13.70
CA ARG G 88 5.77 -2.91 13.12
C ARG G 88 7.12 -2.76 12.42
N LYS G 89 7.25 -3.40 11.26
CA LYS G 89 8.47 -3.37 10.47
C LYS G 89 8.97 -1.94 10.27
N PRO G 90 10.13 -1.77 9.61
CA PRO G 90 10.63 -0.41 9.40
C PRO G 90 9.69 0.39 8.50
N GLY G 91 8.87 1.24 9.13
CA GLY G 91 7.92 2.06 8.41
C GLY G 91 7.22 2.98 9.39
N MET G 92 7.03 2.48 10.60
CA MET G 92 6.40 3.21 11.70
C MET G 92 6.79 2.48 12.98
N THR G 93 7.65 3.10 13.77
CA THR G 93 8.11 2.49 15.02
C THR G 93 8.11 3.50 16.18
N ARG G 94 8.25 2.97 17.39
CA ARG G 94 8.30 3.76 18.62
C ARG G 94 6.94 4.08 19.24
N ASP G 95 6.29 5.15 18.77
CA ASP G 95 4.99 5.54 19.32
C ASP G 95 3.83 4.91 18.56
N ASP G 96 4.03 4.60 17.29
CA ASP G 96 2.98 3.98 16.48
C ASP G 96 2.71 2.60 17.07
N LEU G 97 3.76 1.99 17.60
CA LEU G 97 3.69 0.68 18.22
C LEU G 97 2.89 0.76 19.52
N PHE G 98 3.22 1.72 20.35
CA PHE G 98 2.53 1.90 21.63
C PHE G 98 1.02 1.89 21.48
N LYS G 99 0.50 2.69 20.55
CA LYS G 99 -0.95 2.75 20.35
C LYS G 99 -1.54 1.35 20.17
N ILE G 100 -0.93 0.58 19.28
CA ILE G 100 -1.39 -0.77 18.99
C ILE G 100 -1.33 -1.67 20.22
N ASN G 101 -0.12 -2.11 20.56
CA ASN G 101 0.13 -2.97 21.71
C ASN G 101 -0.59 -2.48 22.97
N ALA G 102 -0.81 -1.18 23.08
CA ALA G 102 -1.48 -0.64 24.25
C ALA G 102 -2.91 -1.18 24.31
N GLY G 103 -3.65 -0.99 23.23
CA GLY G 103 -5.02 -1.48 23.17
C GLY G 103 -5.03 -2.99 23.38
N ILE G 104 -4.18 -3.67 22.61
CA ILE G 104 -4.06 -5.12 22.71
C ILE G 104 -3.88 -5.53 24.17
N VAL G 105 -2.89 -4.95 24.83
CA VAL G 105 -2.63 -5.26 26.23
C VAL G 105 -3.88 -4.95 27.05
N LYS G 106 -4.49 -3.80 26.77
CA LYS G 106 -5.70 -3.39 27.46
C LYS G 106 -6.80 -4.45 27.33
N THR G 107 -7.16 -4.76 26.08
CA THR G 107 -8.22 -5.73 25.81
C THR G 107 -7.96 -7.12 26.38
N LEU G 108 -6.69 -7.51 26.47
CA LEU G 108 -6.39 -8.83 27.01
C LEU G 108 -6.49 -8.78 28.53
N CYS G 109 -6.01 -7.68 29.12
CA CYS G 109 -6.08 -7.51 30.56
C CYS G 109 -7.54 -7.42 30.99
N GLU G 110 -8.39 -6.97 30.07
CA GLU G 110 -9.81 -6.84 30.34
C GLU G 110 -10.38 -8.25 30.56
N GLY G 111 -10.02 -9.16 29.67
CA GLY G 111 -10.50 -10.52 29.80
C GLY G 111 -9.97 -11.11 31.10
N ILE G 112 -8.66 -11.01 31.31
CA ILE G 112 -8.01 -11.54 32.50
C ILE G 112 -8.68 -11.09 33.81
N ALA G 113 -8.84 -9.78 33.97
CA ALA G 113 -9.48 -9.25 35.17
C ALA G 113 -10.87 -9.86 35.32
N LYS G 114 -11.44 -10.29 34.21
CA LYS G 114 -12.78 -10.87 34.20
C LYS G 114 -12.88 -12.39 34.31
N CYS G 115 -12.00 -13.12 33.64
CA CYS G 115 -12.09 -14.58 33.66
C CYS G 115 -11.14 -15.33 34.58
N CYS G 116 -9.99 -14.73 34.88
CA CYS G 116 -9.04 -15.38 35.79
C CYS G 116 -8.32 -14.35 36.64
N PRO G 117 -9.09 -13.46 37.31
CA PRO G 117 -8.55 -12.40 38.16
C PRO G 117 -7.51 -12.82 39.18
N ARG G 118 -7.45 -14.11 39.50
CA ARG G 118 -6.47 -14.58 40.46
C ARG G 118 -5.30 -15.33 39.84
N ALA G 119 -5.23 -15.30 38.52
CA ALA G 119 -4.13 -15.97 37.82
C ALA G 119 -2.89 -15.08 37.86
N ILE G 120 -1.72 -15.70 37.82
CA ILE G 120 -0.46 -14.97 37.80
C ILE G 120 -0.23 -14.54 36.36
N VAL G 121 0.07 -13.27 36.17
CA VAL G 121 0.28 -12.77 34.83
C VAL G 121 1.76 -12.47 34.54
N ASN G 122 2.23 -12.98 33.41
CA ASN G 122 3.61 -12.77 32.97
C ASN G 122 3.53 -11.94 31.69
N LEU G 123 3.45 -10.62 31.86
CA LEU G 123 3.35 -9.71 30.73
C LEU G 123 4.68 -9.45 30.03
N ILE G 124 4.73 -9.79 28.74
CA ILE G 124 5.91 -9.64 27.91
C ILE G 124 5.74 -8.53 26.86
N SER G 125 4.49 -8.27 26.50
CA SER G 125 4.13 -7.26 25.50
C SER G 125 4.95 -5.98 25.58
N ASN G 126 5.76 -5.77 24.55
CA ASN G 126 6.61 -4.58 24.46
C ASN G 126 5.71 -3.40 24.11
N PRO G 127 5.95 -2.23 24.74
CA PRO G 127 7.00 -1.97 25.73
C PRO G 127 6.56 -2.31 27.15
N VAL G 128 7.25 -3.26 27.77
CA VAL G 128 6.94 -3.68 29.13
C VAL G 128 6.96 -2.51 30.10
N ASN G 129 7.91 -1.60 29.93
CA ASN G 129 8.04 -0.44 30.81
C ASN G 129 6.76 0.38 30.91
N SER G 130 5.81 0.15 30.01
CA SER G 130 4.56 0.88 30.02
C SER G 130 3.34 -0.02 30.04
N THR G 131 3.42 -1.14 29.32
CA THR G 131 2.31 -2.09 29.26
C THR G 131 1.94 -2.60 30.65
N VAL G 132 2.95 -2.88 31.48
CA VAL G 132 2.72 -3.35 32.84
C VAL G 132 1.83 -2.35 33.59
N PRO G 133 2.20 -1.06 33.59
CA PRO G 133 1.36 -0.09 34.30
C PRO G 133 -0.03 -0.04 33.68
N ILE G 134 -0.11 -0.12 32.35
CA ILE G 134 -1.40 -0.10 31.68
C ILE G 134 -2.27 -1.18 32.29
N ALA G 135 -1.70 -2.38 32.38
CA ALA G 135 -2.41 -3.54 32.93
C ALA G 135 -2.90 -3.25 34.34
N ALA G 136 -1.99 -2.81 35.20
CA ALA G 136 -2.32 -2.50 36.60
C ALA G 136 -3.55 -1.59 36.68
N GLU G 137 -3.62 -0.60 35.78
CA GLU G 137 -4.74 0.33 35.74
C GLU G 137 -6.01 -0.37 35.27
N VAL G 138 -5.85 -1.25 34.29
CA VAL G 138 -7.00 -1.99 33.76
C VAL G 138 -7.60 -2.85 34.87
N PHE G 139 -6.77 -3.27 35.81
CA PHE G 139 -7.23 -4.11 36.93
C PHE G 139 -7.78 -3.28 38.08
N LYS G 140 -7.30 -2.05 38.21
CA LYS G 140 -7.77 -1.16 39.27
C LYS G 140 -9.23 -0.82 38.96
N LYS G 141 -9.45 -0.32 37.75
CA LYS G 141 -10.78 0.07 37.30
C LYS G 141 -11.69 -1.16 37.30
N ALA G 142 -11.08 -2.33 37.12
CA ALA G 142 -11.82 -3.59 37.11
C ALA G 142 -11.97 -4.10 38.55
N GLY G 143 -11.13 -3.58 39.43
CA GLY G 143 -11.17 -3.96 40.84
C GLY G 143 -10.62 -5.34 41.14
N THR G 144 -9.72 -5.82 40.30
CA THR G 144 -9.13 -7.15 40.50
C THR G 144 -7.61 -7.07 40.52
N TYR G 145 -7.10 -5.88 40.82
CA TYR G 145 -5.67 -5.66 40.87
C TYR G 145 -4.96 -6.22 42.09
N ASP G 146 -4.05 -7.15 41.84
CA ASP G 146 -3.25 -7.73 42.92
C ASP G 146 -1.81 -7.53 42.45
N PRO G 147 -1.07 -6.64 43.11
CA PRO G 147 0.32 -6.36 42.76
C PRO G 147 1.25 -7.56 42.93
N LYS G 148 0.80 -8.56 43.67
CA LYS G 148 1.60 -9.77 43.90
C LYS G 148 1.41 -10.82 42.82
N ARG G 149 0.58 -10.50 41.82
CA ARG G 149 0.31 -11.46 40.75
C ARG G 149 0.59 -10.95 39.32
N LEU G 150 1.02 -9.71 39.18
CA LEU G 150 1.34 -9.16 37.87
C LEU G 150 2.84 -8.98 37.72
N LEU G 151 3.41 -9.53 36.65
CA LEU G 151 4.85 -9.40 36.44
C LEU G 151 5.27 -9.17 35.00
N GLY G 152 5.98 -8.06 34.78
CA GLY G 152 6.47 -7.76 33.45
C GLY G 152 7.74 -8.55 33.30
N VAL G 153 7.77 -9.46 32.35
CA VAL G 153 8.94 -10.30 32.13
C VAL G 153 10.12 -9.47 31.65
N THR G 154 11.24 -9.60 32.34
CA THR G 154 12.45 -8.88 31.97
C THR G 154 13.58 -9.91 31.96
N MET G 155 13.19 -11.18 32.06
CA MET G 155 14.16 -12.27 32.09
C MET G 155 15.17 -12.22 30.95
N LEU G 156 14.77 -11.65 29.82
CA LEU G 156 15.65 -11.55 28.67
C LEU G 156 16.87 -10.69 28.98
N ASP G 157 16.67 -9.66 29.80
CA ASP G 157 17.78 -8.79 30.19
C ASP G 157 18.79 -9.59 31.00
N VAL G 158 18.28 -10.36 31.96
CA VAL G 158 19.13 -11.18 32.82
C VAL G 158 19.85 -12.19 31.96
N VAL G 159 19.11 -12.87 31.08
CA VAL G 159 19.71 -13.88 30.21
C VAL G 159 20.85 -13.23 29.43
N ARG G 160 20.60 -12.06 28.87
CA ARG G 160 21.62 -11.34 28.14
C ARG G 160 22.78 -11.01 29.07
N ALA G 161 22.44 -10.41 30.22
CA ALA G 161 23.43 -10.03 31.22
C ALA G 161 24.38 -11.18 31.60
N ASN G 162 23.83 -12.37 31.85
CA ASN G 162 24.64 -13.51 32.22
C ASN G 162 25.51 -13.98 31.08
N THR G 163 24.89 -14.07 29.90
CA THR G 163 25.58 -14.54 28.71
C THR G 163 26.80 -13.71 28.41
N PHE G 164 26.63 -12.39 28.35
CA PHE G 164 27.72 -11.49 28.02
C PHE G 164 28.77 -11.46 29.13
N VAL G 165 28.31 -11.43 30.37
CA VAL G 165 29.23 -11.43 31.50
C VAL G 165 30.06 -12.70 31.46
N ALA G 166 29.43 -13.82 31.16
CA ALA G 166 30.15 -15.09 31.09
C ALA G 166 31.14 -15.08 29.93
N GLU G 167 30.85 -14.28 28.91
CA GLU G 167 31.74 -14.18 27.75
C GLU G 167 33.02 -13.46 28.15
N VAL G 168 32.85 -12.32 28.82
CA VAL G 168 33.98 -11.51 29.28
C VAL G 168 34.87 -12.29 30.26
N LEU G 169 34.25 -13.04 31.18
CA LEU G 169 34.99 -13.80 32.19
C LEU G 169 35.38 -15.21 31.77
N GLY G 170 35.18 -15.55 30.50
CA GLY G 170 35.52 -16.89 30.05
C GLY G 170 34.83 -17.96 30.86
N LEU G 171 33.63 -17.65 31.32
CA LEU G 171 32.83 -18.57 32.12
C LEU G 171 31.61 -19.08 31.38
N ASP G 172 31.12 -20.23 31.82
CA ASP G 172 29.93 -20.82 31.23
C ASP G 172 28.71 -20.05 31.75
N PRO G 173 27.89 -19.52 30.84
CA PRO G 173 26.67 -18.76 31.16
C PRO G 173 25.73 -19.37 32.21
N ARG G 174 25.71 -20.69 32.31
CA ARG G 174 24.84 -21.34 33.30
C ARG G 174 25.33 -21.08 34.71
N ASP G 175 26.64 -20.99 34.87
CA ASP G 175 27.25 -20.74 36.16
C ASP G 175 27.38 -19.25 36.49
N VAL G 176 26.62 -18.41 35.78
CA VAL G 176 26.65 -16.96 36.02
C VAL G 176 25.25 -16.40 36.27
N ASP G 177 25.17 -15.42 37.14
CA ASP G 177 23.89 -14.77 37.39
C ASP G 177 24.12 -13.30 37.71
N VAL G 178 23.46 -12.45 36.93
CA VAL G 178 23.59 -11.01 37.09
C VAL G 178 22.26 -10.42 37.46
N PRO G 179 22.19 -9.71 38.61
CA PRO G 179 20.91 -9.11 38.96
C PRO G 179 20.72 -7.97 37.98
N VAL G 180 19.51 -7.81 37.46
CA VAL G 180 19.24 -6.72 36.54
C VAL G 180 18.01 -6.02 37.07
N VAL G 181 18.11 -4.72 37.29
CA VAL G 181 17.01 -3.96 37.84
C VAL G 181 16.66 -2.76 36.98
N GLY G 182 15.65 -2.01 37.44
CA GLY G 182 15.24 -0.83 36.71
C GLY G 182 14.06 -1.08 35.79
N GLY G 183 14.26 -0.82 34.50
CA GLY G 183 13.20 -1.02 33.52
C GLY G 183 13.56 -2.09 32.52
N HIS G 184 12.82 -2.15 31.41
CA HIS G 184 13.06 -3.16 30.39
C HIS G 184 13.51 -2.57 29.05
N ALA G 185 13.82 -1.28 29.02
CA ALA G 185 14.24 -0.64 27.78
C ALA G 185 15.43 0.33 27.88
N GLY G 186 16.38 0.18 26.96
CA GLY G 186 17.54 1.05 26.93
C GLY G 186 18.31 1.28 28.22
N VAL G 187 18.33 2.53 28.67
CA VAL G 187 19.05 2.92 29.88
C VAL G 187 18.30 2.63 31.18
N THR G 188 17.11 2.05 31.05
CA THR G 188 16.30 1.69 32.21
C THR G 188 16.76 0.30 32.65
N ILE G 189 17.40 -0.41 31.74
CA ILE G 189 17.93 -1.74 31.98
C ILE G 189 19.24 -1.58 32.73
N LEU G 190 19.18 -1.66 34.06
CA LEU G 190 20.36 -1.48 34.87
C LEU G 190 21.01 -2.76 35.41
N PRO G 191 21.98 -3.32 34.66
CA PRO G 191 22.67 -4.54 35.09
C PRO G 191 23.66 -4.25 36.23
N LEU G 192 23.36 -4.77 37.41
CA LEU G 192 24.22 -4.56 38.57
C LEU G 192 25.42 -5.50 38.55
N LEU G 193 26.37 -5.17 37.69
CA LEU G 193 27.58 -5.97 37.52
C LEU G 193 28.39 -6.20 38.79
N SER G 194 28.15 -5.39 39.81
CA SER G 194 28.87 -5.53 41.08
C SER G 194 28.31 -6.68 41.94
N GLN G 195 27.08 -7.08 41.66
CA GLN G 195 26.42 -8.15 42.41
C GLN G 195 26.49 -9.46 41.65
N VAL G 196 27.39 -9.51 40.67
CA VAL G 196 27.56 -10.70 39.85
C VAL G 196 27.97 -11.91 40.68
N LYS G 197 27.56 -13.09 40.25
CA LYS G 197 27.90 -14.32 40.94
C LYS G 197 28.32 -15.36 39.92
N PRO G 198 29.51 -15.95 40.10
CA PRO G 198 30.45 -15.68 41.19
C PRO G 198 31.10 -14.29 41.16
N PRO G 199 31.32 -13.67 42.33
CA PRO G 199 31.94 -12.34 42.44
C PRO G 199 33.15 -12.26 41.54
N SER G 200 33.25 -11.16 40.81
CA SER G 200 34.36 -10.94 39.90
C SER G 200 34.55 -9.45 39.74
N SER G 201 35.78 -9.01 39.48
CA SER G 201 36.07 -7.60 39.30
C SER G 201 35.98 -7.24 37.83
N PHE G 202 35.50 -6.05 37.55
CA PHE G 202 35.36 -5.59 36.17
C PHE G 202 36.06 -4.25 35.97
N THR G 203 36.93 -4.17 34.96
CA THR G 203 37.61 -2.92 34.67
C THR G 203 36.51 -1.98 34.17
N GLN G 204 36.59 -0.70 34.50
CA GLN G 204 35.56 0.25 34.06
C GLN G 204 35.29 0.04 32.58
N GLU G 205 36.27 -0.52 31.89
CA GLU G 205 36.18 -0.81 30.47
C GLU G 205 35.11 -1.90 30.28
N GLU G 206 35.37 -3.07 30.83
CA GLU G 206 34.46 -4.20 30.74
C GLU G 206 33.07 -3.80 31.23
N ILE G 207 33.04 -2.95 32.25
CA ILE G 207 31.78 -2.47 32.82
C ILE G 207 30.95 -1.74 31.76
N SER G 208 31.46 -0.58 31.33
CA SER G 208 30.80 0.26 30.33
C SER G 208 30.28 -0.56 29.15
N TYR G 209 31.13 -1.44 28.65
CA TYR G 209 30.78 -2.30 27.54
C TYR G 209 29.55 -3.14 27.85
N LEU G 210 29.67 -3.98 28.88
CA LEU G 210 28.58 -4.85 29.30
C LEU G 210 27.26 -4.11 29.54
N THR G 211 27.32 -3.01 30.29
CA THR G 211 26.11 -2.25 30.57
C THR G 211 25.49 -1.75 29.26
N ASP G 212 26.37 -1.39 28.32
CA ASP G 212 25.94 -0.89 27.03
C ASP G 212 25.25 -1.98 26.22
N ARG G 213 25.96 -3.08 25.98
CA ARG G 213 25.41 -4.19 25.21
C ARG G 213 24.12 -4.71 25.82
N ILE G 214 24.13 -4.95 27.12
CA ILE G 214 22.94 -5.45 27.80
C ILE G 214 21.75 -4.55 27.56
N GLN G 215 21.99 -3.25 27.42
CA GLN G 215 20.89 -2.32 27.19
C GLN G 215 20.50 -2.23 25.72
N ASN G 216 21.39 -2.65 24.82
CA ASN G 216 21.12 -2.61 23.39
C ASN G 216 20.99 -4.00 22.80
N GLY G 217 20.93 -4.99 23.68
CA GLY G 217 20.81 -6.37 23.22
C GLY G 217 19.67 -6.53 22.24
N GLY G 218 18.54 -5.90 22.54
CA GLY G 218 17.40 -6.00 21.66
C GLY G 218 17.72 -5.53 20.25
N THR G 219 18.05 -4.24 20.12
CA THR G 219 18.35 -3.68 18.80
C THR G 219 19.49 -4.41 18.11
N GLU G 220 20.35 -5.05 18.88
CA GLU G 220 21.47 -5.80 18.30
C GLU G 220 20.90 -6.87 17.36
N VAL G 221 19.88 -7.58 17.84
CA VAL G 221 19.24 -8.63 17.06
C VAL G 221 18.49 -8.02 15.88
N VAL G 222 17.75 -6.95 16.15
CA VAL G 222 17.02 -6.28 15.10
C VAL G 222 17.95 -5.95 13.93
N GLU G 223 19.13 -5.42 14.23
CA GLU G 223 20.10 -5.08 13.19
C GLU G 223 20.59 -6.33 12.49
N ALA G 224 20.88 -7.37 13.26
CA ALA G 224 21.37 -8.62 12.69
C ALA G 224 20.29 -9.21 11.79
N LYS G 225 19.04 -8.81 12.01
CA LYS G 225 17.93 -9.31 11.21
C LYS G 225 17.47 -8.30 10.15
N ALA G 226 18.37 -7.39 9.78
CA ALA G 226 18.06 -6.38 8.77
C ALA G 226 16.71 -5.73 9.04
N GLY G 227 16.53 -5.25 10.26
CA GLY G 227 15.29 -4.59 10.64
C GLY G 227 14.03 -5.41 10.40
N ALA G 228 14.17 -6.60 9.84
CA ALA G 228 13.04 -7.47 9.56
C ALA G 228 12.78 -8.46 10.70
N GLY G 229 12.29 -7.94 11.83
CA GLY G 229 12.00 -8.79 12.96
C GLY G 229 13.00 -8.73 14.10
N SER G 230 12.50 -8.84 15.33
CA SER G 230 13.34 -8.80 16.53
C SER G 230 13.50 -10.20 17.10
N ALA G 231 14.30 -10.34 18.16
CA ALA G 231 14.53 -11.65 18.78
C ALA G 231 13.22 -12.34 19.17
N THR G 232 13.12 -13.62 18.84
CA THR G 232 11.92 -14.41 19.15
C THR G 232 12.29 -15.71 19.87
N LEU G 233 13.33 -16.38 19.39
CA LEU G 233 13.76 -17.62 19.99
C LEU G 233 14.26 -17.43 21.41
N SER G 234 15.24 -16.55 21.59
CA SER G 234 15.79 -16.28 22.91
C SER G 234 14.73 -15.71 23.85
N MET G 235 13.73 -15.03 23.29
CA MET G 235 12.67 -14.45 24.09
C MET G 235 11.78 -15.53 24.68
N ALA G 236 11.28 -16.40 23.81
CA ALA G 236 10.43 -17.51 24.24
C ALA G 236 11.19 -18.23 25.37
N TYR G 237 12.40 -18.67 25.05
CA TYR G 237 13.25 -19.35 26.00
C TYR G 237 13.24 -18.61 27.34
N ALA G 238 13.59 -17.33 27.31
CA ALA G 238 13.63 -16.52 28.53
C ALA G 238 12.28 -16.49 29.25
N ALA G 239 11.20 -16.34 28.48
CA ALA G 239 9.87 -16.29 29.07
C ALA G 239 9.52 -17.61 29.78
N VAL G 240 9.93 -18.73 29.19
CA VAL G 240 9.64 -20.03 29.78
C VAL G 240 10.44 -20.27 31.06
N LYS G 241 11.65 -19.74 31.13
CA LYS G 241 12.44 -19.91 32.35
C LYS G 241 11.72 -19.15 33.45
N PHE G 242 11.21 -17.97 33.10
CA PHE G 242 10.50 -17.17 34.08
C PHE G 242 9.15 -17.81 34.37
N ALA G 243 8.56 -18.41 33.34
CA ALA G 243 7.28 -19.09 33.49
C ALA G 243 7.48 -20.29 34.42
N ASP G 244 8.55 -21.03 34.20
CA ASP G 244 8.85 -22.18 35.04
C ASP G 244 9.08 -21.74 36.47
N ALA G 245 9.69 -20.57 36.64
CA ALA G 245 9.97 -20.06 37.97
C ALA G 245 8.67 -19.78 38.73
N CYS G 246 7.72 -19.10 38.09
CA CYS G 246 6.44 -18.82 38.74
C CYS G 246 5.72 -20.11 39.10
N LEU G 247 5.71 -21.07 38.18
CA LEU G 247 5.05 -22.34 38.45
C LEU G 247 5.65 -22.97 39.70
N ARG G 248 6.97 -23.13 39.72
CA ARG G 248 7.67 -23.70 40.86
C ARG G 248 7.28 -22.93 42.13
N GLY G 249 6.94 -21.66 41.97
CA GLY G 249 6.54 -20.85 43.10
C GLY G 249 5.18 -21.30 43.55
N LEU G 250 4.26 -21.47 42.59
CA LEU G 250 2.91 -21.94 42.90
C LEU G 250 2.98 -23.33 43.52
N ARG G 251 3.87 -24.16 43.00
CA ARG G 251 4.04 -25.51 43.53
C ARG G 251 4.49 -25.41 44.98
N GLY G 252 4.79 -24.19 45.43
CA GLY G 252 5.22 -23.98 46.80
C GLY G 252 6.69 -24.21 47.07
N ASP G 253 7.53 -23.92 46.09
CA ASP G 253 8.97 -24.09 46.23
C ASP G 253 9.62 -22.97 47.03
N ALA G 254 10.69 -23.31 47.74
CA ALA G 254 11.40 -22.35 48.55
C ALA G 254 12.40 -21.56 47.72
N GLY G 255 12.75 -20.37 48.22
CA GLY G 255 13.70 -19.50 47.58
C GLY G 255 13.71 -19.34 46.06
N VAL G 256 12.53 -19.38 45.44
CA VAL G 256 12.45 -19.20 43.99
C VAL G 256 12.61 -17.71 43.76
N ILE G 257 13.79 -17.29 43.33
CA ILE G 257 14.07 -15.87 43.11
C ILE G 257 14.43 -15.51 41.68
N GLU G 258 13.75 -14.50 41.15
CA GLU G 258 13.98 -14.04 39.78
C GLU G 258 13.85 -12.52 39.71
N CYS G 259 14.34 -11.94 38.63
CA CYS G 259 14.21 -10.49 38.45
C CYS G 259 12.94 -10.30 37.62
N ALA G 260 12.19 -9.24 37.90
CA ALA G 260 10.97 -8.96 37.15
C ALA G 260 10.50 -7.54 37.39
N PHE G 261 9.81 -6.97 36.40
CA PHE G 261 9.31 -5.62 36.52
C PHE G 261 7.94 -5.73 37.17
N VAL G 262 7.88 -5.36 38.44
CA VAL G 262 6.65 -5.44 39.21
C VAL G 262 6.29 -4.10 39.85
N SER G 263 5.35 -4.13 40.78
CA SER G 263 4.91 -2.95 41.49
C SER G 263 5.69 -2.91 42.80
N SER G 264 6.50 -1.87 43.00
CA SER G 264 7.30 -1.81 44.23
C SER G 264 7.45 -0.43 44.87
N GLN G 265 7.97 -0.47 46.09
CA GLN G 265 8.23 0.73 46.88
C GLN G 265 9.74 0.87 46.99
N VAL G 266 10.45 -0.07 46.38
CA VAL G 266 11.92 -0.09 46.35
C VAL G 266 12.42 1.25 45.83
N THR G 267 11.54 1.95 45.14
CA THR G 267 11.82 3.24 44.54
C THR G 267 10.55 4.08 44.68
N GLU G 268 10.70 5.40 44.59
CA GLU G 268 9.54 6.29 44.70
C GLU G 268 8.54 5.83 43.64
N LEU G 269 9.08 5.41 42.49
CA LEU G 269 8.26 4.94 41.38
C LEU G 269 7.34 3.78 41.77
N PRO G 270 6.17 3.68 41.11
CA PRO G 270 5.18 2.62 41.38
C PRO G 270 5.64 1.24 40.91
N PHE G 271 6.36 1.20 39.79
CA PHE G 271 6.87 -0.05 39.25
C PHE G 271 8.38 0.05 39.04
N PHE G 272 9.07 -1.07 39.22
CA PHE G 272 10.52 -1.11 39.07
C PHE G 272 10.94 -2.57 39.07
N ALA G 273 11.87 -2.92 38.19
CA ALA G 273 12.33 -4.30 38.12
C ALA G 273 13.39 -4.55 39.18
N SER G 274 13.17 -5.55 40.03
CA SER G 274 14.10 -5.89 41.08
C SER G 274 13.88 -7.33 41.49
N LYS G 275 14.83 -7.90 42.20
CA LYS G 275 14.72 -9.28 42.66
C LYS G 275 13.39 -9.49 43.39
N VAL G 276 12.73 -10.62 43.12
CA VAL G 276 11.49 -10.96 43.80
C VAL G 276 11.49 -12.47 44.09
N ARG G 277 10.85 -12.85 45.19
CA ARG G 277 10.75 -14.25 45.57
C ARG G 277 9.37 -14.69 45.10
N LEU G 278 9.32 -15.79 44.35
CA LEU G 278 8.06 -16.29 43.83
C LEU G 278 7.45 -17.39 44.71
N GLY G 279 6.15 -17.25 45.01
CA GLY G 279 5.47 -18.23 45.85
C GLY G 279 4.06 -18.57 45.40
N ARG G 280 3.35 -19.32 46.24
CA ARG G 280 1.99 -19.77 45.95
C ARG G 280 1.02 -18.67 45.51
N ASN G 281 1.26 -17.43 45.92
CA ASN G 281 0.36 -16.35 45.54
C ASN G 281 1.05 -15.33 44.66
N GLY G 282 2.20 -15.71 44.12
CA GLY G 282 2.94 -14.81 43.27
C GLY G 282 4.16 -14.26 43.98
N ILE G 283 4.23 -12.95 44.09
CA ILE G 283 5.36 -12.31 44.76
C ILE G 283 5.17 -12.33 46.27
N GLU G 284 6.00 -13.11 46.94
CA GLU G 284 5.94 -13.21 48.40
C GLU G 284 6.87 -12.17 49.02
N GLU G 285 7.69 -11.54 48.18
CA GLU G 285 8.63 -10.53 48.63
C GLU G 285 9.36 -9.83 47.50
N VAL G 286 9.56 -8.52 47.69
CA VAL G 286 10.25 -7.66 46.73
C VAL G 286 11.54 -7.15 47.39
N TYR G 287 12.68 -7.64 46.93
CA TYR G 287 13.99 -7.25 47.48
C TYR G 287 14.49 -5.89 47.02
N SER G 288 15.31 -5.23 47.84
CA SER G 288 15.85 -3.94 47.46
C SER G 288 16.97 -4.16 46.45
N LEU G 289 17.41 -3.08 45.81
CA LEU G 289 18.44 -3.18 44.81
C LEU G 289 19.77 -3.66 45.38
N GLY G 290 20.02 -3.35 46.65
CA GLY G 290 21.26 -3.79 47.29
C GLY G 290 22.45 -2.87 47.09
N PRO G 291 23.68 -3.34 47.35
CA PRO G 291 24.88 -2.51 47.20
C PRO G 291 25.20 -2.20 45.74
N LEU G 292 25.36 -0.91 45.42
CA LEU G 292 25.67 -0.46 44.06
C LEU G 292 26.99 0.31 44.00
N ASN G 293 27.69 0.24 42.87
CA ASN G 293 28.93 0.99 42.71
C ASN G 293 28.55 2.28 42.00
N GLU G 294 29.52 3.19 41.84
CA GLU G 294 29.25 4.47 41.20
C GLU G 294 28.56 4.31 39.84
N TYR G 295 29.21 3.60 38.93
CA TYR G 295 28.68 3.38 37.59
C TYR G 295 27.22 2.93 37.62
N GLU G 296 26.81 2.32 38.73
CA GLU G 296 25.46 1.82 38.89
C GLU G 296 24.54 2.83 39.56
N ARG G 297 25.12 3.69 40.39
CA ARG G 297 24.35 4.72 41.06
C ARG G 297 24.05 5.81 40.03
N ILE G 298 24.99 6.00 39.11
CA ILE G 298 24.83 6.98 38.04
C ILE G 298 23.88 6.38 37.02
N GLY G 299 24.07 5.10 36.76
CA GLY G 299 23.22 4.39 35.82
C GLY G 299 21.80 4.30 36.33
N LEU G 300 21.66 4.26 37.66
CA LEU G 300 20.36 4.18 38.30
C LEU G 300 19.59 5.49 38.27
N GLU G 301 20.24 6.56 38.71
CA GLU G 301 19.62 7.88 38.74
C GLU G 301 18.98 8.21 37.40
N LYS G 302 19.66 7.82 36.33
CA LYS G 302 19.17 8.07 34.98
C LYS G 302 18.03 7.13 34.60
N ALA G 303 18.17 5.86 34.97
CA ALA G 303 17.14 4.85 34.70
C ALA G 303 15.78 5.33 35.18
N LYS G 304 15.73 5.80 36.41
CA LYS G 304 14.50 6.30 37.02
C LYS G 304 13.88 7.39 36.15
N LYS G 305 14.66 8.43 35.91
CA LYS G 305 14.23 9.58 35.11
C LYS G 305 13.42 9.14 33.89
N GLU G 306 14.04 8.34 33.04
CA GLU G 306 13.38 7.85 31.84
C GLU G 306 12.21 6.89 32.13
N LEU G 307 12.33 6.12 33.21
CA LEU G 307 11.30 5.16 33.58
C LEU G 307 9.99 5.81 34.02
N ALA G 308 10.08 6.87 34.81
CA ALA G 308 8.88 7.57 35.28
C ALA G 308 8.04 8.05 34.10
N GLY G 309 8.70 8.30 32.97
CA GLY G 309 7.99 8.75 31.78
C GLY G 309 7.19 7.62 31.19
N SER G 310 7.82 6.46 31.08
CA SER G 310 7.17 5.27 30.54
C SER G 310 5.98 4.89 31.41
N ILE G 311 6.20 4.80 32.72
CA ILE G 311 5.14 4.47 33.66
C ILE G 311 3.98 5.45 33.47
N GLU G 312 4.34 6.71 33.23
CA GLU G 312 3.35 7.76 33.01
C GLU G 312 2.66 7.57 31.66
N LYS G 313 3.46 7.33 30.63
CA LYS G 313 2.94 7.13 29.29
C LYS G 313 1.88 6.02 29.31
N GLY G 314 2.04 5.10 30.27
CA GLY G 314 1.11 3.99 30.39
C GLY G 314 -0.15 4.32 31.18
N VAL G 315 0.02 4.60 32.47
CA VAL G 315 -1.12 4.92 33.34
C VAL G 315 -2.02 5.95 32.66
N SER G 316 -1.41 6.86 31.92
CA SER G 316 -2.15 7.89 31.20
C SER G 316 -3.16 7.27 30.25
N PHE G 317 -2.66 6.51 29.29
CA PHE G 317 -3.49 5.86 28.28
C PHE G 317 -4.77 5.24 28.83
N ILE G 318 -4.71 4.69 30.03
CA ILE G 318 -5.86 4.06 30.64
C ILE G 318 -6.80 5.06 31.33
N ARG G 319 -6.25 5.83 32.27
CA ARG G 319 -7.06 6.79 33.01
C ARG G 319 -7.36 8.08 32.25
N SER G 320 -7.84 7.95 31.02
CA SER G 320 -8.18 9.11 30.20
C SER G 320 -9.24 8.78 29.15
N GLY H 8 31.54 -31.11 25.55
CA GLY H 8 30.30 -31.56 24.82
C GLY H 8 30.55 -31.90 23.35
N PHE H 9 29.50 -31.84 22.55
CA PHE H 9 29.63 -32.13 21.12
C PHE H 9 29.32 -30.93 20.24
N LYS H 10 29.92 -30.92 19.06
CA LYS H 10 29.72 -29.83 18.12
C LYS H 10 28.64 -30.23 17.12
N VAL H 11 27.55 -29.48 17.11
CA VAL H 11 26.43 -29.77 16.23
C VAL H 11 26.13 -28.66 15.25
N ALA H 12 25.74 -29.05 14.04
CA ALA H 12 25.40 -28.10 12.99
C ALA H 12 23.98 -28.36 12.49
N ILE H 13 23.22 -27.28 12.30
CA ILE H 13 21.86 -27.35 11.80
C ILE H 13 21.79 -26.67 10.43
N LEU H 14 21.62 -27.48 9.38
CA LEU H 14 21.54 -26.94 8.03
C LEU H 14 20.09 -26.57 7.72
N GLY H 15 19.83 -25.28 7.60
CA GLY H 15 18.48 -24.82 7.33
C GLY H 15 17.89 -24.23 8.60
N ALA H 16 18.78 -23.70 9.43
CA ALA H 16 18.42 -23.11 10.72
C ALA H 16 17.44 -21.95 10.68
N ALA H 17 17.30 -21.31 9.54
CA ALA H 17 16.40 -20.17 9.42
C ALA H 17 14.94 -20.51 9.11
N GLY H 18 14.70 -21.77 8.72
CA GLY H 18 13.35 -22.19 8.38
C GLY H 18 12.31 -22.31 9.49
N GLY H 19 11.15 -22.84 9.13
CA GLY H 19 10.07 -23.00 10.08
C GLY H 19 10.42 -23.99 11.17
N ILE H 20 11.04 -25.09 10.78
CA ILE H 20 11.43 -26.11 11.73
C ILE H 20 12.80 -25.74 12.30
N GLY H 21 13.68 -25.27 11.42
CA GLY H 21 15.02 -24.89 11.80
C GLY H 21 15.19 -23.98 12.99
N GLN H 22 14.38 -22.94 13.10
CA GLN H 22 14.53 -22.01 14.20
C GLN H 22 14.18 -22.62 15.57
N PRO H 23 12.96 -23.15 15.73
CA PRO H 23 12.65 -23.74 17.04
C PRO H 23 13.64 -24.85 17.36
N LEU H 24 14.08 -25.58 16.33
CA LEU H 24 15.04 -26.64 16.53
C LEU H 24 16.34 -26.03 17.08
N ALA H 25 16.83 -24.99 16.42
CA ALA H 25 18.06 -24.32 16.83
C ALA H 25 17.96 -23.88 18.28
N MET H 26 16.85 -23.24 18.64
CA MET H 26 16.67 -22.79 20.01
C MET H 26 16.79 -23.95 21.00
N LEU H 27 16.15 -25.07 20.71
CA LEU H 27 16.21 -26.22 21.60
C LEU H 27 17.62 -26.80 21.68
N MET H 28 18.36 -26.81 20.56
CA MET H 28 19.72 -27.34 20.60
C MET H 28 20.63 -26.45 21.47
N LYS H 29 20.43 -25.14 21.38
CA LYS H 29 21.21 -24.20 22.18
C LYS H 29 21.01 -24.53 23.66
N MET H 30 19.85 -25.09 23.98
CA MET H 30 19.51 -25.44 25.36
C MET H 30 20.13 -26.76 25.79
N ASN H 31 20.52 -27.59 24.82
CA ASN H 31 21.10 -28.88 25.11
C ASN H 31 22.51 -28.82 25.71
N PRO H 32 22.66 -29.26 26.97
CA PRO H 32 23.94 -29.26 27.69
C PRO H 32 25.00 -30.16 27.08
N LEU H 33 24.59 -31.12 26.25
CA LEU H 33 25.54 -32.02 25.62
C LEU H 33 26.07 -31.38 24.35
N VAL H 34 25.68 -30.12 24.13
CA VAL H 34 26.11 -29.40 22.96
C VAL H 34 26.99 -28.23 23.36
N SER H 35 28.22 -28.22 22.87
CA SER H 35 29.17 -27.15 23.18
C SER H 35 29.21 -26.15 22.03
N VAL H 36 29.24 -26.66 20.80
CA VAL H 36 29.27 -25.79 19.63
C VAL H 36 28.04 -25.99 18.78
N LEU H 37 27.36 -24.89 18.46
CA LEU H 37 26.16 -24.95 17.63
C LEU H 37 26.29 -24.06 16.39
N HIS H 38 26.45 -24.68 15.24
CA HIS H 38 26.58 -23.94 13.98
C HIS H 38 25.27 -23.91 13.20
N LEU H 39 24.77 -22.70 12.93
CA LEU H 39 23.52 -22.54 12.19
C LEU H 39 23.79 -22.09 10.75
N TYR H 40 23.44 -22.95 9.80
CA TYR H 40 23.63 -22.63 8.38
C TYR H 40 22.31 -22.50 7.62
N ASP H 41 22.30 -21.64 6.61
CA ASP H 41 21.13 -21.45 5.77
C ASP H 41 21.49 -20.46 4.65
N VAL H 42 20.77 -20.53 3.54
CA VAL H 42 21.04 -19.62 2.44
C VAL H 42 20.54 -18.23 2.75
N VAL H 43 19.73 -18.10 3.81
CA VAL H 43 19.19 -16.81 4.24
C VAL H 43 19.01 -16.70 5.75
N ASN H 44 18.94 -15.45 6.23
CA ASN H 44 18.72 -15.11 7.63
C ASN H 44 19.51 -15.80 8.74
N ALA H 45 20.46 -16.66 8.38
CA ALA H 45 21.25 -17.36 9.37
C ALA H 45 21.85 -16.46 10.46
N PRO H 46 22.39 -15.29 10.08
CA PRO H 46 22.98 -14.37 11.06
C PRO H 46 21.99 -13.79 12.08
N GLY H 47 20.81 -13.42 11.60
CA GLY H 47 19.81 -12.84 12.47
C GLY H 47 19.36 -13.85 13.50
N VAL H 48 19.17 -15.09 13.07
CA VAL H 48 18.74 -16.16 13.94
C VAL H 48 19.86 -16.49 14.91
N THR H 49 21.12 -16.44 14.46
CA THR H 49 22.24 -16.73 15.33
C THR H 49 22.41 -15.65 16.39
N ALA H 50 22.17 -14.40 16.01
CA ALA H 50 22.30 -13.32 16.98
C ALA H 50 21.25 -13.50 18.07
N ASP H 51 20.04 -13.87 17.64
CA ASP H 51 18.93 -14.09 18.55
C ASP H 51 19.23 -15.21 19.57
N ILE H 52 19.63 -16.38 19.05
CA ILE H 52 19.94 -17.54 19.87
C ILE H 52 21.21 -17.37 20.69
N SER H 53 22.06 -16.44 20.29
CA SER H 53 23.32 -16.21 21.00
C SER H 53 23.13 -15.53 22.35
N HIS H 54 21.97 -14.94 22.55
CA HIS H 54 21.70 -14.27 23.81
C HIS H 54 21.33 -15.22 24.93
N MET H 55 20.90 -16.43 24.56
CA MET H 55 20.50 -17.43 25.53
C MET H 55 21.63 -17.86 26.45
N ASP H 56 21.43 -17.70 27.75
CA ASP H 56 22.45 -18.05 28.73
C ASP H 56 22.64 -19.55 28.99
N THR H 57 22.98 -20.28 27.93
CA THR H 57 23.19 -21.72 28.06
C THR H 57 24.59 -22.09 27.61
N GLY H 58 24.95 -23.37 27.78
CA GLY H 58 26.26 -23.83 27.40
C GLY H 58 26.74 -23.49 26.01
N ALA H 59 26.41 -24.36 25.05
CA ALA H 59 26.79 -24.21 23.66
C ALA H 59 27.07 -22.80 23.13
N VAL H 60 28.14 -22.69 22.36
CA VAL H 60 28.55 -21.44 21.74
C VAL H 60 27.98 -21.52 20.33
N VAL H 61 27.19 -20.55 19.93
CA VAL H 61 26.58 -20.56 18.61
C VAL H 61 27.16 -19.60 17.58
N ARG H 62 27.43 -20.11 16.39
CA ARG H 62 27.94 -19.30 15.30
C ARG H 62 27.06 -19.55 14.09
N GLY H 63 26.71 -18.48 13.37
CA GLY H 63 25.87 -18.62 12.20
C GLY H 63 26.62 -18.44 10.90
N PHE H 64 26.27 -19.21 9.89
CA PHE H 64 26.91 -19.14 8.58
C PHE H 64 25.87 -18.96 7.47
N LEU H 65 26.10 -17.96 6.62
CA LEU H 65 25.17 -17.64 5.53
C LEU H 65 25.68 -17.98 4.13
N GLY H 66 24.75 -18.36 3.25
CA GLY H 66 25.10 -18.69 1.88
C GLY H 66 26.06 -19.85 1.69
N GLN H 67 26.15 -20.32 0.45
CA GLN H 67 27.03 -21.42 0.08
C GLN H 67 28.51 -21.12 0.28
N GLN H 68 28.86 -19.83 0.31
CA GLN H 68 30.25 -19.42 0.48
C GLN H 68 30.67 -19.52 1.97
N GLN H 69 29.88 -20.25 2.74
CA GLN H 69 30.16 -20.42 4.16
C GLN H 69 29.74 -21.80 4.65
N LEU H 70 29.55 -22.74 3.72
CA LEU H 70 29.15 -24.09 4.07
C LEU H 70 30.27 -24.91 4.70
N GLU H 71 31.48 -24.83 4.15
CA GLU H 71 32.58 -25.60 4.71
C GLU H 71 32.85 -25.15 6.15
N ALA H 72 32.79 -23.83 6.37
CA ALA H 72 33.01 -23.27 7.69
C ALA H 72 32.07 -23.85 8.74
N ALA H 73 30.77 -23.86 8.42
CA ALA H 73 29.77 -24.38 9.33
C ALA H 73 29.95 -25.88 9.59
N LEU H 74 30.12 -26.65 8.52
CA LEU H 74 30.27 -28.09 8.60
C LEU H 74 31.55 -28.63 9.24
N THR H 75 32.67 -27.95 8.99
CA THR H 75 33.96 -28.40 9.51
C THR H 75 34.01 -28.74 10.99
N GLY H 76 34.51 -29.93 11.29
CA GLY H 76 34.64 -30.37 12.67
C GLY H 76 33.38 -30.69 13.45
N MET H 77 32.24 -30.74 12.79
CA MET H 77 30.99 -31.06 13.48
C MET H 77 30.89 -32.54 13.81
N ASP H 78 30.25 -32.86 14.93
CA ASP H 78 30.06 -34.23 15.36
C ASP H 78 28.72 -34.74 14.82
N LEU H 79 27.68 -33.94 15.02
CA LEU H 79 26.33 -34.27 14.59
C LEU H 79 25.81 -33.20 13.65
N ILE H 80 25.11 -33.61 12.60
CA ILE H 80 24.57 -32.66 11.62
C ILE H 80 23.07 -32.86 11.44
N ILE H 81 22.27 -31.92 11.97
CA ILE H 81 20.83 -32.00 11.87
C ILE H 81 20.40 -31.24 10.63
N VAL H 82 19.80 -31.95 9.67
CA VAL H 82 19.40 -31.33 8.42
C VAL H 82 17.91 -31.26 8.12
N PRO H 83 17.27 -30.14 8.48
CA PRO H 83 15.84 -29.93 8.24
C PRO H 83 15.66 -29.10 6.96
N ALA H 84 16.79 -28.70 6.38
CA ALA H 84 16.81 -27.90 5.16
C ALA H 84 15.83 -28.41 4.10
N GLY H 85 15.12 -27.48 3.47
CA GLY H 85 14.16 -27.84 2.44
C GLY H 85 13.15 -26.73 2.24
N VAL H 86 12.51 -26.72 1.08
CA VAL H 86 11.52 -25.68 0.81
C VAL H 86 10.11 -26.15 1.15
N PRO H 87 9.21 -25.19 1.41
CA PRO H 87 7.83 -25.52 1.75
C PRO H 87 7.02 -25.77 0.48
N ARG H 88 5.97 -26.57 0.60
CA ARG H 88 5.10 -26.84 -0.54
C ARG H 88 4.22 -25.61 -0.72
N LYS H 89 4.54 -24.79 -1.71
CA LYS H 89 3.80 -23.56 -1.99
C LYS H 89 2.28 -23.78 -2.04
N PRO H 90 1.49 -22.73 -2.37
CA PRO H 90 0.04 -22.89 -2.43
C PRO H 90 -0.46 -23.95 -3.41
N GLY H 91 0.30 -25.04 -3.55
CA GLY H 91 -0.07 -26.10 -4.46
C GLY H 91 -0.17 -25.58 -5.88
N MET H 92 0.29 -24.34 -6.09
CA MET H 92 0.25 -23.72 -7.41
C MET H 92 1.60 -23.90 -8.09
N THR H 93 2.32 -24.94 -7.69
CA THR H 93 3.62 -25.29 -8.22
C THR H 93 3.79 -26.79 -8.09
N ARG H 94 3.97 -27.46 -9.22
CA ARG H 94 4.14 -28.92 -9.26
C ARG H 94 4.65 -29.50 -7.95
N ASP H 95 3.94 -30.49 -7.41
CA ASP H 95 4.35 -31.12 -6.16
C ASP H 95 5.64 -31.90 -6.39
N ASP H 96 6.31 -31.57 -7.48
CA ASP H 96 7.59 -32.17 -7.84
C ASP H 96 8.67 -31.23 -7.34
N LEU H 97 8.45 -30.68 -6.14
CA LEU H 97 9.42 -29.80 -5.51
C LEU H 97 10.48 -30.77 -5.01
N PHE H 98 10.20 -32.04 -5.23
CA PHE H 98 11.10 -33.12 -4.86
C PHE H 98 12.48 -32.75 -5.40
N LYS H 99 12.51 -32.32 -6.66
CA LYS H 99 13.73 -31.93 -7.33
C LYS H 99 14.44 -30.86 -6.53
N ILE H 100 13.68 -29.88 -6.05
CA ILE H 100 14.25 -28.79 -5.25
C ILE H 100 14.88 -29.36 -3.98
N ASN H 101 14.01 -29.91 -3.12
CA ASN H 101 14.45 -30.50 -1.87
C ASN H 101 15.51 -31.55 -2.10
N ALA H 102 15.32 -32.38 -3.13
CA ALA H 102 16.30 -33.41 -3.44
C ALA H 102 17.60 -32.70 -3.79
N GLY H 103 17.48 -31.62 -4.56
CA GLY H 103 18.66 -30.86 -4.95
C GLY H 103 19.39 -30.35 -3.72
N ILE H 104 18.64 -29.67 -2.86
CA ILE H 104 19.18 -29.12 -1.62
C ILE H 104 19.93 -30.20 -0.85
N VAL H 105 19.30 -31.36 -0.71
CA VAL H 105 19.93 -32.46 0.01
C VAL H 105 21.26 -32.75 -0.64
N LYS H 106 21.24 -33.11 -1.92
CA LYS H 106 22.47 -33.42 -2.64
C LYS H 106 23.60 -32.43 -2.36
N THR H 107 23.37 -31.15 -2.65
CA THR H 107 24.40 -30.15 -2.41
C THR H 107 24.83 -30.07 -0.95
N LEU H 108 23.97 -30.53 -0.04
CA LEU H 108 24.32 -30.50 1.39
C LEU H 108 25.15 -31.71 1.79
N CYS H 109 24.79 -32.89 1.28
CA CYS H 109 25.54 -34.10 1.58
C CYS H 109 26.95 -33.92 1.00
N GLU H 110 27.02 -33.27 -0.17
CA GLU H 110 28.29 -32.97 -0.79
C GLU H 110 28.71 -31.77 0.04
N GLY H 111 29.73 -31.94 0.87
CA GLY H 111 30.15 -30.85 1.74
C GLY H 111 30.11 -31.50 3.10
N ILE H 112 29.17 -32.42 3.26
CA ILE H 112 29.06 -33.18 4.50
C ILE H 112 30.12 -34.26 4.32
N ALA H 113 30.38 -34.59 3.06
CA ALA H 113 31.37 -35.60 2.72
C ALA H 113 32.73 -34.92 2.53
N LYS H 114 32.71 -33.60 2.51
CA LYS H 114 33.93 -32.82 2.33
C LYS H 114 34.50 -32.22 3.60
N CYS H 115 33.64 -31.78 4.51
CA CYS H 115 34.12 -31.14 5.74
C CYS H 115 33.89 -31.91 7.04
N CYS H 116 33.28 -33.08 6.96
CA CYS H 116 33.02 -33.86 8.16
C CYS H 116 32.39 -35.21 7.82
N PRO H 117 33.04 -35.98 6.92
CA PRO H 117 32.54 -37.29 6.51
C PRO H 117 32.49 -38.31 7.62
N ARG H 118 32.80 -37.87 8.84
CA ARG H 118 32.80 -38.73 10.02
C ARG H 118 31.66 -38.39 10.96
N ALA H 119 31.03 -37.23 10.72
CA ALA H 119 29.92 -36.76 11.54
C ALA H 119 28.63 -37.56 11.34
N ILE H 120 27.81 -37.60 12.38
CA ILE H 120 26.55 -38.30 12.31
C ILE H 120 25.57 -37.36 11.61
N VAL H 121 24.78 -37.91 10.70
CA VAL H 121 23.83 -37.10 9.96
C VAL H 121 22.40 -37.42 10.36
N ASN H 122 21.62 -36.38 10.64
CA ASN H 122 20.21 -36.53 11.00
C ASN H 122 19.41 -35.82 9.92
N LEU H 123 19.07 -36.58 8.88
CA LEU H 123 18.33 -36.05 7.74
C LEU H 123 16.83 -36.00 8.02
N ILE H 124 16.30 -34.78 7.99
CA ILE H 124 14.89 -34.53 8.24
C ILE H 124 14.19 -34.11 6.94
N SER H 125 14.98 -33.63 5.98
CA SER H 125 14.48 -33.18 4.68
C SER H 125 13.53 -34.15 4.00
N ASN H 126 12.33 -33.67 3.65
CA ASN H 126 11.32 -34.49 2.99
C ASN H 126 11.55 -34.64 1.50
N PRO H 127 11.26 -35.82 0.94
CA PRO H 127 10.73 -36.99 1.65
C PRO H 127 11.83 -37.94 2.14
N VAL H 128 11.89 -38.13 3.45
CA VAL H 128 12.89 -38.99 4.06
C VAL H 128 13.12 -40.31 3.32
N ASN H 129 12.03 -40.97 2.94
CA ASN H 129 12.14 -42.26 2.23
C ASN H 129 12.97 -42.16 0.95
N SER H 130 13.14 -40.94 0.45
CA SER H 130 13.90 -40.72 -0.77
C SER H 130 15.19 -39.95 -0.50
N THR H 131 15.13 -38.99 0.41
CA THR H 131 16.30 -38.18 0.73
C THR H 131 17.42 -38.98 1.39
N VAL H 132 17.08 -39.90 2.28
CA VAL H 132 18.11 -40.70 2.92
C VAL H 132 18.85 -41.46 1.84
N PRO H 133 18.12 -42.09 0.90
CA PRO H 133 18.80 -42.83 -0.16
C PRO H 133 19.68 -41.85 -0.94
N ILE H 134 19.10 -40.71 -1.31
CA ILE H 134 19.84 -39.67 -2.04
C ILE H 134 21.17 -39.41 -1.34
N ALA H 135 21.10 -39.08 -0.06
CA ALA H 135 22.29 -38.81 0.74
C ALA H 135 23.30 -39.94 0.58
N ALA H 136 22.81 -41.17 0.75
CA ALA H 136 23.66 -42.35 0.63
C ALA H 136 24.49 -42.31 -0.64
N GLU H 137 23.85 -42.49 -1.79
CA GLU H 137 24.54 -42.48 -3.07
C GLU H 137 25.54 -41.33 -3.17
N VAL H 138 25.21 -40.20 -2.55
CA VAL H 138 26.10 -39.05 -2.58
C VAL H 138 27.42 -39.40 -1.93
N PHE H 139 27.37 -39.91 -0.70
CA PHE H 139 28.58 -40.27 0.02
C PHE H 139 29.33 -41.42 -0.65
N LYS H 140 28.59 -42.37 -1.20
CA LYS H 140 29.18 -43.52 -1.87
C LYS H 140 30.06 -43.09 -3.04
N LYS H 141 29.65 -42.01 -3.70
CA LYS H 141 30.38 -41.48 -4.84
C LYS H 141 31.54 -40.62 -4.36
N ALA H 142 31.56 -40.33 -3.07
CA ALA H 142 32.61 -39.53 -2.47
C ALA H 142 33.51 -40.45 -1.67
N GLY H 143 33.09 -41.70 -1.54
CA GLY H 143 33.86 -42.70 -0.81
C GLY H 143 33.82 -42.50 0.69
N THR H 144 32.93 -41.64 1.17
CA THR H 144 32.83 -41.37 2.60
C THR H 144 31.54 -41.95 3.20
N TYR H 145 30.93 -42.88 2.47
CA TYR H 145 29.68 -43.50 2.90
C TYR H 145 29.81 -44.51 4.04
N ASP H 146 29.48 -44.06 5.25
CA ASP H 146 29.49 -44.93 6.42
C ASP H 146 28.02 -45.17 6.74
N PRO H 147 27.48 -46.35 6.40
CA PRO H 147 26.07 -46.69 6.64
C PRO H 147 25.66 -46.73 8.11
N LYS H 148 26.45 -46.10 8.97
CA LYS H 148 26.14 -46.09 10.39
C LYS H 148 26.06 -44.66 10.93
N ARG H 149 26.33 -43.69 10.06
CA ARG H 149 26.30 -42.29 10.44
C ARG H 149 25.24 -41.50 9.69
N LEU H 150 24.38 -42.22 8.99
CA LEU H 150 23.29 -41.61 8.21
C LEU H 150 21.94 -42.06 8.77
N LEU H 151 21.20 -41.13 9.36
CA LEU H 151 19.91 -41.49 9.92
C LEU H 151 18.74 -40.61 9.50
N GLY H 152 17.68 -41.25 9.03
CA GLY H 152 16.50 -40.54 8.63
C GLY H 152 15.68 -40.34 9.88
N VAL H 153 15.41 -39.08 10.22
CA VAL H 153 14.64 -38.78 11.41
C VAL H 153 13.16 -39.07 11.23
N THR H 154 12.69 -40.16 11.82
CA THR H 154 11.29 -40.54 11.75
C THR H 154 10.65 -40.38 13.12
N MET H 155 11.41 -39.84 14.06
CA MET H 155 10.92 -39.68 15.43
C MET H 155 9.53 -39.10 15.55
N LEU H 156 9.20 -38.12 14.72
CA LEU H 156 7.87 -37.50 14.79
C LEU H 156 6.77 -38.54 14.65
N ASP H 157 7.03 -39.60 13.89
CA ASP H 157 6.04 -40.65 13.75
C ASP H 157 5.90 -41.34 15.10
N VAL H 158 7.03 -41.50 15.79
CA VAL H 158 7.02 -42.15 17.09
C VAL H 158 6.30 -41.27 18.08
N VAL H 159 6.64 -39.99 18.11
CA VAL H 159 6.00 -39.02 18.99
C VAL H 159 4.48 -39.02 18.80
N ARG H 160 4.03 -38.95 17.56
CA ARG H 160 2.59 -38.96 17.30
C ARG H 160 1.97 -40.25 17.80
N ALA H 161 2.58 -41.37 17.44
CA ALA H 161 2.10 -42.69 17.85
C ALA H 161 1.92 -42.75 19.36
N ASN H 162 2.95 -42.35 20.10
CA ASN H 162 2.89 -42.35 21.54
C ASN H 162 1.74 -41.51 22.01
N THR H 163 1.61 -40.32 21.41
CA THR H 163 0.55 -39.42 21.78
C THR H 163 -0.83 -39.98 21.47
N PHE H 164 -1.01 -40.49 20.26
CA PHE H 164 -2.32 -41.02 19.89
C PHE H 164 -2.67 -42.33 20.60
N VAL H 165 -1.69 -43.19 20.81
CA VAL H 165 -1.98 -44.44 21.49
C VAL H 165 -2.35 -44.10 22.93
N ALA H 166 -1.66 -43.10 23.49
CA ALA H 166 -1.91 -42.66 24.85
C ALA H 166 -3.34 -42.10 25.00
N GLU H 167 -3.80 -41.36 24.00
CA GLU H 167 -5.15 -40.79 24.08
C GLU H 167 -6.17 -41.91 24.17
N VAL H 168 -6.03 -42.89 23.28
CA VAL H 168 -6.93 -44.04 23.22
C VAL H 168 -6.88 -44.87 24.51
N LEU H 169 -5.70 -45.00 25.09
CA LEU H 169 -5.55 -45.78 26.31
C LEU H 169 -5.83 -44.99 27.57
N GLY H 170 -6.10 -43.70 27.41
CA GLY H 170 -6.35 -42.87 28.57
C GLY H 170 -5.09 -42.73 29.40
N LEU H 171 -3.94 -42.91 28.76
CA LEU H 171 -2.67 -42.79 29.47
C LEU H 171 -1.96 -41.46 29.23
N ASP H 172 -0.86 -41.26 29.94
CA ASP H 172 -0.06 -40.06 29.78
C ASP H 172 0.99 -40.44 28.75
N PRO H 173 1.02 -39.73 27.61
CA PRO H 173 1.96 -39.98 26.51
C PRO H 173 3.40 -40.22 26.92
N ARG H 174 3.84 -39.58 28.01
CA ARG H 174 5.22 -39.77 28.48
C ARG H 174 5.47 -41.21 28.92
N ASP H 175 4.41 -41.87 29.37
CA ASP H 175 4.53 -43.25 29.83
C ASP H 175 4.23 -44.26 28.73
N VAL H 176 4.06 -43.77 27.50
CA VAL H 176 3.76 -44.65 26.37
C VAL H 176 4.88 -44.67 25.33
N ASP H 177 5.12 -45.84 24.75
CA ASP H 177 6.13 -45.98 23.72
C ASP H 177 5.59 -46.93 22.66
N VAL H 178 5.67 -46.51 21.41
CA VAL H 178 5.16 -47.30 20.31
C VAL H 178 6.20 -47.45 19.22
N PRO H 179 6.63 -48.70 18.95
CA PRO H 179 7.63 -48.79 17.88
C PRO H 179 6.96 -48.54 16.53
N VAL H 180 7.62 -47.77 15.68
CA VAL H 180 7.10 -47.45 14.37
C VAL H 180 8.20 -47.72 13.34
N VAL H 181 7.95 -48.68 12.45
CA VAL H 181 8.93 -49.06 11.45
C VAL H 181 8.44 -48.83 10.03
N GLY H 182 9.32 -49.09 9.08
CA GLY H 182 8.98 -48.93 7.68
C GLY H 182 9.55 -47.65 7.13
N GLY H 183 8.67 -46.74 6.71
CA GLY H 183 9.11 -45.48 6.15
C GLY H 183 8.60 -44.29 6.92
N HIS H 184 8.56 -43.13 6.25
CA HIS H 184 8.13 -41.89 6.88
C HIS H 184 6.93 -41.20 6.20
N ALA H 185 6.26 -41.89 5.28
CA ALA H 185 5.12 -41.29 4.57
C ALA H 185 3.95 -42.25 4.36
N GLY H 186 2.75 -41.79 4.72
CA GLY H 186 1.55 -42.59 4.55
C GLY H 186 1.59 -44.05 4.98
N VAL H 187 1.16 -44.92 4.08
CA VAL H 187 1.12 -46.36 4.34
C VAL H 187 2.49 -46.98 4.56
N THR H 188 3.54 -46.19 4.40
CA THR H 188 4.88 -46.70 4.63
C THR H 188 5.16 -46.66 6.14
N ILE H 189 4.38 -45.84 6.85
CA ILE H 189 4.52 -45.69 8.29
C ILE H 189 3.74 -46.81 8.97
N LEU H 190 4.46 -47.73 9.58
CA LEU H 190 3.85 -48.89 10.22
C LEU H 190 3.99 -48.90 11.74
N PRO H 191 2.95 -48.48 12.47
CA PRO H 191 3.01 -48.47 13.94
C PRO H 191 2.76 -49.86 14.49
N LEU H 192 3.78 -50.48 15.07
CA LEU H 192 3.62 -51.80 15.63
C LEU H 192 2.90 -51.68 16.96
N LEU H 193 1.57 -51.58 16.87
CA LEU H 193 0.74 -51.43 18.06
C LEU H 193 0.73 -52.66 18.96
N SER H 194 1.14 -53.81 18.43
CA SER H 194 1.18 -55.02 19.24
C SER H 194 2.36 -54.97 20.21
N GLN H 195 3.39 -54.20 19.85
CA GLN H 195 4.60 -54.05 20.67
C GLN H 195 4.59 -52.82 21.60
N VAL H 196 3.42 -52.22 21.77
CA VAL H 196 3.29 -51.03 22.62
C VAL H 196 3.59 -51.24 24.11
N LYS H 197 4.05 -50.16 24.74
CA LYS H 197 4.34 -50.14 26.17
C LYS H 197 3.52 -48.99 26.77
N PRO H 198 2.86 -49.24 27.91
CA PRO H 198 2.84 -50.52 28.62
C PRO H 198 1.97 -51.50 27.88
N PRO H 199 2.15 -52.81 28.16
CA PRO H 199 1.37 -53.88 27.51
C PRO H 199 -0.11 -53.54 27.51
N SER H 200 -0.71 -53.58 26.33
CA SER H 200 -2.12 -53.25 26.20
C SER H 200 -2.81 -54.05 25.11
N SER H 201 -4.13 -54.12 25.18
CA SER H 201 -4.90 -54.83 24.18
C SER H 201 -5.85 -53.83 23.53
N PHE H 202 -5.85 -53.80 22.20
CA PHE H 202 -6.70 -52.89 21.45
C PHE H 202 -7.75 -53.71 20.72
N THR H 203 -8.87 -53.08 20.38
CA THR H 203 -9.91 -53.76 19.63
C THR H 203 -9.51 -53.59 18.17
N GLN H 204 -10.04 -54.43 17.30
CA GLN H 204 -9.70 -54.35 15.88
C GLN H 204 -10.01 -52.94 15.35
N GLU H 205 -10.97 -52.29 15.99
CA GLU H 205 -11.39 -50.94 15.63
C GLU H 205 -10.31 -49.92 15.98
N GLU H 206 -9.86 -49.96 17.23
CA GLU H 206 -8.83 -49.04 17.72
C GLU H 206 -7.54 -49.18 16.92
N ILE H 207 -7.18 -50.41 16.58
CA ILE H 207 -5.98 -50.69 15.81
C ILE H 207 -6.03 -50.01 14.46
N SER H 208 -7.19 -50.08 13.83
CA SER H 208 -7.41 -49.49 12.53
C SER H 208 -7.40 -47.97 12.64
N TYR H 209 -8.07 -47.47 13.68
CA TYR H 209 -8.14 -46.04 13.92
C TYR H 209 -6.72 -45.50 14.13
N LEU H 210 -6.06 -46.01 15.16
CA LEU H 210 -4.70 -45.60 15.52
C LEU H 210 -3.73 -45.67 14.34
N THR H 211 -3.72 -46.79 13.63
CA THR H 211 -2.83 -46.95 12.51
C THR H 211 -3.07 -45.86 11.47
N ASP H 212 -4.33 -45.67 11.10
CA ASP H 212 -4.70 -44.67 10.12
C ASP H 212 -4.30 -43.28 10.59
N ARG H 213 -4.56 -42.99 11.87
CA ARG H 213 -4.23 -41.68 12.38
C ARG H 213 -2.74 -41.40 12.44
N ILE H 214 -1.96 -42.42 12.76
CA ILE H 214 -0.52 -42.25 12.85
C ILE H 214 0.06 -41.98 11.47
N GLN H 215 -0.47 -42.66 10.48
CA GLN H 215 0.00 -42.51 9.10
C GLN H 215 -0.42 -41.17 8.48
N ASN H 216 -1.51 -40.59 8.98
CA ASN H 216 -1.99 -39.33 8.45
C ASN H 216 -1.90 -38.22 9.48
N GLY H 217 -1.03 -38.39 10.45
CA GLY H 217 -0.87 -37.39 11.49
C GLY H 217 -0.52 -36.02 10.94
N GLY H 218 0.42 -36.00 9.99
CA GLY H 218 0.85 -34.74 9.39
C GLY H 218 -0.28 -33.95 8.77
N THR H 219 -1.09 -34.60 7.94
CA THR H 219 -2.18 -33.95 7.26
C THR H 219 -3.11 -33.27 8.26
N GLU H 220 -3.26 -33.87 9.44
CA GLU H 220 -4.11 -33.30 10.46
C GLU H 220 -3.69 -31.88 10.76
N VAL H 221 -2.38 -31.67 10.72
CA VAL H 221 -1.81 -30.36 10.98
C VAL H 221 -1.99 -29.47 9.76
N VAL H 222 -1.76 -30.03 8.58
CA VAL H 222 -1.93 -29.27 7.37
C VAL H 222 -3.37 -28.76 7.32
N GLU H 223 -4.28 -29.64 7.71
CA GLU H 223 -5.71 -29.35 7.72
C GLU H 223 -6.03 -28.19 8.68
N ALA H 224 -5.41 -28.19 9.85
CA ALA H 224 -5.66 -27.14 10.84
C ALA H 224 -5.03 -25.80 10.44
N LYS H 225 -4.14 -25.85 9.46
CA LYS H 225 -3.47 -24.66 8.98
C LYS H 225 -3.99 -24.27 7.61
N ALA H 226 -5.15 -24.81 7.25
CA ALA H 226 -5.77 -24.52 5.96
C ALA H 226 -4.81 -24.81 4.81
N GLY H 227 -4.09 -25.92 4.92
CA GLY H 227 -3.15 -26.32 3.90
C GLY H 227 -1.98 -25.40 3.60
N ALA H 228 -1.81 -24.35 4.40
CA ALA H 228 -0.73 -23.40 4.20
C ALA H 228 0.45 -23.65 5.13
N GLY H 229 0.92 -24.89 5.16
CA GLY H 229 2.04 -25.20 6.04
C GLY H 229 1.83 -26.48 6.80
N SER H 230 2.92 -27.17 7.12
CA SER H 230 2.81 -28.43 7.84
C SER H 230 3.36 -28.30 9.24
N ALA H 231 3.45 -29.42 9.97
CA ALA H 231 3.98 -29.40 11.32
C ALA H 231 5.38 -28.77 11.37
N THR H 232 5.62 -27.96 12.40
CA THR H 232 6.87 -27.26 12.58
C THR H 232 7.44 -27.46 13.98
N LEU H 233 6.63 -27.12 14.98
CA LEU H 233 7.02 -27.21 16.36
C LEU H 233 7.18 -28.67 16.78
N SER H 234 6.15 -29.48 16.55
CA SER H 234 6.22 -30.90 16.91
C SER H 234 7.40 -31.57 16.24
N MET H 235 7.75 -31.09 15.04
CA MET H 235 8.89 -31.65 14.30
C MET H 235 10.20 -31.18 14.92
N ALA H 236 10.23 -29.92 15.35
CA ALA H 236 11.41 -29.38 15.95
C ALA H 236 11.65 -30.22 17.20
N TYR H 237 10.59 -30.35 18.00
CA TYR H 237 10.63 -31.13 19.24
C TYR H 237 11.14 -32.55 19.01
N ALA H 238 10.51 -33.28 18.09
CA ALA H 238 10.92 -34.65 17.80
C ALA H 238 12.36 -34.71 17.29
N ALA H 239 12.76 -33.69 16.54
CA ALA H 239 14.12 -33.66 16.02
C ALA H 239 15.12 -33.49 17.17
N VAL H 240 14.85 -32.55 18.06
CA VAL H 240 15.72 -32.32 19.20
C VAL H 240 15.83 -33.59 20.03
N LYS H 241 14.69 -34.23 20.24
CA LYS H 241 14.64 -35.46 21.02
C LYS H 241 15.47 -36.56 20.36
N PHE H 242 15.41 -36.64 19.04
CA PHE H 242 16.21 -37.67 18.37
C PHE H 242 17.68 -37.26 18.44
N ALA H 243 17.96 -36.00 18.14
CA ALA H 243 19.31 -35.47 18.17
C ALA H 243 19.95 -35.76 19.52
N ASP H 244 19.25 -35.39 20.59
CA ASP H 244 19.75 -35.64 21.95
C ASP H 244 20.14 -37.09 22.15
N ALA H 245 19.40 -38.01 21.52
CA ALA H 245 19.68 -39.43 21.66
C ALA H 245 20.97 -39.80 20.94
N CYS H 246 21.24 -39.13 19.83
CA CYS H 246 22.44 -39.41 19.08
C CYS H 246 23.64 -38.94 19.88
N LEU H 247 23.49 -37.78 20.52
CA LEU H 247 24.56 -37.22 21.32
C LEU H 247 24.87 -38.13 22.50
N ARG H 248 23.85 -38.47 23.27
CA ARG H 248 24.06 -39.36 24.41
C ARG H 248 24.76 -40.62 23.87
N GLY H 249 24.39 -41.03 22.67
CA GLY H 249 25.03 -42.19 22.09
C GLY H 249 26.52 -41.89 21.97
N LEU H 250 26.82 -40.74 21.37
CA LEU H 250 28.20 -40.32 21.21
C LEU H 250 28.89 -40.24 22.57
N ARG H 251 28.17 -39.74 23.57
CA ARG H 251 28.73 -39.61 24.90
C ARG H 251 29.19 -40.94 25.49
N GLY H 252 28.64 -42.03 24.98
CA GLY H 252 29.01 -43.34 25.48
C GLY H 252 27.87 -44.05 26.19
N ASP H 253 26.83 -43.28 26.55
CA ASP H 253 25.67 -43.83 27.22
C ASP H 253 25.23 -45.13 26.55
N ALA H 254 24.68 -46.04 27.34
CA ALA H 254 24.23 -47.31 26.81
C ALA H 254 22.70 -47.40 26.84
N GLY H 255 22.17 -48.35 26.09
CA GLY H 255 20.74 -48.55 26.05
C GLY H 255 19.95 -47.56 25.20
N VAL H 256 20.64 -46.59 24.62
CA VAL H 256 19.99 -45.59 23.79
C VAL H 256 19.38 -46.26 22.55
N ILE H 257 18.08 -46.48 22.58
CA ILE H 257 17.39 -47.11 21.46
C ILE H 257 16.21 -46.26 20.96
N GLU H 258 16.27 -45.89 19.68
CA GLU H 258 15.22 -45.09 19.03
C GLU H 258 14.96 -45.60 17.62
N CYS H 259 13.75 -45.42 17.12
CA CYS H 259 13.44 -45.86 15.77
C CYS H 259 13.99 -44.82 14.81
N ALA H 260 14.44 -45.27 13.65
CA ALA H 260 14.98 -44.36 12.66
C ALA H 260 15.06 -45.03 11.31
N PHE H 261 15.04 -44.23 10.26
CA PHE H 261 15.12 -44.75 8.91
C PHE H 261 16.60 -44.82 8.54
N VAL H 262 17.15 -46.02 8.49
CA VAL H 262 18.56 -46.21 8.18
C VAL H 262 18.81 -47.34 7.20
N SER H 263 20.09 -47.53 6.91
CA SER H 263 20.53 -48.60 6.02
C SER H 263 20.39 -49.87 6.83
N SER H 264 19.48 -50.75 6.42
CA SER H 264 19.30 -51.99 7.14
C SER H 264 19.19 -53.17 6.19
N GLN H 265 19.29 -54.36 6.76
CA GLN H 265 19.19 -55.60 6.01
C GLN H 265 18.01 -56.33 6.62
N VAL H 266 17.24 -55.58 7.40
CA VAL H 266 16.05 -56.09 8.07
C VAL H 266 15.09 -56.68 7.05
N THR H 267 15.08 -56.13 5.86
CA THR H 267 14.22 -56.60 4.78
C THR H 267 15.01 -56.56 3.49
N GLU H 268 14.37 -56.89 2.38
CA GLU H 268 15.02 -56.90 1.08
C GLU H 268 15.27 -55.48 0.60
N LEU H 269 15.00 -54.52 1.48
CA LEU H 269 15.18 -53.11 1.16
C LEU H 269 16.43 -52.55 1.82
N PRO H 270 17.24 -51.79 1.05
CA PRO H 270 18.48 -51.18 1.51
C PRO H 270 18.32 -50.15 2.63
N PHE H 271 17.11 -49.63 2.79
CA PHE H 271 16.82 -48.66 3.85
C PHE H 271 15.47 -48.97 4.47
N PHE H 272 15.38 -48.83 5.78
CA PHE H 272 14.15 -49.14 6.47
C PHE H 272 14.19 -48.54 7.87
N ALA H 273 13.02 -48.41 8.49
CA ALA H 273 12.97 -47.86 9.83
C ALA H 273 12.72 -48.96 10.84
N SER H 274 13.45 -48.91 11.95
CA SER H 274 13.30 -49.91 13.00
C SER H 274 14.02 -49.36 14.21
N LYS H 275 14.01 -50.12 15.29
CA LYS H 275 14.71 -49.69 16.48
C LYS H 275 16.18 -49.83 16.15
N VAL H 276 16.98 -48.85 16.56
CA VAL H 276 18.43 -48.89 16.36
C VAL H 276 19.08 -48.35 17.62
N ARG H 277 20.16 -48.98 18.05
CA ARG H 277 20.85 -48.54 19.24
C ARG H 277 21.90 -47.52 18.80
N LEU H 278 21.97 -46.41 19.52
CA LEU H 278 22.92 -45.37 19.16
C LEU H 278 24.11 -45.33 20.12
N GLY H 279 25.32 -45.36 19.55
CA GLY H 279 26.51 -45.34 20.37
C GLY H 279 27.56 -44.32 19.98
N ARG H 280 28.81 -44.62 20.31
CA ARG H 280 29.94 -43.74 20.01
C ARG H 280 30.21 -43.59 18.52
N ASN H 281 29.85 -44.60 17.74
CA ASN H 281 30.07 -44.55 16.30
C ASN H 281 28.75 -44.46 15.56
N GLY H 282 27.70 -44.14 16.31
CA GLY H 282 26.37 -44.03 15.73
C GLY H 282 25.61 -45.33 15.85
N ILE H 283 25.16 -45.84 14.71
CA ILE H 283 24.41 -47.09 14.69
C ILE H 283 25.29 -48.25 15.15
N GLU H 284 25.04 -48.72 16.37
CA GLU H 284 25.78 -49.83 16.95
C GLU H 284 25.11 -51.14 16.55
N GLU H 285 23.81 -51.06 16.30
CA GLU H 285 23.04 -52.23 15.93
C GLU H 285 21.67 -51.89 15.35
N VAL H 286 21.25 -52.66 14.35
CA VAL H 286 19.96 -52.46 13.73
C VAL H 286 19.08 -53.66 14.06
N TYR H 287 18.12 -53.44 14.96
CA TYR H 287 17.21 -54.48 15.40
C TYR H 287 16.25 -54.97 14.31
N SER H 288 15.62 -56.10 14.57
CA SER H 288 14.66 -56.69 13.63
C SER H 288 13.26 -56.25 14.06
N LEU H 289 12.32 -56.27 13.13
CA LEU H 289 10.96 -55.84 13.43
C LEU H 289 10.36 -56.53 14.66
N GLY H 290 10.70 -57.80 14.85
CA GLY H 290 10.17 -58.53 16.00
C GLY H 290 8.86 -59.24 15.70
N PRO H 291 8.11 -59.65 16.74
CA PRO H 291 6.83 -60.35 16.58
C PRO H 291 5.70 -59.43 16.12
N LEU H 292 5.18 -59.74 14.93
CA LEU H 292 4.12 -58.97 14.30
C LEU H 292 2.85 -59.79 14.06
N ASN H 293 1.69 -59.19 14.27
CA ASN H 293 0.44 -59.90 14.04
C ASN H 293 0.06 -59.87 12.57
N GLU H 294 -1.04 -60.55 12.23
CA GLU H 294 -1.51 -60.63 10.86
C GLU H 294 -1.64 -59.24 10.24
N TYR H 295 -2.35 -58.36 10.95
CA TYR H 295 -2.57 -56.99 10.50
C TYR H 295 -1.26 -56.30 10.12
N GLU H 296 -0.31 -56.32 11.04
CA GLU H 296 0.99 -55.68 10.84
C GLU H 296 1.84 -56.31 9.72
N ARG H 297 1.76 -57.63 9.56
CA ARG H 297 2.54 -58.27 8.49
C ARG H 297 1.98 -57.87 7.14
N ILE H 298 0.67 -57.58 7.10
CA ILE H 298 0.00 -57.15 5.88
C ILE H 298 0.35 -55.68 5.64
N GLY H 299 0.51 -54.93 6.75
CA GLY H 299 0.87 -53.53 6.66
C GLY H 299 2.28 -53.44 6.13
N LEU H 300 3.16 -54.25 6.69
CA LEU H 300 4.55 -54.28 6.26
C LEU H 300 4.57 -54.58 4.76
N GLU H 301 3.71 -55.50 4.33
CA GLU H 301 3.60 -55.88 2.93
C GLU H 301 3.35 -54.65 2.08
N LYS H 302 2.37 -53.85 2.47
CA LYS H 302 2.03 -52.62 1.75
C LYS H 302 3.19 -51.63 1.82
N ALA H 303 3.74 -51.47 3.01
CA ALA H 303 4.85 -50.56 3.26
C ALA H 303 5.99 -50.83 2.28
N LYS H 304 6.50 -52.06 2.30
CA LYS H 304 7.60 -52.45 1.42
C LYS H 304 7.27 -52.07 -0.02
N LYS H 305 6.03 -52.31 -0.43
CA LYS H 305 5.61 -52.02 -1.79
C LYS H 305 5.88 -50.57 -2.18
N GLU H 306 5.26 -49.64 -1.46
CA GLU H 306 5.45 -48.22 -1.77
C GLU H 306 6.87 -47.76 -1.45
N LEU H 307 7.41 -48.25 -0.34
CA LEU H 307 8.75 -47.88 0.10
C LEU H 307 9.83 -48.16 -0.94
N ALA H 308 9.68 -49.28 -1.66
CA ALA H 308 10.64 -49.65 -2.68
C ALA H 308 10.75 -48.55 -3.72
N GLY H 309 9.59 -48.07 -4.19
CA GLY H 309 9.56 -47.02 -5.18
C GLY H 309 10.22 -45.75 -4.71
N SER H 310 9.89 -45.33 -3.49
CA SER H 310 10.46 -44.12 -2.91
C SER H 310 11.98 -44.20 -2.86
N ILE H 311 12.51 -45.32 -2.41
CA ILE H 311 13.96 -45.53 -2.32
C ILE H 311 14.63 -45.44 -3.69
N GLU H 312 14.12 -46.20 -4.65
CA GLU H 312 14.68 -46.19 -5.99
C GLU H 312 14.59 -44.77 -6.54
N LYS H 313 13.48 -44.10 -6.27
CA LYS H 313 13.28 -42.73 -6.75
C LYS H 313 14.42 -41.83 -6.33
N GLY H 314 14.96 -42.08 -5.15
CA GLY H 314 16.05 -41.27 -4.64
C GLY H 314 17.41 -41.82 -5.07
N VAL H 315 17.56 -43.13 -5.01
CA VAL H 315 18.80 -43.80 -5.40
C VAL H 315 18.96 -43.66 -6.92
N SER H 316 18.01 -42.99 -7.54
CA SER H 316 18.02 -42.75 -8.98
C SER H 316 18.40 -41.31 -9.25
N PHE H 317 17.71 -40.40 -8.59
CA PHE H 317 17.96 -38.97 -8.74
C PHE H 317 19.45 -38.63 -8.76
N ILE H 318 20.27 -39.40 -8.05
CA ILE H 318 21.70 -39.15 -7.99
C ILE H 318 22.50 -39.93 -9.03
N ARG H 319 22.25 -41.24 -9.12
CA ARG H 319 22.97 -42.07 -10.08
C ARG H 319 22.93 -41.47 -11.49
N SER H 320 21.81 -40.82 -11.82
CA SER H 320 21.63 -40.20 -13.13
C SER H 320 22.24 -38.80 -13.20
C1 CIT I . -34.00 27.75 1.25
O1 CIT I . -33.33 26.99 2.02
O2 CIT I . -35.03 27.40 0.79
C2 CIT I . -33.39 29.10 0.94
C3 CIT I . -34.28 30.02 0.04
O7 CIT I . -35.55 30.28 0.68
C4 CIT I . -33.60 31.41 -0.26
C5 CIT I . -33.35 32.18 1.07
O3 CIT I . -34.18 32.80 1.76
O4 CIT I . -32.07 32.11 1.35
C6 CIT I . -34.75 29.59 -1.39
O5 CIT I . -35.81 29.79 -1.97
O6 CIT I . -33.74 28.94 -1.83
#